data_6OL7
#
_entry.id   6OL7
#
_cell.length_a   51.583
_cell.length_b   107.937
_cell.length_c   116.961
_cell.angle_alpha   85.49
_cell.angle_beta   80.28
_cell.angle_gamma   84.17
#
_symmetry.space_group_name_H-M   'P 1'
#
loop_
_entity.id
_entity.type
_entity.pdbx_description
1 polymer 'iv8 Heavy Chain'
2 polymer 'glVRC01 Light Chain'
3 polymer 'glVRC01 Heavy Chain'
4 polymer 'iv8 Light Chain'
5 non-polymer 1,2-ETHANEDIOL
6 non-polymer DI(HYDROXYETHYL)ETHER
7 non-polymer 'CHLORIDE ION'
8 water water
#
loop_
_entity_poly.entity_id
_entity_poly.type
_entity_poly.pdbx_seq_one_letter_code
_entity_poly.pdbx_strand_id
1 'polypeptide(L)'
;GGSEVKLVESGGDFVKPGGSLKLSCAASGFTFSNSAMSWVRQTPEKRLEWVATINNNGGYTHYPDTLKDRFTISRDNVKN
TLYLQMSSLRSEDTALYYCTRQTYWYLDVWGAGTTVTVSSGSGSGHHHHHH
;
A,E,K,P
2 'polypeptide(L)'
;EIVLTQSPATLSLSPGERATLSCRASQSVSSYLAWYQQKPGQAPRLLIYDASNRATGIPARFSGSGSGTDFTLTISSLEP
EDFAVYYCQQYEFFGQGTKLEIGGGGSGGGG
;
B,F,L,N
3 'polypeptide(L)'
;SGGGGSQVQLVQSGAEVKKPGASVKVSCKASGYTFTGYYMHWVRQAPGQGLEWMGWINPNSGGTNYAQKFQGRVTMTRDT
SISTAYMELSRLRSDDTAVYYCARGKNSDYNWDFQHWGQGTLVTVGGLVPRGSHHHHHHHH
;
C,H,I,M
4 'polypeptide(L)'
;DVVMSQSPSSLTVSLGEKVTMTCKSSQSLLYSGNQKNYLAWYQQKPGQSPKLLIYWASTRESGVPDRFTGSGSGTDFTLI
ISSVKAEDLAVYYCQQFYFYPWTFGGGTKLEIKGGGGSGGGGSGG
;
D,J,O,Q
#
# COMPACT_ATOMS: atom_id res chain seq x y z
N GLU A 4 -4.93 -5.81 48.58
CA GLU A 4 -5.94 -6.68 47.91
C GLU A 4 -5.28 -7.60 46.90
N VAL A 5 -4.19 -7.13 46.29
CA VAL A 5 -3.42 -7.98 45.38
C VAL A 5 -2.73 -9.05 46.19
N LYS A 6 -2.86 -10.31 45.76
CA LYS A 6 -2.51 -11.42 46.61
C LYS A 6 -2.17 -12.65 45.78
N LEU A 7 -1.23 -13.44 46.29
CA LEU A 7 -0.86 -14.72 45.71
C LEU A 7 -0.66 -15.71 46.85
N VAL A 8 -1.29 -16.89 46.72
CA VAL A 8 -1.25 -17.91 47.78
C VAL A 8 -0.86 -19.24 47.12
N GLU A 9 0.36 -19.69 47.38
CA GLU A 9 0.83 -20.95 46.85
C GLU A 9 0.39 -22.11 47.76
N SER A 10 0.37 -23.30 47.18
CA SER A 10 0.04 -24.52 47.93
C SER A 10 0.51 -25.71 47.12
N GLY A 11 0.57 -26.86 47.77
CA GLY A 11 0.98 -28.11 47.15
C GLY A 11 2.33 -28.61 47.60
N GLY A 12 3.14 -27.75 48.21
CA GLY A 12 4.43 -28.17 48.73
C GLY A 12 4.28 -29.36 49.67
N ASP A 13 5.31 -30.21 49.73
CA ASP A 13 5.24 -31.41 50.55
C ASP A 13 6.60 -32.07 50.54
N PHE A 14 6.80 -32.98 51.50
CA PHE A 14 8.00 -33.80 51.53
C PHE A 14 7.86 -34.92 50.50
N VAL A 15 8.94 -35.16 49.75
CA VAL A 15 8.92 -36.13 48.67
C VAL A 15 10.28 -36.81 48.58
N LYS A 16 10.28 -38.02 48.04
CA LYS A 16 11.51 -38.76 47.86
C LYS A 16 12.15 -38.41 46.52
N PRO A 17 13.48 -38.49 46.42
CA PRO A 17 14.13 -38.29 45.12
C PRO A 17 13.43 -39.10 44.03
N GLY A 18 13.23 -38.46 42.88
CA GLY A 18 12.52 -39.08 41.78
C GLY A 18 11.02 -38.91 41.84
N GLY A 19 10.48 -38.32 42.91
CA GLY A 19 9.06 -38.10 43.03
C GLY A 19 8.59 -36.94 42.18
N SER A 20 7.30 -36.65 42.31
CA SER A 20 6.65 -35.61 41.51
C SER A 20 5.72 -34.80 42.39
N LEU A 21 5.46 -33.57 41.95
CA LEU A 21 4.54 -32.67 42.64
C LEU A 21 3.98 -31.70 41.62
N LYS A 22 2.81 -31.15 41.96
CA LYS A 22 2.20 -30.08 41.17
C LYS A 22 1.81 -28.97 42.13
N LEU A 23 2.52 -27.85 42.07
CA LEU A 23 2.21 -26.72 42.93
C LEU A 23 1.06 -25.92 42.36
N SER A 24 0.34 -25.23 43.24
CA SER A 24 -0.81 -24.41 42.86
C SER A 24 -0.66 -23.02 43.47
N CYS A 25 -1.14 -22.03 42.74
CA CYS A 25 -1.10 -20.64 43.18
C CYS A 25 -2.43 -19.99 42.85
N ALA A 26 -3.11 -19.48 43.89
CA ALA A 26 -4.37 -18.78 43.73
C ALA A 26 -4.11 -17.28 43.68
N ALA A 27 -4.52 -16.64 42.59
CA ALA A 27 -4.31 -15.21 42.39
C ALA A 27 -5.62 -14.46 42.57
N SER A 28 -5.54 -13.30 43.21
CA SER A 28 -6.70 -12.46 43.43
C SER A 28 -6.27 -11.01 43.50
N GLY A 29 -7.24 -10.10 43.44
CA GLY A 29 -6.98 -8.68 43.57
C GLY A 29 -6.58 -7.98 42.30
N PHE A 30 -6.44 -8.71 41.19
CA PHE A 30 -6.09 -8.11 39.91
C PHE A 30 -6.61 -9.02 38.81
N THR A 31 -6.55 -8.51 37.57
CA THR A 31 -6.97 -9.29 36.41
C THR A 31 -5.87 -10.29 36.08
N PHE A 32 -6.03 -11.52 36.59
CA PHE A 32 -5.00 -12.53 36.43
C PHE A 32 -4.69 -12.82 34.98
N SER A 33 -5.69 -12.74 34.11
CA SER A 33 -5.55 -13.16 32.72
C SER A 33 -4.82 -12.16 31.84
N ASN A 34 -4.36 -11.04 32.39
CA ASN A 34 -3.68 -10.01 31.60
C ASN A 34 -2.20 -9.88 31.89
N SER A 35 -1.68 -10.57 32.90
CA SER A 35 -0.28 -10.44 33.28
C SER A 35 0.42 -11.78 33.17
N ALA A 36 1.71 -11.73 32.85
CA ALA A 36 2.55 -12.91 32.88
C ALA A 36 2.93 -13.26 34.32
N MET A 37 3.26 -14.53 34.53
CA MET A 37 3.58 -15.05 35.85
C MET A 37 4.86 -15.87 35.78
N SER A 38 5.55 -15.96 36.91
CA SER A 38 6.75 -16.77 37.01
C SER A 38 6.77 -17.51 38.33
N TRP A 39 7.61 -18.53 38.39
CA TRP A 39 7.91 -19.25 39.63
C TRP A 39 9.36 -18.99 39.99
N VAL A 40 9.59 -18.63 41.25
CA VAL A 40 10.94 -18.40 41.78
C VAL A 40 11.06 -19.18 43.09
N ARG A 41 12.12 -19.97 43.22
CA ARG A 41 12.36 -20.74 44.42
C ARG A 41 13.52 -20.17 45.19
N GLN A 42 13.51 -20.38 46.51
CA GLN A 42 14.56 -19.91 47.40
C GLN A 42 15.10 -21.11 48.16
N THR A 43 16.37 -21.44 47.92
CA THR A 43 16.98 -22.62 48.53
C THR A 43 17.13 -22.41 50.03
N PRO A 44 17.37 -23.48 50.78
CA PRO A 44 17.60 -23.34 52.22
C PRO A 44 18.71 -22.37 52.55
N GLU A 45 19.71 -22.24 51.67
CA GLU A 45 20.79 -21.28 51.85
C GLU A 45 20.37 -19.85 51.51
N LYS A 46 19.11 -19.66 51.10
CA LYS A 46 18.52 -18.35 50.81
C LYS A 46 18.93 -17.80 49.46
N ARG A 47 19.37 -18.65 48.54
CA ARG A 47 19.65 -18.22 47.18
C ARG A 47 18.36 -18.24 46.37
N LEU A 48 18.18 -17.22 45.52
CA LEU A 48 17.00 -17.10 44.68
C LEU A 48 17.31 -17.58 43.27
N GLU A 49 16.40 -18.37 42.71
CA GLU A 49 16.58 -18.95 41.38
C GLU A 49 15.26 -18.89 40.63
N TRP A 50 15.22 -18.14 39.53
CA TRP A 50 14.06 -18.14 38.67
C TRP A 50 13.89 -19.51 38.04
N VAL A 51 12.65 -20.01 38.05
CA VAL A 51 12.34 -21.38 37.67
C VAL A 51 11.57 -21.46 36.36
N ALA A 52 10.54 -20.62 36.20
CA ALA A 52 9.70 -20.72 35.02
C ALA A 52 8.93 -19.42 34.82
N THR A 53 8.54 -19.19 33.57
CA THR A 53 7.71 -18.06 33.21
C THR A 53 6.64 -18.50 32.23
N ILE A 54 5.51 -17.81 32.27
CA ILE A 54 4.39 -18.06 31.36
C ILE A 54 3.71 -16.72 31.10
N ASN A 55 3.28 -16.51 29.86
CA ASN A 55 2.64 -15.26 29.51
C ASN A 55 1.16 -15.33 29.84
N ASN A 56 0.43 -14.23 29.56
CA ASN A 56 -0.97 -14.15 29.94
C ASN A 56 -1.80 -15.26 29.33
N ASN A 57 -1.47 -15.70 28.12
CA ASN A 57 -2.27 -16.66 27.37
C ASN A 57 -1.88 -18.12 27.63
N GLY A 58 -0.71 -18.36 28.22
CA GLY A 58 -0.16 -19.69 28.25
C GLY A 58 0.47 -20.13 26.95
N GLY A 59 0.47 -19.29 25.92
CA GLY A 59 1.08 -19.64 24.65
C GLY A 59 2.59 -19.57 24.64
N TYR A 60 3.19 -18.89 25.62
CA TYR A 60 4.63 -18.82 25.75
C TYR A 60 5.06 -19.30 27.13
N THR A 61 6.14 -20.08 27.17
CA THR A 61 6.74 -20.54 28.40
C THR A 61 8.25 -20.58 28.22
N HIS A 62 8.97 -20.51 29.35
CA HIS A 62 10.41 -20.63 29.30
C HIS A 62 10.92 -21.05 30.66
N TYR A 63 12.02 -21.78 30.67
CA TYR A 63 12.67 -22.26 31.88
C TYR A 63 14.18 -22.15 31.67
N PRO A 64 14.99 -22.24 32.72
CA PRO A 64 16.41 -22.55 32.52
C PRO A 64 16.57 -23.96 31.98
N ASP A 65 17.57 -24.14 31.12
CA ASP A 65 17.74 -25.40 30.41
C ASP A 65 17.82 -26.58 31.37
N THR A 66 18.34 -26.36 32.58
CA THR A 66 18.50 -27.46 33.54
C THR A 66 17.18 -27.92 34.12
N LEU A 67 16.14 -27.09 34.09
CA LEU A 67 14.82 -27.46 34.58
C LEU A 67 13.82 -27.64 33.45
N LYS A 68 14.27 -27.58 32.19
CA LYS A 68 13.36 -27.64 31.06
C LYS A 68 12.61 -28.97 31.00
N ASP A 69 13.32 -30.07 31.28
CA ASP A 69 12.74 -31.39 31.08
C ASP A 69 11.92 -31.89 32.25
N ARG A 70 12.03 -31.26 33.43
CA ARG A 70 11.37 -31.73 34.63
C ARG A 70 10.29 -30.80 35.15
N PHE A 71 10.27 -29.55 34.72
CA PHE A 71 9.33 -28.55 35.22
C PHE A 71 8.40 -28.12 34.09
N THR A 72 7.14 -27.88 34.43
CA THR A 72 6.14 -27.43 33.47
C THR A 72 5.21 -26.45 34.15
N ILE A 73 5.21 -25.21 33.68
CA ILE A 73 4.32 -24.18 34.20
C ILE A 73 3.07 -24.14 33.35
N SER A 74 1.93 -23.89 34.00
CA SER A 74 0.65 -23.77 33.30
C SER A 74 -0.27 -22.91 34.14
N ARG A 75 -1.37 -22.47 33.53
CA ARG A 75 -2.30 -21.58 34.21
C ARG A 75 -3.72 -21.90 33.78
N ASP A 76 -4.67 -21.51 34.63
CA ASP A 76 -6.11 -21.64 34.36
C ASP A 76 -6.73 -20.28 34.60
N ASN A 77 -6.95 -19.51 33.52
CA ASN A 77 -7.47 -18.16 33.64
C ASN A 77 -8.94 -18.11 34.00
N VAL A 78 -9.63 -19.24 34.09
CA VAL A 78 -10.99 -19.26 34.63
C VAL A 78 -10.96 -19.35 36.15
N LYS A 79 -10.18 -20.28 36.70
CA LYS A 79 -10.01 -20.40 38.13
C LYS A 79 -9.02 -19.40 38.70
N ASN A 80 -8.35 -18.61 37.84
CA ASN A 80 -7.33 -17.66 38.28
C ASN A 80 -6.26 -18.38 39.10
N THR A 81 -5.69 -19.43 38.50
CA THR A 81 -4.74 -20.30 39.17
C THR A 81 -3.50 -20.49 38.31
N LEU A 82 -2.34 -20.52 38.95
CA LEU A 82 -1.07 -20.82 38.30
C LEU A 82 -0.54 -22.13 38.87
N TYR A 83 0.12 -22.93 38.03
CA TYR A 83 0.57 -24.26 38.40
C TYR A 83 2.04 -24.45 38.03
N LEU A 84 2.68 -25.38 38.72
CA LEU A 84 4.05 -25.79 38.42
C LEU A 84 4.16 -27.30 38.64
N GLN A 85 4.21 -28.05 37.55
CA GLN A 85 4.39 -29.49 37.63
C GLN A 85 5.87 -29.82 37.75
N MET A 86 6.22 -30.65 38.73
CA MET A 86 7.59 -31.03 38.99
C MET A 86 7.69 -32.55 38.98
N SER A 87 8.70 -33.08 38.30
CA SER A 87 8.88 -34.53 38.19
C SER A 87 10.36 -34.85 38.28
N SER A 88 10.65 -36.11 38.61
CA SER A 88 12.03 -36.58 38.79
C SER A 88 12.79 -35.66 39.74
N LEU A 89 12.12 -35.29 40.83
CA LEU A 89 12.68 -34.31 41.76
C LEU A 89 14.04 -34.76 42.27
N ARG A 90 14.93 -33.80 42.45
CA ARG A 90 16.27 -34.03 42.96
C ARG A 90 16.45 -33.28 44.28
N SER A 91 17.54 -33.60 44.98
CA SER A 91 17.82 -32.92 46.24
C SER A 91 18.02 -31.41 46.03
N GLU A 92 18.56 -31.01 44.88
CA GLU A 92 18.75 -29.59 44.60
C GLU A 92 17.42 -28.85 44.50
N ASP A 93 16.32 -29.57 44.26
CA ASP A 93 15.02 -28.91 44.13
C ASP A 93 14.44 -28.48 45.47
N THR A 94 15.05 -28.87 46.58
CA THR A 94 14.60 -28.43 47.90
C THR A 94 14.68 -26.91 47.97
N ALA A 95 13.55 -26.27 48.28
CA ALA A 95 13.48 -24.82 48.33
C ALA A 95 12.06 -24.39 48.63
N LEU A 96 11.91 -23.11 48.97
CA LEU A 96 10.60 -22.48 49.10
C LEU A 96 10.23 -21.87 47.75
N TYR A 97 9.12 -22.31 47.19
CA TYR A 97 8.74 -21.98 45.82
C TYR A 97 7.73 -20.83 45.83
N TYR A 98 8.12 -19.69 45.25
CA TYR A 98 7.31 -18.50 45.25
C TYR A 98 6.54 -18.36 43.94
N CYS A 99 5.30 -17.90 44.05
CA CYS A 99 4.48 -17.55 42.90
C CYS A 99 4.52 -16.03 42.74
N THR A 100 4.98 -15.57 41.59
CA THR A 100 5.22 -14.15 41.36
C THR A 100 4.44 -13.65 40.15
N ARG A 101 3.97 -12.41 40.23
CA ARG A 101 3.35 -11.74 39.10
C ARG A 101 4.40 -10.90 38.38
N GLN A 102 4.32 -10.87 37.06
CA GLN A 102 5.24 -10.10 36.24
C GLN A 102 4.54 -8.85 35.73
N THR A 103 5.16 -7.70 35.94
CA THR A 103 4.90 -6.49 35.17
C THR A 103 6.12 -6.30 34.27
N TYR A 104 5.89 -6.35 32.96
CA TYR A 104 6.99 -6.50 32.01
C TYR A 104 7.76 -7.78 32.34
N TRP A 105 8.93 -7.64 32.98
CA TRP A 105 9.71 -8.83 33.31
C TRP A 105 10.38 -8.73 34.68
N TYR A 106 9.92 -7.82 35.53
CA TYR A 106 10.28 -7.81 36.93
C TYR A 106 9.09 -8.30 37.75
N LEU A 107 9.37 -8.75 38.97
CA LEU A 107 8.39 -9.45 39.80
C LEU A 107 7.90 -8.49 40.88
N ASP A 108 6.71 -7.94 40.68
CA ASP A 108 6.17 -6.90 41.56
C ASP A 108 5.19 -7.44 42.59
N VAL A 109 4.85 -8.73 42.55
CA VAL A 109 3.99 -9.34 43.55
C VAL A 109 4.53 -10.74 43.84
N TRP A 110 4.75 -11.03 45.11
CA TRP A 110 5.24 -12.34 45.54
C TRP A 110 4.27 -12.93 46.56
N GLY A 111 4.09 -14.25 46.50
CA GLY A 111 3.32 -14.95 47.49
C GLY A 111 4.17 -15.36 48.68
N ALA A 112 3.50 -15.89 49.71
CA ALA A 112 4.21 -16.36 50.89
C ALA A 112 5.08 -17.57 50.55
N GLY A 113 4.68 -18.36 49.57
CA GLY A 113 5.43 -19.51 49.12
C GLY A 113 4.91 -20.81 49.74
N THR A 114 5.39 -21.91 49.17
CA THR A 114 5.12 -23.24 49.68
C THR A 114 6.40 -24.05 49.58
N THR A 115 6.60 -24.95 50.54
CA THR A 115 7.87 -25.62 50.72
C THR A 115 7.87 -26.98 50.06
N VAL A 116 8.87 -27.24 49.22
CA VAL A 116 9.13 -28.55 48.64
C VAL A 116 10.44 -29.04 49.21
N THR A 117 10.39 -30.13 49.98
CA THR A 117 11.57 -30.74 50.58
C THR A 117 11.79 -32.11 49.96
N VAL A 118 12.93 -32.28 49.32
CA VAL A 118 13.31 -33.54 48.68
C VAL A 118 14.44 -34.17 49.49
N SER A 119 14.22 -35.37 49.99
CA SER A 119 15.23 -36.07 50.76
C SER A 119 14.82 -37.53 50.91
N SER A 120 15.80 -38.39 51.14
CA SER A 120 15.58 -39.83 51.31
C SER A 120 14.29 -40.16 52.04
N GLU B 1 -12.13 20.97 -35.77
CA GLU B 1 -10.93 21.38 -34.98
C GLU B 1 -11.22 21.34 -33.49
N ILE B 2 -10.29 20.80 -32.72
CA ILE B 2 -10.32 20.87 -31.26
C ILE B 2 -9.42 22.02 -30.86
N VAL B 3 -10.02 23.10 -30.37
CA VAL B 3 -9.27 24.25 -29.88
C VAL B 3 -9.01 24.04 -28.40
N LEU B 4 -7.74 23.89 -28.04
CA LEU B 4 -7.33 23.68 -26.65
C LEU B 4 -6.87 25.01 -26.09
N THR B 5 -7.64 25.56 -25.15
CA THR B 5 -7.37 26.85 -24.53
C THR B 5 -6.66 26.61 -23.20
N GLN B 6 -5.39 26.99 -23.14
CA GLN B 6 -4.61 26.89 -21.92
C GLN B 6 -4.56 28.23 -21.21
N SER B 7 -4.70 28.19 -19.89
CA SER B 7 -4.62 29.39 -19.06
C SER B 7 -4.01 29.00 -17.72
N PRO B 8 -3.19 29.87 -17.12
CA PRO B 8 -2.78 31.18 -17.64
C PRO B 8 -1.71 31.06 -18.73
N ALA B 9 -1.65 32.03 -19.63
CA ALA B 9 -0.61 32.03 -20.66
C ALA B 9 0.78 32.09 -20.02
N THR B 10 0.91 32.82 -18.91
CA THR B 10 2.16 32.94 -18.19
C THR B 10 1.90 32.83 -16.70
N LEU B 11 2.89 32.32 -15.97
CA LEU B 11 2.77 32.16 -14.53
C LEU B 11 4.16 32.15 -13.93
N SER B 12 4.34 32.93 -12.86
CA SER B 12 5.62 33.00 -12.16
C SER B 12 5.36 32.70 -10.69
N LEU B 13 6.02 31.67 -10.16
CA LEU B 13 5.84 31.24 -8.79
C LEU B 13 7.20 30.95 -8.19
N SER B 14 7.24 30.82 -6.87
CA SER B 14 8.46 30.51 -6.15
C SER B 14 8.51 29.03 -5.78
N PRO B 15 9.71 28.47 -5.59
CA PRO B 15 9.80 27.06 -5.21
C PRO B 15 8.94 26.77 -3.99
N GLY B 16 8.41 25.55 -3.93
CA GLY B 16 7.56 25.12 -2.85
C GLY B 16 6.09 25.44 -3.03
N GLU B 17 5.75 26.32 -3.96
CA GLU B 17 4.35 26.63 -4.25
C GLU B 17 3.76 25.58 -5.18
N ARG B 18 2.44 25.68 -5.38
CA ARG B 18 1.71 24.79 -6.27
C ARG B 18 1.23 25.55 -7.49
N ALA B 19 1.41 24.97 -8.66
CA ALA B 19 0.95 25.54 -9.92
C ALA B 19 -0.21 24.71 -10.45
N THR B 20 -1.31 25.38 -10.79
CA THR B 20 -2.49 24.74 -11.35
C THR B 20 -2.68 25.27 -12.76
N LEU B 21 -2.36 24.44 -13.75
CA LEU B 21 -2.48 24.80 -15.16
C LEU B 21 -3.74 24.18 -15.74
N SER B 22 -4.47 24.97 -16.53
CA SER B 22 -5.73 24.55 -17.11
C SER B 22 -5.60 24.36 -18.61
N CYS B 23 -6.38 23.40 -19.13
CA CYS B 23 -6.48 23.13 -20.56
C CYS B 23 -7.92 22.72 -20.84
N ARG B 24 -8.61 23.50 -21.66
CA ARG B 24 -10.04 23.29 -21.90
C ARG B 24 -10.31 23.14 -23.39
N ALA B 25 -11.06 22.10 -23.74
CA ALA B 25 -11.32 21.77 -25.14
C ALA B 25 -12.61 22.44 -25.60
N SER B 26 -12.55 23.02 -26.81
CA SER B 26 -13.76 23.60 -27.40
C SER B 26 -14.79 22.52 -27.73
N GLN B 27 -14.33 21.32 -28.05
CA GLN B 27 -15.20 20.21 -28.40
C GLN B 27 -14.79 18.98 -27.60
N SER B 28 -15.78 18.29 -27.04
CA SER B 28 -15.54 17.06 -26.28
C SER B 28 -15.44 15.89 -27.25
N VAL B 29 -14.23 15.37 -27.42
CA VAL B 29 -13.96 14.32 -28.39
C VAL B 29 -13.26 13.15 -27.70
N SER B 30 -13.50 11.95 -28.22
CA SER B 30 -12.80 10.77 -27.73
C SER B 30 -11.33 10.85 -28.10
N SER B 31 -10.46 10.93 -27.10
CA SER B 31 -9.03 11.11 -27.31
C SER B 31 -8.32 10.91 -25.98
N TYR B 32 -7.00 10.83 -26.05
CA TYR B 32 -6.14 10.73 -24.88
C TYR B 32 -5.42 12.06 -24.70
N LEU B 33 -5.73 12.78 -23.61
CA LEU B 33 -5.13 14.08 -23.35
C LEU B 33 -3.69 13.91 -22.90
N ALA B 34 -2.75 14.53 -23.62
CA ALA B 34 -1.34 14.47 -23.29
C ALA B 34 -0.84 15.84 -22.86
N TRP B 35 0.05 15.87 -21.87
CA TRP B 35 0.75 17.08 -21.47
C TRP B 35 2.24 16.93 -21.81
N TYR B 36 2.86 18.06 -22.19
CA TYR B 36 4.28 18.08 -22.49
C TYR B 36 4.96 19.15 -21.65
N GLN B 37 6.25 18.93 -21.39
CA GLN B 37 7.10 19.90 -20.72
C GLN B 37 8.29 20.19 -21.62
N GLN B 38 8.46 21.46 -22.00
CA GLN B 38 9.56 21.89 -22.85
C GLN B 38 10.39 22.91 -22.09
N LYS B 39 11.59 22.51 -21.68
CA LYS B 39 12.50 23.42 -21.02
C LYS B 39 13.23 24.28 -22.05
N PRO B 40 13.83 25.39 -21.62
CA PRO B 40 14.47 26.29 -22.59
C PRO B 40 15.56 25.59 -23.38
N GLY B 41 15.48 25.70 -24.70
CA GLY B 41 16.49 25.18 -25.58
C GLY B 41 16.40 23.68 -25.86
N GLN B 42 15.38 23.01 -25.34
CA GLN B 42 15.23 21.57 -25.50
C GLN B 42 13.96 21.27 -26.29
N ALA B 43 13.86 20.03 -26.75
CA ALA B 43 12.64 19.55 -27.38
C ALA B 43 11.61 19.19 -26.31
N PRO B 44 10.33 19.20 -26.66
CA PRO B 44 9.31 18.83 -25.67
C PRO B 44 9.54 17.42 -25.13
N ARG B 45 9.14 17.22 -23.87
CA ARG B 45 9.19 15.93 -23.21
C ARG B 45 7.78 15.51 -22.83
N LEU B 46 7.42 14.27 -23.11
CA LEU B 46 6.11 13.76 -22.72
C LEU B 46 6.02 13.75 -21.20
N LEU B 47 5.03 14.45 -20.66
CA LEU B 47 4.85 14.60 -19.22
C LEU B 47 3.66 13.80 -18.69
N ILE B 48 2.50 13.95 -19.31
CA ILE B 48 1.30 13.19 -18.95
C ILE B 48 0.69 12.63 -20.22
N TYR B 49 0.15 11.42 -20.13
CA TYR B 49 -0.60 10.81 -21.22
C TYR B 49 -1.88 10.23 -20.66
N ASP B 50 -2.91 10.18 -21.49
CA ASP B 50 -4.22 9.70 -21.09
C ASP B 50 -4.73 10.50 -19.88
N ALA B 51 -4.44 11.80 -19.88
CA ALA B 51 -5.02 12.76 -18.94
C ALA B 51 -4.38 12.71 -17.56
N SER B 52 -4.02 11.52 -17.08
CA SER B 52 -3.58 11.42 -15.69
C SER B 52 -2.52 10.35 -15.45
N ASN B 53 -1.82 9.88 -16.49
CA ASN B 53 -0.74 8.92 -16.33
C ASN B 53 0.59 9.62 -16.53
N ARG B 54 1.48 9.48 -15.55
CA ARG B 54 2.78 10.12 -15.62
C ARG B 54 3.66 9.40 -16.64
N ALA B 55 4.31 10.16 -17.51
CA ALA B 55 5.25 9.59 -18.46
C ALA B 55 6.49 9.06 -17.72
N THR B 56 7.32 8.35 -18.46
CA THR B 56 8.51 7.75 -17.88
C THR B 56 9.41 8.81 -17.26
N GLY B 57 9.80 8.58 -15.99
CA GLY B 57 10.71 9.47 -15.31
C GLY B 57 10.11 10.73 -14.75
N ILE B 58 8.80 10.84 -14.70
CA ILE B 58 8.12 12.05 -14.23
C ILE B 58 7.80 11.88 -12.76
N PRO B 59 8.30 12.73 -11.87
CA PRO B 59 8.10 12.51 -10.43
C PRO B 59 6.64 12.74 -10.04
N ALA B 60 6.35 12.39 -8.78
CA ALA B 60 4.97 12.33 -8.32
C ALA B 60 4.35 13.70 -8.13
N ARG B 61 5.14 14.76 -7.97
CA ARG B 61 4.57 16.08 -7.76
C ARG B 61 3.80 16.57 -9.00
N PHE B 62 4.02 15.96 -10.16
CA PHE B 62 3.24 16.27 -11.35
C PHE B 62 1.98 15.41 -11.35
N SER B 63 0.83 16.05 -11.42
CA SER B 63 -0.46 15.37 -11.34
C SER B 63 -1.40 15.93 -12.39
N GLY B 64 -1.98 15.05 -13.19
CA GLY B 64 -2.94 15.43 -14.22
C GLY B 64 -4.32 14.88 -13.89
N SER B 65 -5.35 15.67 -14.20
CA SER B 65 -6.73 15.23 -14.03
C SER B 65 -7.58 15.84 -15.14
N GLY B 66 -8.75 15.25 -15.35
CA GLY B 66 -9.64 15.71 -16.40
C GLY B 66 -11.08 15.42 -16.05
N SER B 67 -11.97 16.29 -16.51
CA SER B 67 -13.41 16.12 -16.30
C SER B 67 -14.11 16.69 -17.53
N GLY B 68 -14.60 15.83 -18.40
CA GLY B 68 -15.23 16.28 -19.64
C GLY B 68 -14.25 17.01 -20.54
N THR B 69 -14.46 18.31 -20.69
CA THR B 69 -13.57 19.15 -21.49
C THR B 69 -12.56 19.92 -20.65
N ASP B 70 -12.64 19.82 -19.32
CA ASP B 70 -11.76 20.57 -18.43
C ASP B 70 -10.64 19.67 -17.94
N PHE B 71 -9.39 20.06 -18.22
CA PHE B 71 -8.22 19.31 -17.80
C PHE B 71 -7.33 20.20 -16.94
N THR B 72 -6.63 19.58 -15.99
CA THR B 72 -5.80 20.32 -15.06
C THR B 72 -4.48 19.58 -14.87
N LEU B 73 -3.38 20.33 -14.95
CA LEU B 73 -2.06 19.84 -14.58
C LEU B 73 -1.64 20.57 -13.31
N THR B 74 -1.44 19.82 -12.23
CA THR B 74 -1.07 20.38 -10.94
C THR B 74 0.35 19.97 -10.61
N ILE B 75 1.22 20.97 -10.41
CA ILE B 75 2.61 20.74 -10.05
C ILE B 75 2.79 21.21 -8.61
N SER B 76 2.77 20.27 -7.68
CA SER B 76 2.95 20.60 -6.27
C SER B 76 4.44 20.77 -5.96
N SER B 77 4.71 21.52 -4.90
CA SER B 77 6.07 21.71 -4.39
C SER B 77 7.04 22.00 -5.54
N LEU B 78 6.79 23.12 -6.22
CA LEU B 78 7.58 23.49 -7.37
C LEU B 78 9.07 23.53 -7.03
N GLU B 79 9.89 23.18 -8.01
CA GLU B 79 11.34 23.25 -7.89
C GLU B 79 11.89 24.12 -9.01
N PRO B 80 13.12 24.63 -8.87
CA PRO B 80 13.68 25.47 -9.93
C PRO B 80 13.67 24.81 -11.30
N GLU B 81 13.95 23.50 -11.35
CA GLU B 81 14.02 22.81 -12.63
C GLU B 81 12.67 22.74 -13.33
N ASP B 82 11.58 22.99 -12.61
CA ASP B 82 10.25 23.00 -13.22
C ASP B 82 10.03 24.19 -14.14
N PHE B 83 10.98 25.12 -14.22
CA PHE B 83 10.95 26.22 -15.18
C PHE B 83 10.81 25.67 -16.60
N ALA B 84 9.66 25.89 -17.23
CA ALA B 84 9.44 25.37 -18.58
C ALA B 84 8.10 25.82 -19.14
N VAL B 85 7.83 25.48 -20.40
CA VAL B 85 6.54 25.70 -21.03
C VAL B 85 5.81 24.36 -21.09
N TYR B 86 4.52 24.38 -20.76
CA TYR B 86 3.71 23.17 -20.68
C TYR B 86 2.59 23.26 -21.71
N TYR B 87 2.53 22.27 -22.61
CA TYR B 87 1.51 22.18 -23.64
C TYR B 87 0.59 20.98 -23.40
N CYS B 88 -0.68 21.14 -23.74
CA CYS B 88 -1.62 20.02 -23.77
C CYS B 88 -1.94 19.66 -25.22
N GLN B 89 -2.38 18.42 -25.42
CA GLN B 89 -2.53 17.89 -26.78
C GLN B 89 -3.68 16.90 -26.83
N GLN B 90 -4.41 16.94 -27.94
CA GLN B 90 -5.37 15.88 -28.30
C GLN B 90 -5.24 15.67 -29.80
N TYR B 91 -4.74 14.50 -30.20
CA TYR B 91 -4.50 14.19 -31.62
C TYR B 91 -3.55 15.26 -32.15
N GLU B 92 -3.83 15.87 -33.30
CA GLU B 92 -2.94 16.86 -33.90
C GLU B 92 -3.00 18.22 -33.23
N PHE B 93 -3.95 18.43 -32.31
CA PHE B 93 -4.25 19.76 -31.80
C PHE B 93 -3.50 20.00 -30.50
N PHE B 94 -2.82 21.13 -30.40
CA PHE B 94 -2.08 21.53 -29.22
C PHE B 94 -2.68 22.81 -28.64
N GLY B 95 -2.44 23.01 -27.35
CA GLY B 95 -2.73 24.29 -26.74
C GLY B 95 -1.59 25.28 -26.98
N GLN B 96 -1.88 26.55 -26.67
CA GLN B 96 -0.87 27.59 -26.84
C GLN B 96 0.24 27.51 -25.79
N GLY B 97 0.02 26.75 -24.73
CA GLY B 97 1.06 26.54 -23.74
C GLY B 97 0.99 27.53 -22.60
N THR B 98 1.45 27.10 -21.43
CA THR B 98 1.59 27.95 -20.26
C THR B 98 3.08 28.06 -19.93
N LYS B 99 3.62 29.27 -20.02
CA LYS B 99 5.02 29.51 -19.67
C LYS B 99 5.11 29.64 -18.15
N LEU B 100 5.77 28.68 -17.50
CA LEU B 100 5.91 28.68 -16.05
C LEU B 100 7.32 29.09 -15.68
N GLU B 101 7.44 30.20 -14.95
CA GLU B 101 8.71 30.69 -14.47
C GLU B 101 8.83 30.42 -12.98
N ILE B 102 9.97 29.91 -12.55
CA ILE B 102 10.24 29.62 -11.15
C ILE B 102 11.38 30.52 -10.69
N GLY B 103 11.18 31.21 -9.56
CA GLY B 103 12.20 32.05 -8.99
C GLY B 103 13.50 31.30 -8.78
N GLY B 104 14.61 31.84 -9.27
CA GLY B 104 15.89 31.18 -9.18
C GLY B 104 16.14 30.09 -10.21
N GLY B 105 15.19 29.86 -11.12
CA GLY B 105 15.35 28.86 -12.16
C GLY B 105 15.45 29.50 -13.53
N GLY B 106 15.50 28.63 -14.54
CA GLY B 106 15.60 29.07 -15.92
C GLY B 106 16.56 28.23 -16.74
N SER C 6 17.76 7.69 -23.84
CA SER C 6 16.96 6.48 -24.21
C SER C 6 17.61 5.73 -25.37
N GLN C 7 17.27 4.45 -25.53
CA GLN C 7 17.85 3.67 -26.63
C GLN C 7 17.31 4.12 -27.99
N VAL C 8 16.08 4.64 -28.05
CA VAL C 8 15.57 5.25 -29.28
C VAL C 8 16.28 6.57 -29.50
N GLN C 9 16.75 6.79 -30.72
CA GLN C 9 17.44 8.01 -31.08
C GLN C 9 16.91 8.52 -32.40
N LEU C 10 16.66 9.83 -32.44
CA LEU C 10 16.21 10.51 -33.65
C LEU C 10 17.17 11.66 -33.91
N VAL C 11 17.95 11.56 -34.99
CA VAL C 11 18.98 12.54 -35.33
C VAL C 11 18.56 13.24 -36.62
N GLN C 12 18.39 14.55 -36.55
CA GLN C 12 17.95 15.35 -37.69
C GLN C 12 19.15 16.07 -38.33
N SER C 13 18.91 16.58 -39.53
CA SER C 13 19.94 17.30 -40.26
C SER C 13 20.17 18.67 -39.64
N GLY C 14 21.25 19.33 -40.09
CA GLY C 14 21.67 20.59 -39.50
C GLY C 14 20.82 21.77 -39.94
N ALA C 15 21.05 22.89 -39.27
CA ALA C 15 20.27 24.10 -39.51
C ALA C 15 20.33 24.51 -40.98
N GLU C 16 19.31 25.26 -41.39
CA GLU C 16 19.17 25.68 -42.78
C GLU C 16 18.85 27.17 -42.84
N VAL C 17 19.37 27.83 -43.86
CA VAL C 17 19.06 29.22 -44.16
C VAL C 17 18.56 29.28 -45.59
N LYS C 18 17.39 29.88 -45.79
CA LYS C 18 16.71 29.84 -47.08
C LYS C 18 16.14 31.21 -47.41
N LYS C 19 15.96 31.46 -48.70
CA LYS C 19 15.29 32.65 -49.18
C LYS C 19 13.81 32.37 -49.40
N PRO C 20 12.98 33.40 -49.43
CA PRO C 20 11.55 33.19 -49.69
C PRO C 20 11.33 32.61 -51.07
N GLY C 21 10.39 31.65 -51.15
CA GLY C 21 10.10 30.97 -52.39
C GLY C 21 10.91 29.72 -52.63
N ALA C 22 11.99 29.52 -51.88
CA ALA C 22 12.80 28.31 -52.01
C ALA C 22 12.12 27.17 -51.25
N SER C 23 12.80 26.03 -51.18
CA SER C 23 12.32 24.87 -50.45
C SER C 23 13.40 24.41 -49.47
N VAL C 24 12.99 23.57 -48.52
CA VAL C 24 13.90 23.01 -47.53
C VAL C 24 13.51 21.56 -47.31
N LYS C 25 14.51 20.71 -47.08
CA LYS C 25 14.30 19.29 -46.85
C LYS C 25 15.05 18.90 -45.58
N VAL C 26 14.31 18.55 -44.53
CA VAL C 26 14.88 18.11 -43.26
C VAL C 26 14.88 16.60 -43.22
N SER C 27 15.97 16.02 -42.72
CA SER C 27 16.08 14.57 -42.57
C SER C 27 15.95 14.21 -41.10
N CYS C 28 15.63 12.93 -40.85
CA CYS C 28 15.43 12.43 -39.49
C CYS C 28 15.81 10.95 -39.51
N LYS C 29 17.04 10.65 -39.09
CA LYS C 29 17.52 9.28 -39.07
C LYS C 29 17.20 8.65 -37.72
N ALA C 30 16.44 7.55 -37.75
CA ALA C 30 16.01 6.86 -36.55
C ALA C 30 16.90 5.67 -36.27
N SER C 31 17.04 5.35 -34.98
CA SER C 31 17.81 4.19 -34.56
C SER C 31 17.31 3.77 -33.18
N GLY C 32 17.60 2.52 -32.83
CA GLY C 32 17.21 1.98 -31.55
C GLY C 32 15.87 1.27 -31.53
N TYR C 33 15.21 1.14 -32.69
CA TYR C 33 13.95 0.42 -32.77
C TYR C 33 13.72 0.03 -34.22
N THR C 34 12.65 -0.73 -34.45
CA THR C 34 12.30 -1.16 -35.80
C THR C 34 11.63 0.02 -36.52
N PHE C 35 12.33 0.58 -37.50
CA PHE C 35 11.86 1.78 -38.20
C PHE C 35 10.44 1.59 -38.72
N THR C 36 10.19 0.48 -39.43
CA THR C 36 8.90 0.27 -40.07
C THR C 36 7.76 0.02 -39.08
N GLY C 37 8.06 -0.12 -37.79
CA GLY C 37 7.04 -0.45 -36.82
C GLY C 37 6.28 0.71 -36.23
N TYR C 38 6.72 1.95 -36.48
CA TYR C 38 6.13 3.11 -35.84
C TYR C 38 5.97 4.23 -36.86
N TYR C 39 4.83 4.92 -36.80
CA TYR C 39 4.65 6.13 -37.58
C TYR C 39 5.67 7.18 -37.16
N MET C 40 6.00 8.06 -38.11
CA MET C 40 6.89 9.19 -37.85
C MET C 40 6.10 10.46 -38.10
N HIS C 41 5.95 11.29 -37.06
CA HIS C 41 5.26 12.55 -37.16
C HIS C 41 6.27 13.70 -37.30
N TRP C 42 5.77 14.85 -37.73
CA TRP C 42 6.58 16.05 -37.86
C TRP C 42 5.86 17.21 -37.19
N VAL C 43 6.57 17.90 -36.29
CA VAL C 43 6.00 19.02 -35.54
C VAL C 43 7.00 20.17 -35.58
N ARG C 44 6.53 21.36 -35.92
CA ARG C 44 7.38 22.54 -35.97
C ARG C 44 6.97 23.53 -34.89
N GLN C 45 7.87 24.46 -34.59
CA GLN C 45 7.64 25.45 -33.54
C GLN C 45 8.38 26.72 -33.92
N ALA C 46 7.63 27.80 -34.15
CA ALA C 46 8.24 29.07 -34.46
C ALA C 46 8.85 29.69 -33.20
N PRO C 47 9.83 30.59 -33.35
CA PRO C 47 10.49 31.16 -32.17
C PRO C 47 9.48 31.80 -31.22
N GLY C 48 9.52 31.37 -29.96
CA GLY C 48 8.62 31.86 -28.95
C GLY C 48 7.18 31.40 -29.09
N GLN C 49 6.88 30.56 -30.07
CA GLN C 49 5.52 30.13 -30.34
C GLN C 49 5.32 28.69 -29.87
N GLY C 50 4.10 28.18 -30.09
CA GLY C 50 3.75 26.85 -29.66
C GLY C 50 3.99 25.78 -30.72
N LEU C 51 3.69 24.54 -30.35
CA LEU C 51 3.87 23.42 -31.25
C LEU C 51 2.77 23.38 -32.29
N GLU C 52 3.16 23.12 -33.54
CA GLU C 52 2.21 23.00 -34.65
C GLU C 52 2.49 21.70 -35.38
N TRP C 53 1.47 20.84 -35.44
CA TRP C 53 1.60 19.53 -36.08
C TRP C 53 1.49 19.66 -37.59
N MET C 54 2.33 18.91 -38.31
CA MET C 54 2.42 19.01 -39.76
C MET C 54 1.88 17.79 -40.49
N GLY C 55 2.10 16.59 -39.96
CA GLY C 55 1.71 15.38 -40.64
C GLY C 55 2.46 14.19 -40.09
N TRP C 56 2.10 13.01 -40.59
CA TRP C 56 2.83 11.80 -40.30
C TRP C 56 3.05 11.00 -41.58
N ILE C 57 3.95 10.04 -41.50
CA ILE C 57 4.24 9.12 -42.58
C ILE C 57 4.30 7.71 -42.00
N ASN C 58 3.72 6.76 -42.71
CA ASN C 58 3.79 5.36 -42.32
C ASN C 58 4.99 4.72 -43.04
N PRO C 59 6.12 4.50 -42.36
CA PRO C 59 7.29 3.96 -43.06
C PRO C 59 7.11 2.53 -43.55
N ASN C 60 6.06 1.84 -43.12
CA ASN C 60 5.81 0.47 -43.57
C ASN C 60 5.05 0.41 -44.88
N SER C 61 4.21 1.41 -45.17
CA SER C 61 3.46 1.47 -46.42
C SER C 61 3.83 2.66 -47.27
N GLY C 62 4.52 3.66 -46.72
CA GLY C 62 4.81 4.87 -47.44
C GLY C 62 3.69 5.89 -47.45
N GLY C 63 2.54 5.56 -46.87
CA GLY C 63 1.43 6.49 -46.83
C GLY C 63 1.73 7.69 -45.95
N THR C 64 1.06 8.80 -46.26
CA THR C 64 1.26 10.06 -45.56
C THR C 64 -0.09 10.68 -45.22
N ASN C 65 -0.04 11.67 -44.35
CA ASN C 65 -1.23 12.43 -43.99
C ASN C 65 -0.77 13.80 -43.49
N TYR C 66 -1.21 14.86 -44.15
CA TYR C 66 -0.77 16.21 -43.85
C TYR C 66 -1.93 17.02 -43.27
N ALA C 67 -1.61 17.92 -42.35
CA ALA C 67 -2.58 18.90 -41.91
C ALA C 67 -3.00 19.77 -43.08
N GLN C 68 -4.29 20.11 -43.14
CA GLN C 68 -4.81 20.85 -44.28
C GLN C 68 -4.01 22.12 -44.53
N LYS C 69 -3.42 22.69 -43.49
CA LYS C 69 -2.67 23.94 -43.63
C LYS C 69 -1.50 23.77 -44.59
N PHE C 70 -0.96 22.56 -44.72
CA PHE C 70 0.22 22.33 -45.54
C PHE C 70 -0.05 21.42 -46.74
N GLN C 71 -1.29 21.02 -46.99
CA GLN C 71 -1.58 20.13 -48.11
C GLN C 71 -1.19 20.79 -49.42
N GLY C 72 -0.38 20.08 -50.22
CA GLY C 72 0.12 20.60 -51.46
C GLY C 72 1.47 21.27 -51.35
N ARG C 73 1.90 21.65 -50.15
CA ARG C 73 3.17 22.35 -49.95
C ARG C 73 4.22 21.53 -49.21
N VAL C 74 3.82 20.45 -48.54
CA VAL C 74 4.74 19.61 -47.79
C VAL C 74 4.81 18.24 -48.45
N THR C 75 5.97 17.61 -48.37
CA THR C 75 6.19 16.28 -48.96
C THR C 75 7.00 15.46 -47.97
N MET C 76 6.40 14.40 -47.45
CA MET C 76 7.04 13.51 -46.50
C MET C 76 7.39 12.19 -47.17
N THR C 77 8.66 11.80 -47.06
CA THR C 77 9.15 10.56 -47.65
C THR C 77 9.97 9.81 -46.60
N ARG C 78 10.34 8.57 -46.93
CA ARG C 78 11.13 7.75 -46.04
C ARG C 78 12.00 6.80 -46.86
N ASP C 79 13.10 6.37 -46.25
CA ASP C 79 14.02 5.41 -46.85
C ASP C 79 14.32 4.38 -45.77
N THR C 80 13.63 3.23 -45.84
CA THR C 80 13.77 2.22 -44.80
C THR C 80 15.19 1.67 -44.72
N SER C 81 15.88 1.60 -45.86
CA SER C 81 17.23 1.02 -45.86
C SER C 81 18.16 1.76 -44.92
N ILE C 82 17.92 3.06 -44.69
CA ILE C 82 18.74 3.86 -43.79
C ILE C 82 17.93 4.42 -42.63
N SER C 83 16.70 3.96 -42.45
CA SER C 83 15.88 4.35 -41.30
C SER C 83 15.77 5.86 -41.17
N THR C 84 15.58 6.53 -42.31
CA THR C 84 15.54 7.99 -42.36
C THR C 84 14.19 8.45 -42.90
N ALA C 85 13.61 9.43 -42.22
CA ALA C 85 12.40 10.09 -42.67
C ALA C 85 12.73 11.50 -43.13
N TYR C 86 12.05 11.97 -44.17
CA TYR C 86 12.33 13.28 -44.75
C TYR C 86 11.06 14.13 -44.78
N MET C 87 11.25 15.45 -44.66
CA MET C 87 10.17 16.41 -44.76
C MET C 87 10.65 17.55 -45.64
N GLU C 88 9.99 17.75 -46.78
CA GLU C 88 10.35 18.82 -47.71
C GLU C 88 9.22 19.83 -47.76
N LEU C 89 9.53 21.08 -47.43
CA LEU C 89 8.56 22.16 -47.42
C LEU C 89 8.94 23.18 -48.49
N SER C 90 7.99 23.51 -49.36
CA SER C 90 8.24 24.35 -50.51
C SER C 90 7.62 25.73 -50.33
N ARG C 91 7.95 26.61 -51.28
CA ARG C 91 7.42 27.99 -51.30
C ARG C 91 7.55 28.64 -49.93
N LEU C 92 8.74 28.54 -49.35
CA LEU C 92 8.98 29.05 -48.00
C LEU C 92 8.68 30.54 -47.92
N ARG C 93 8.04 30.94 -46.83
CA ARG C 93 7.78 32.34 -46.50
C ARG C 93 8.34 32.63 -45.11
N SER C 94 8.19 33.89 -44.67
CA SER C 94 8.79 34.30 -43.40
C SER C 94 8.27 33.46 -42.25
N ASP C 95 6.96 33.30 -42.16
CA ASP C 95 6.34 32.62 -41.03
C ASP C 95 6.64 31.12 -41.01
N ASP C 96 7.36 30.60 -41.99
CA ASP C 96 7.89 29.24 -41.92
C ASP C 96 9.17 29.16 -41.11
N THR C 97 9.67 30.29 -40.60
CA THR C 97 10.85 30.29 -39.74
C THR C 97 10.51 29.60 -38.44
N ALA C 98 11.14 28.45 -38.18
CA ALA C 98 10.79 27.65 -37.02
C ALA C 98 11.80 26.52 -36.88
N VAL C 99 11.73 25.84 -35.74
CA VAL C 99 12.44 24.59 -35.52
C VAL C 99 11.53 23.44 -35.89
N TYR C 100 12.00 22.56 -36.77
CA TYR C 100 11.20 21.45 -37.26
C TYR C 100 11.65 20.17 -36.57
N TYR C 101 10.72 19.51 -35.88
CA TYR C 101 10.99 18.28 -35.16
C TYR C 101 10.35 17.09 -35.88
N CYS C 102 11.02 15.94 -35.81
CA CYS C 102 10.39 14.66 -36.05
C CYS C 102 10.13 14.00 -34.71
N ALA C 103 8.99 13.30 -34.61
CA ALA C 103 8.55 12.74 -33.35
C ALA C 103 8.03 11.33 -33.58
N ARG C 104 8.33 10.43 -32.63
CA ARG C 104 7.82 9.07 -32.65
C ARG C 104 6.94 8.85 -31.44
N GLY C 105 5.91 8.03 -31.62
CA GLY C 105 4.94 7.80 -30.56
C GLY C 105 5.49 6.92 -29.46
N LYS C 106 4.87 7.06 -28.28
CA LYS C 106 5.23 6.22 -27.14
C LYS C 106 5.01 4.75 -27.48
N ASN C 107 3.82 4.42 -27.98
CA ASN C 107 3.47 3.06 -28.35
C ASN C 107 2.91 3.05 -29.76
N SER C 108 2.95 1.86 -30.38
CA SER C 108 2.28 1.67 -31.65
C SER C 108 0.76 1.74 -31.51
N ASP C 109 0.24 1.56 -30.30
CA ASP C 109 -1.20 1.61 -30.09
C ASP C 109 -1.74 3.04 -30.24
N TYR C 110 -0.98 4.02 -29.78
CA TYR C 110 -1.42 5.42 -29.83
C TYR C 110 -0.18 6.28 -30.04
N ASN C 111 0.10 6.62 -31.29
CA ASN C 111 1.34 7.30 -31.65
C ASN C 111 1.25 8.82 -31.54
N TRP C 112 0.14 9.37 -31.07
CA TRP C 112 0.07 10.80 -30.82
C TRP C 112 0.77 11.19 -29.53
N ASP C 113 1.04 10.22 -28.64
CA ASP C 113 1.84 10.47 -27.44
C ASP C 113 3.31 10.55 -27.86
N PHE C 114 3.72 11.74 -28.27
CA PHE C 114 5.07 11.93 -28.78
C PHE C 114 6.10 11.79 -27.66
N GLN C 115 6.59 10.57 -27.46
CA GLN C 115 7.55 10.27 -26.41
C GLN C 115 8.99 10.52 -26.83
N HIS C 116 9.28 10.43 -28.13
CA HIS C 116 10.63 10.58 -28.65
C HIS C 116 10.65 11.72 -29.65
N TRP C 117 11.62 12.63 -29.49
CA TRP C 117 11.77 13.78 -30.37
C TRP C 117 13.20 13.85 -30.89
N GLY C 118 13.35 14.36 -32.11
CA GLY C 118 14.65 14.72 -32.60
C GLY C 118 15.16 15.98 -31.91
N GLN C 119 16.42 16.31 -32.18
CA GLN C 119 16.98 17.52 -31.59
C GLN C 119 16.41 18.77 -32.24
N GLY C 120 15.65 18.64 -33.32
CA GLY C 120 15.10 19.78 -34.01
C GLY C 120 16.05 20.34 -35.04
N THR C 121 15.48 20.93 -36.09
CA THR C 121 16.24 21.54 -37.17
C THR C 121 15.69 22.94 -37.41
N LEU C 122 16.51 23.95 -37.14
CA LEU C 122 16.10 25.34 -37.35
C LEU C 122 16.13 25.67 -38.84
N VAL C 123 15.06 26.28 -39.31
CA VAL C 123 14.97 26.77 -40.68
C VAL C 123 14.60 28.25 -40.61
N THR C 124 15.47 29.11 -41.11
CA THR C 124 15.28 30.56 -41.04
C THR C 124 15.04 31.10 -42.45
N VAL C 125 13.83 31.56 -42.70
CA VAL C 125 13.47 32.16 -43.98
C VAL C 125 13.64 33.66 -43.86
N GLY C 126 14.53 34.23 -44.66
CA GLY C 126 15.05 35.56 -44.40
C GLY C 126 14.31 36.73 -45.01
N GLY C 127 14.59 37.06 -46.26
CA GLY C 127 14.08 38.26 -46.89
C GLY C 127 12.66 38.59 -46.52
N LEU C 128 11.79 37.58 -46.57
CA LEU C 128 10.42 37.70 -46.10
C LEU C 128 10.41 38.14 -44.64
N ASP D 1 -26.43 16.74 -29.59
CA ASP D 1 -25.77 15.40 -29.65
C ASP D 1 -25.90 14.79 -31.04
N VAL D 2 -25.04 13.82 -31.35
CA VAL D 2 -25.09 13.15 -32.65
C VAL D 2 -26.24 12.15 -32.63
N VAL D 3 -27.06 12.19 -33.69
CA VAL D 3 -28.21 11.31 -33.82
C VAL D 3 -27.83 10.15 -34.74
N MET D 4 -28.05 8.93 -34.26
CA MET D 4 -27.77 7.72 -35.03
C MET D 4 -29.10 7.12 -35.47
N SER D 5 -29.32 7.07 -36.78
CA SER D 5 -30.58 6.61 -37.35
C SER D 5 -30.35 5.28 -38.07
N GLN D 6 -30.96 4.23 -37.56
CA GLN D 6 -30.85 2.90 -38.14
C GLN D 6 -32.08 2.54 -38.94
N SER D 7 -31.90 1.64 -39.91
CA SER D 7 -32.99 1.20 -40.76
C SER D 7 -32.65 -0.18 -41.30
N PRO D 8 -33.63 -1.11 -41.38
CA PRO D 8 -35.01 -0.95 -40.91
C PRO D 8 -35.13 -1.09 -39.40
N SER D 9 -36.28 -0.70 -38.85
CA SER D 9 -36.53 -0.92 -37.42
C SER D 9 -36.51 -2.41 -37.10
N SER D 10 -37.01 -3.24 -38.01
CA SER D 10 -36.98 -4.69 -37.84
C SER D 10 -37.36 -5.34 -39.16
N LEU D 11 -36.99 -6.60 -39.30
CA LEU D 11 -37.39 -7.39 -40.46
C LEU D 11 -37.33 -8.86 -40.07
N THR D 12 -38.09 -9.66 -40.83
CA THR D 12 -38.08 -11.11 -40.68
C THR D 12 -37.69 -11.71 -42.02
N VAL D 13 -36.64 -12.53 -42.01
CA VAL D 13 -36.15 -13.21 -43.20
C VAL D 13 -36.05 -14.70 -42.91
N SER D 14 -35.70 -15.46 -43.93
CA SER D 14 -35.52 -16.90 -43.82
C SER D 14 -34.04 -17.24 -43.89
N LEU D 15 -33.71 -18.44 -43.41
CA LEU D 15 -32.32 -18.90 -43.40
C LEU D 15 -31.72 -18.76 -44.79
N GLY D 16 -30.53 -18.15 -44.85
CA GLY D 16 -29.78 -18.04 -46.07
C GLY D 16 -29.94 -16.73 -46.81
N GLU D 17 -30.90 -15.90 -46.42
CA GLU D 17 -31.12 -14.65 -47.11
C GLU D 17 -30.04 -13.62 -46.77
N LYS D 18 -29.90 -12.64 -47.65
CA LYS D 18 -28.96 -11.55 -47.46
C LYS D 18 -29.67 -10.39 -46.78
N VAL D 19 -29.12 -9.94 -45.65
CA VAL D 19 -29.68 -8.84 -44.88
C VAL D 19 -28.78 -7.63 -45.02
N THR D 20 -29.39 -6.46 -45.21
CA THR D 20 -28.65 -5.20 -45.31
C THR D 20 -29.34 -4.18 -44.42
N MET D 21 -28.65 -3.74 -43.37
CA MET D 21 -29.15 -2.72 -42.46
C MET D 21 -28.18 -1.55 -42.45
N THR D 22 -28.73 -0.35 -42.38
CA THR D 22 -27.95 0.87 -42.49
C THR D 22 -27.97 1.64 -41.17
N CYS D 23 -26.93 2.46 -40.99
CA CYS D 23 -26.79 3.36 -39.85
C CYS D 23 -26.36 4.72 -40.39
N LYS D 24 -27.01 5.79 -39.90
CA LYS D 24 -26.80 7.12 -40.43
C LYS D 24 -26.62 8.09 -39.27
N SER D 25 -25.46 8.74 -39.23
CA SER D 25 -25.14 9.70 -38.18
C SER D 25 -25.43 11.12 -38.66
N SER D 26 -25.81 11.98 -37.71
CA SER D 26 -26.14 13.35 -38.05
C SER D 26 -24.92 14.17 -38.47
N GLN D 27 -23.71 13.69 -38.22
CA GLN D 27 -22.51 14.35 -38.70
C GLN D 27 -21.43 13.30 -38.91
N SER D 28 -20.37 13.70 -39.62
CA SER D 28 -19.32 12.77 -39.99
C SER D 28 -18.62 12.22 -38.75
N LEU D 29 -18.29 10.93 -38.81
CA LEU D 29 -17.56 10.25 -37.75
C LEU D 29 -16.12 9.94 -38.16
N LEU D 30 -15.64 10.53 -39.26
CA LEU D 30 -14.30 10.29 -39.76
C LEU D 30 -13.38 11.42 -39.31
N TYR D 31 -12.34 11.06 -38.58
CA TYR D 31 -11.33 12.03 -38.17
C TYR D 31 -10.16 12.00 -39.16
N SER D 32 -9.80 13.19 -39.66
CA SER D 32 -8.79 13.27 -40.71
C SER D 32 -7.42 12.84 -40.23
N GLY D 33 -7.10 13.07 -38.95
CA GLY D 33 -5.74 12.82 -38.47
C GLY D 33 -5.34 11.35 -38.52
N ASN D 34 -6.29 10.45 -38.28
CA ASN D 34 -6.03 9.01 -38.36
C ASN D 34 -6.88 8.30 -39.40
N GLN D 35 -7.71 9.02 -40.14
CA GLN D 35 -8.49 8.43 -41.23
C GLN D 35 -9.38 7.29 -40.75
N LYS D 36 -9.86 7.36 -39.52
CA LYS D 36 -10.68 6.31 -38.92
C LYS D 36 -12.11 6.79 -38.71
N ASN D 37 -13.07 5.90 -38.97
CA ASN D 37 -14.48 6.14 -38.69
C ASN D 37 -14.80 5.57 -37.31
N TYR D 38 -15.28 6.42 -36.42
CA TYR D 38 -15.57 6.01 -35.04
C TYR D 38 -16.99 5.44 -34.97
N LEU D 39 -17.15 4.29 -35.61
CA LEU D 39 -18.43 3.62 -35.70
C LEU D 39 -18.28 2.18 -35.22
N ALA D 40 -19.27 1.72 -34.46
CA ALA D 40 -19.24 0.36 -33.93
C ALA D 40 -20.61 -0.27 -34.08
N TRP D 41 -20.62 -1.58 -34.33
CA TRP D 41 -21.84 -2.37 -34.41
C TRP D 41 -21.87 -3.37 -33.26
N TYR D 42 -23.00 -3.44 -32.56
CA TYR D 42 -23.17 -4.36 -31.45
C TYR D 42 -24.32 -5.31 -31.74
N GLN D 43 -24.14 -6.58 -31.38
CA GLN D 43 -25.14 -7.62 -31.57
C GLN D 43 -25.68 -8.06 -30.21
N GLN D 44 -26.99 -7.93 -30.03
CA GLN D 44 -27.65 -8.36 -28.80
C GLN D 44 -28.60 -9.50 -29.13
N LYS D 45 -28.18 -10.73 -28.83
CA LYS D 45 -29.04 -11.89 -29.01
C LYS D 45 -30.08 -11.96 -27.91
N PRO D 46 -31.18 -12.67 -28.12
CA PRO D 46 -32.23 -12.73 -27.10
C PRO D 46 -31.69 -13.28 -25.79
N GLY D 47 -32.04 -12.59 -24.71
CA GLY D 47 -31.62 -12.98 -23.38
C GLY D 47 -30.17 -12.68 -23.04
N GLN D 48 -29.41 -12.12 -23.97
CA GLN D 48 -28.01 -11.83 -23.75
C GLN D 48 -27.77 -10.32 -23.72
N SER D 49 -26.59 -9.94 -23.25
CA SER D 49 -26.17 -8.56 -23.29
C SER D 49 -25.62 -8.22 -24.67
N PRO D 50 -25.58 -6.95 -25.03
CA PRO D 50 -24.92 -6.56 -26.28
C PRO D 50 -23.47 -7.05 -26.31
N LYS D 51 -22.99 -7.36 -27.52
CA LYS D 51 -21.64 -7.82 -27.72
C LYS D 51 -21.04 -7.10 -28.91
N LEU D 52 -19.77 -6.71 -28.79
CA LEU D 52 -19.09 -5.96 -29.84
C LEU D 52 -18.94 -6.84 -31.08
N LEU D 53 -19.47 -6.37 -32.21
CA LEU D 53 -19.39 -7.09 -33.47
C LEU D 53 -18.38 -6.50 -34.43
N ILE D 54 -18.45 -5.19 -34.65
CA ILE D 54 -17.58 -4.49 -35.59
C ILE D 54 -17.21 -3.13 -35.00
N TYR D 55 -15.97 -2.71 -35.20
CA TYR D 55 -15.50 -1.41 -34.74
C TYR D 55 -14.59 -0.81 -35.80
N TRP D 56 -14.40 0.51 -35.72
CA TRP D 56 -13.77 1.28 -36.79
C TRP D 56 -14.53 1.09 -38.11
N ALA D 57 -15.83 0.82 -38.01
CA ALA D 57 -16.74 0.75 -39.14
C ALA D 57 -16.63 -0.56 -39.93
N SER D 58 -15.44 -1.13 -40.00
CA SER D 58 -15.19 -2.30 -40.84
C SER D 58 -14.43 -3.44 -40.18
N THR D 59 -13.76 -3.20 -39.05
CA THR D 59 -12.94 -4.23 -38.43
C THR D 59 -13.81 -5.17 -37.61
N ARG D 60 -13.76 -6.45 -37.91
N ARG D 60 -13.76 -6.45 -37.91
CA ARG D 60 -14.53 -7.44 -37.19
CA ARG D 60 -14.55 -7.44 -37.19
C ARG D 60 -13.84 -7.84 -35.90
C ARG D 60 -13.84 -7.85 -35.91
N GLU D 61 -14.62 -7.97 -34.83
CA GLU D 61 -14.09 -8.43 -33.56
C GLU D 61 -13.65 -9.89 -33.67
N SER D 62 -12.76 -10.30 -32.77
CA SER D 62 -12.28 -11.67 -32.74
C SER D 62 -13.45 -12.65 -32.73
N GLY D 63 -13.40 -13.64 -33.62
CA GLY D 63 -14.42 -14.66 -33.72
C GLY D 63 -15.51 -14.37 -34.74
N VAL D 64 -15.80 -13.10 -35.00
CA VAL D 64 -16.93 -12.74 -35.87
C VAL D 64 -16.71 -13.36 -37.25
N PRO D 65 -17.69 -14.06 -37.82
CA PRO D 65 -17.49 -14.69 -39.14
C PRO D 65 -17.44 -13.67 -40.26
N ASP D 66 -16.83 -14.10 -41.37
CA ASP D 66 -16.84 -13.30 -42.60
C ASP D 66 -18.26 -13.03 -43.08
N ARG D 67 -19.22 -13.84 -42.62
CA ARG D 67 -20.63 -13.59 -42.88
C ARG D 67 -21.00 -12.12 -42.67
N PHE D 68 -20.51 -11.53 -41.58
CA PHE D 68 -20.78 -10.13 -41.25
C PHE D 68 -19.74 -9.23 -41.91
N THR D 69 -20.21 -8.10 -42.43
CA THR D 69 -19.32 -7.13 -43.08
C THR D 69 -19.86 -5.74 -42.84
N GLY D 70 -19.04 -4.88 -42.21
CA GLY D 70 -19.37 -3.49 -42.01
C GLY D 70 -18.64 -2.61 -43.01
N SER D 71 -19.34 -1.60 -43.52
CA SER D 71 -18.78 -0.72 -44.53
C SER D 71 -19.36 0.68 -44.35
N GLY D 72 -18.82 1.63 -45.10
CA GLY D 72 -19.27 3.00 -45.08
C GLY D 72 -18.23 3.94 -44.49
N SER D 73 -18.42 5.23 -44.75
CA SER D 73 -17.49 6.25 -44.29
C SER D 73 -18.24 7.56 -44.13
N GLY D 74 -17.78 8.38 -43.18
CA GLY D 74 -18.38 9.67 -42.94
C GLY D 74 -19.65 9.59 -42.11
N THR D 75 -20.80 9.54 -42.78
CA THR D 75 -22.10 9.53 -42.11
C THR D 75 -22.94 8.31 -42.41
N ASP D 76 -22.76 7.67 -43.56
CA ASP D 76 -23.62 6.58 -44.01
C ASP D 76 -22.86 5.26 -43.88
N PHE D 77 -23.30 4.44 -42.94
CA PHE D 77 -22.65 3.16 -42.66
C PHE D 77 -23.64 2.03 -42.89
N THR D 78 -23.10 0.84 -43.19
CA THR D 78 -23.90 -0.30 -43.56
C THR D 78 -23.35 -1.56 -42.92
N LEU D 79 -24.25 -2.46 -42.52
CA LEU D 79 -23.90 -3.80 -42.05
C LEU D 79 -24.66 -4.81 -42.88
N ILE D 80 -23.95 -5.77 -43.45
CA ILE D 80 -24.53 -6.79 -44.32
C ILE D 80 -24.20 -8.16 -43.76
N ILE D 81 -25.22 -8.99 -43.60
CA ILE D 81 -25.04 -10.41 -43.33
C ILE D 81 -25.25 -11.15 -44.65
N SER D 82 -24.16 -11.67 -45.21
CA SER D 82 -24.22 -12.27 -46.54
C SER D 82 -25.24 -13.39 -46.61
N SER D 83 -25.32 -14.20 -45.57
CA SER D 83 -26.25 -15.34 -45.57
C SER D 83 -26.53 -15.67 -44.09
N VAL D 84 -27.71 -15.26 -43.61
CA VAL D 84 -28.01 -15.37 -42.19
C VAL D 84 -28.09 -16.83 -41.77
N LYS D 85 -27.51 -17.14 -40.63
CA LYS D 85 -27.73 -18.40 -39.94
C LYS D 85 -28.71 -18.16 -38.79
N ALA D 86 -29.11 -19.26 -38.14
CA ALA D 86 -30.06 -19.14 -37.04
C ALA D 86 -29.49 -18.29 -35.90
N GLU D 87 -28.23 -18.51 -35.53
CA GLU D 87 -27.64 -17.80 -34.41
C GLU D 87 -27.56 -16.29 -34.63
N ASP D 88 -27.83 -15.81 -35.86
CA ASP D 88 -27.78 -14.39 -36.15
C ASP D 88 -29.02 -13.63 -35.70
N LEU D 89 -30.05 -14.32 -35.22
CA LEU D 89 -31.25 -13.67 -34.72
C LEU D 89 -30.90 -12.78 -33.54
N ALA D 90 -31.03 -11.47 -33.69
CA ALA D 90 -30.61 -10.53 -32.66
C ALA D 90 -31.04 -9.13 -33.07
N VAL D 91 -30.80 -8.18 -32.17
CA VAL D 91 -30.94 -6.75 -32.46
C VAL D 91 -29.56 -6.18 -32.69
N TYR D 92 -29.41 -5.37 -33.74
CA TYR D 92 -28.12 -4.84 -34.15
C TYR D 92 -28.12 -3.33 -33.92
N TYR D 93 -27.26 -2.88 -33.01
CA TYR D 93 -27.11 -1.47 -32.68
C TYR D 93 -25.81 -0.94 -33.26
N CYS D 94 -25.87 0.25 -33.85
CA CYS D 94 -24.67 0.99 -34.21
C CYS D 94 -24.41 2.07 -33.17
N GLN D 95 -23.13 2.45 -33.03
CA GLN D 95 -22.71 3.42 -32.05
C GLN D 95 -21.63 4.31 -32.63
N GLN D 96 -21.74 5.61 -32.41
CA GLN D 96 -20.65 6.55 -32.68
C GLN D 96 -19.95 6.84 -31.35
N PHE D 97 -18.62 6.75 -31.35
CA PHE D 97 -17.84 6.95 -30.14
C PHE D 97 -16.73 7.97 -30.38
N TYR D 98 -17.02 9.01 -31.17
CA TYR D 98 -16.10 10.12 -31.36
C TYR D 98 -16.52 11.35 -30.57
N PHE D 99 -17.78 11.75 -30.68
CA PHE D 99 -18.29 12.95 -30.02
C PHE D 99 -18.98 12.57 -28.72
N TYR D 100 -18.57 13.21 -27.62
CA TYR D 100 -19.31 13.05 -26.36
C TYR D 100 -20.58 13.89 -26.41
N PRO D 101 -21.71 13.35 -25.93
CA PRO D 101 -21.89 12.01 -25.40
C PRO D 101 -22.00 10.96 -26.50
N TRP D 102 -21.44 9.78 -26.27
CA TRP D 102 -21.57 8.69 -27.23
C TRP D 102 -23.03 8.29 -27.36
N THR D 103 -23.48 8.08 -28.60
CA THR D 103 -24.88 7.84 -28.88
C THR D 103 -25.05 6.55 -29.68
N PHE D 104 -26.07 5.78 -29.33
CA PHE D 104 -26.43 4.56 -30.03
C PHE D 104 -27.60 4.82 -30.97
N GLY D 105 -27.72 3.97 -31.99
CA GLY D 105 -28.88 3.97 -32.83
C GLY D 105 -30.04 3.20 -32.22
N GLY D 106 -31.20 3.32 -32.83
CA GLY D 106 -32.40 2.67 -32.34
C GLY D 106 -32.40 1.16 -32.48
N GLY D 107 -31.48 0.60 -33.25
CA GLY D 107 -31.37 -0.84 -33.39
C GLY D 107 -32.24 -1.39 -34.50
N THR D 108 -31.75 -2.47 -35.12
CA THR D 108 -32.50 -3.22 -36.13
C THR D 108 -32.75 -4.61 -35.58
N LYS D 109 -34.02 -4.95 -35.35
CA LYS D 109 -34.39 -6.26 -34.83
C LYS D 109 -34.50 -7.23 -36.00
N LEU D 110 -33.59 -8.19 -36.06
CA LEU D 110 -33.58 -9.19 -37.12
C LEU D 110 -34.22 -10.48 -36.59
N GLU D 111 -35.37 -10.83 -37.16
CA GLU D 111 -36.00 -12.11 -36.88
C GLU D 111 -35.72 -13.08 -38.03
N ILE D 112 -35.62 -14.36 -37.67
CA ILE D 112 -35.32 -15.41 -38.64
C ILE D 112 -36.31 -16.54 -38.43
N LYS D 113 -37.03 -16.91 -39.47
CA LYS D 113 -37.97 -18.03 -39.38
C LYS D 113 -37.22 -19.30 -38.99
N GLY D 114 -37.77 -20.02 -38.02
CA GLY D 114 -37.12 -21.18 -37.44
C GLY D 114 -36.44 -20.91 -36.11
N GLY D 115 -36.28 -19.64 -35.74
CA GLY D 115 -35.66 -19.30 -34.47
C GLY D 115 -34.16 -19.14 -34.58
N GLY D 116 -33.55 -18.92 -33.42
CA GLY D 116 -32.11 -18.78 -33.32
C GLY D 116 -31.46 -20.05 -32.80
N GLY D 117 -30.24 -20.30 -33.30
CA GLY D 117 -29.50 -21.49 -32.90
C GLY D 117 -28.34 -21.16 -31.98
N SER D 118 -27.26 -21.91 -32.09
CA SER D 118 -26.05 -21.69 -31.31
C SER D 118 -24.89 -21.42 -32.25
N GLY D 119 -24.16 -20.33 -32.02
CA GLY D 119 -23.04 -19.95 -32.86
C GLY D 119 -21.75 -19.82 -32.09
N GLY D 120 -20.77 -19.14 -32.69
CA GLY D 120 -19.49 -18.95 -32.05
C GLY D 120 -19.04 -17.50 -32.04
N GLY D 121 -18.67 -16.98 -33.20
CA GLY D 121 -18.14 -15.63 -33.32
C GLY D 121 -18.80 -14.58 -32.45
N GLY E 1 -9.23 -9.04 -7.01
CA GLY E 1 -9.28 -9.13 -8.50
C GLY E 1 -10.06 -10.32 -9.00
N GLY E 2 -9.70 -10.81 -10.19
CA GLY E 2 -10.36 -11.97 -10.75
C GLY E 2 -9.67 -12.45 -12.00
N SER E 3 -10.12 -13.60 -12.51
CA SER E 3 -9.54 -14.20 -13.71
C SER E 3 -10.63 -14.92 -14.51
N GLU E 4 -11.28 -14.19 -15.43
CA GLU E 4 -12.23 -14.78 -16.36
C GLU E 4 -12.41 -14.00 -17.67
N VAL E 5 -12.18 -12.68 -17.63
CA VAL E 5 -12.65 -11.75 -18.66
C VAL E 5 -14.17 -11.78 -18.57
N LYS E 6 -14.67 -11.42 -17.39
CA LYS E 6 -16.09 -11.38 -17.10
C LYS E 6 -16.36 -10.14 -16.28
N LEU E 7 -17.48 -9.48 -16.56
CA LEU E 7 -17.92 -8.34 -15.78
C LEU E 7 -19.27 -8.68 -15.17
N VAL E 8 -19.36 -8.64 -13.86
CA VAL E 8 -20.56 -9.01 -13.13
C VAL E 8 -21.02 -7.78 -12.35
N GLU E 9 -22.17 -7.24 -12.70
CA GLU E 9 -22.71 -6.07 -12.04
C GLU E 9 -23.62 -6.49 -10.89
N SER E 10 -23.68 -5.63 -9.87
CA SER E 10 -24.54 -5.85 -8.73
C SER E 10 -24.90 -4.49 -8.14
N GLY E 11 -25.92 -4.49 -7.29
CA GLY E 11 -26.37 -3.29 -6.62
C GLY E 11 -27.73 -2.80 -7.05
N GLY E 12 -28.23 -3.26 -8.20
CA GLY E 12 -29.55 -2.86 -8.63
C GLY E 12 -30.60 -3.20 -7.59
N ASP E 13 -31.66 -2.39 -7.58
CA ASP E 13 -32.73 -2.58 -6.60
C ASP E 13 -33.89 -1.68 -6.99
N PHE E 14 -35.04 -1.94 -6.37
CA PHE E 14 -36.20 -1.06 -6.51
C PHE E 14 -36.05 0.13 -5.59
N VAL E 15 -36.28 1.33 -6.13
CA VAL E 15 -36.08 2.57 -5.39
C VAL E 15 -37.17 3.56 -5.76
N LYS E 16 -37.46 4.48 -4.84
CA LYS E 16 -38.44 5.52 -5.11
C LYS E 16 -37.76 6.73 -5.73
N PRO E 17 -38.51 7.53 -6.52
CA PRO E 17 -37.94 8.77 -7.05
C PRO E 17 -37.24 9.56 -5.95
N GLY E 18 -36.13 10.20 -6.32
CA GLY E 18 -35.32 10.93 -5.37
C GLY E 18 -34.39 10.07 -4.54
N GLY E 19 -34.49 8.76 -4.63
CA GLY E 19 -33.61 7.88 -3.89
C GLY E 19 -32.22 7.82 -4.50
N SER E 20 -31.34 7.10 -3.81
CA SER E 20 -29.95 6.95 -4.21
C SER E 20 -29.62 5.46 -4.32
N LEU E 21 -28.51 5.18 -5.00
CA LEU E 21 -28.09 3.82 -5.24
C LEU E 21 -26.65 3.83 -5.73
N LYS E 22 -25.90 2.79 -5.38
CA LYS E 22 -24.53 2.62 -5.84
C LYS E 22 -24.38 1.23 -6.44
N LEU E 23 -24.11 1.17 -7.74
CA LEU E 23 -23.88 -0.10 -8.42
C LEU E 23 -22.40 -0.45 -8.36
N SER E 24 -22.12 -1.75 -8.33
CA SER E 24 -20.75 -2.26 -8.31
C SER E 24 -20.57 -3.25 -9.45
N CYS E 25 -19.31 -3.44 -9.86
CA CYS E 25 -18.98 -4.31 -10.98
C CYS E 25 -17.67 -5.02 -10.70
N ALA E 26 -17.71 -6.35 -10.64
CA ALA E 26 -16.52 -7.16 -10.42
C ALA E 26 -15.92 -7.54 -11.76
N ALA E 27 -14.66 -7.18 -11.96
CA ALA E 27 -13.94 -7.45 -13.20
C ALA E 27 -12.90 -8.54 -12.97
N SER E 28 -12.71 -9.40 -13.97
CA SER E 28 -11.85 -10.56 -13.82
C SER E 28 -11.23 -10.93 -15.16
N GLY E 29 -10.02 -11.47 -15.11
CA GLY E 29 -9.36 -12.09 -16.26
C GLY E 29 -8.70 -11.16 -17.23
N PHE E 30 -8.64 -9.87 -16.92
CA PHE E 30 -7.82 -8.93 -17.67
C PHE E 30 -7.26 -7.93 -16.67
N THR E 31 -6.24 -7.20 -17.09
CA THR E 31 -5.60 -6.23 -16.21
C THR E 31 -6.52 -5.03 -16.10
N PHE E 32 -7.43 -5.10 -15.12
CA PHE E 32 -8.44 -4.05 -14.95
C PHE E 32 -7.82 -2.67 -14.83
N SER E 33 -6.60 -2.58 -14.31
CA SER E 33 -5.97 -1.29 -14.05
C SER E 33 -5.39 -0.63 -15.29
N ASN E 34 -5.42 -1.31 -16.45
CA ASN E 34 -4.84 -0.76 -17.67
C ASN E 34 -5.90 -0.34 -18.69
N SER E 35 -7.17 -0.57 -18.42
CA SER E 35 -8.23 -0.27 -19.38
C SER E 35 -9.22 0.72 -18.80
N ALA E 36 -9.78 1.55 -19.67
CA ALA E 36 -10.89 2.41 -19.29
C ALA E 36 -12.19 1.60 -19.24
N MET E 37 -13.15 2.13 -18.49
CA MET E 37 -14.42 1.44 -18.26
C MET E 37 -15.55 2.45 -18.42
N SER E 38 -16.72 1.94 -18.83
CA SER E 38 -17.91 2.76 -18.97
C SER E 38 -19.12 2.01 -18.43
N TRP E 39 -20.16 2.79 -18.11
CA TRP E 39 -21.47 2.27 -17.77
C TRP E 39 -22.44 2.60 -18.90
N VAL E 40 -23.24 1.62 -19.29
CA VAL E 40 -24.26 1.79 -20.33
C VAL E 40 -25.56 1.21 -19.82
N ARG E 41 -26.63 2.00 -19.89
CA ARG E 41 -27.95 1.55 -19.46
C ARG E 41 -28.80 1.21 -20.68
N GLN E 42 -29.70 0.25 -20.50
CA GLN E 42 -30.66 -0.13 -21.53
C GLN E 42 -32.06 0.01 -20.94
N THR E 43 -32.86 0.90 -21.53
CA THR E 43 -34.17 1.20 -21.01
C THR E 43 -35.10 0.01 -21.20
N PRO E 44 -36.26 0.01 -20.53
CA PRO E 44 -37.23 -1.05 -20.78
C PRO E 44 -37.64 -1.16 -22.24
N GLU E 45 -37.63 -0.05 -22.96
CA GLU E 45 -37.92 -0.04 -24.39
C GLU E 45 -36.74 -0.53 -25.23
N LYS E 46 -35.63 -0.90 -24.58
CA LYS E 46 -34.45 -1.50 -25.20
C LYS E 46 -33.56 -0.48 -25.90
N ARG E 47 -33.70 0.81 -25.58
CA ARG E 47 -32.78 1.81 -26.10
C ARG E 47 -31.51 1.84 -25.24
N LEU E 48 -30.37 1.92 -25.90
CA LEU E 48 -29.08 1.98 -25.22
C LEU E 48 -28.67 3.43 -25.01
N GLU E 49 -28.15 3.73 -23.83
CA GLU E 49 -27.73 5.08 -23.47
C GLU E 49 -26.44 5.00 -22.68
N TRP E 50 -25.36 5.56 -23.23
CA TRP E 50 -24.10 5.64 -22.49
C TRP E 50 -24.27 6.58 -21.29
N VAL E 51 -23.70 6.18 -20.16
CA VAL E 51 -23.93 6.86 -18.90
C VAL E 51 -22.66 7.50 -18.36
N ALA E 52 -21.52 6.84 -18.48
CA ALA E 52 -20.30 7.37 -17.87
C ALA E 52 -19.10 6.63 -18.41
N THR E 53 -17.94 7.28 -18.31
CA THR E 53 -16.66 6.69 -18.65
C THR E 53 -15.63 7.09 -17.59
N ILE E 54 -14.58 6.28 -17.49
CA ILE E 54 -13.50 6.55 -16.55
C ILE E 54 -12.23 5.89 -17.08
N ASN E 55 -11.12 6.63 -17.06
CA ASN E 55 -9.88 6.09 -17.60
C ASN E 55 -9.24 5.14 -16.59
N ASN E 56 -8.06 4.63 -16.95
CA ASN E 56 -7.49 3.49 -16.24
C ASN E 56 -7.30 3.78 -14.76
N ASN E 57 -6.73 4.95 -14.42
CA ASN E 57 -6.40 5.25 -13.04
C ASN E 57 -7.40 6.22 -12.39
N GLY E 58 -8.56 6.41 -13.01
CA GLY E 58 -9.60 7.22 -12.39
C GLY E 58 -9.36 8.70 -12.40
N GLY E 59 -8.31 9.16 -13.08
CA GLY E 59 -8.05 10.60 -13.15
C GLY E 59 -8.94 11.35 -14.12
N TYR E 60 -9.56 10.66 -15.07
CA TYR E 60 -10.48 11.27 -16.02
C TYR E 60 -11.85 10.61 -15.94
N THR E 61 -12.90 11.43 -15.99
CA THR E 61 -14.26 10.95 -16.05
C THR E 61 -15.06 11.85 -16.99
N HIS E 62 -16.17 11.32 -17.50
CA HIS E 62 -17.08 12.11 -18.30
C HIS E 62 -18.45 11.46 -18.29
N TYR E 63 -19.48 12.30 -18.39
CA TYR E 63 -20.86 11.87 -18.44
C TYR E 63 -21.58 12.74 -19.45
N PRO E 64 -22.76 12.34 -19.90
CA PRO E 64 -23.63 13.30 -20.60
C PRO E 64 -24.05 14.39 -19.64
N ASP E 65 -24.05 15.63 -20.13
CA ASP E 65 -24.34 16.77 -19.27
C ASP E 65 -25.62 16.56 -18.47
N THR E 66 -26.60 15.86 -19.04
CA THR E 66 -27.87 15.65 -18.37
C THR E 66 -27.76 14.73 -17.16
N LEU E 67 -26.70 13.93 -17.07
CA LEU E 67 -26.59 12.93 -16.02
C LEU E 67 -25.56 13.25 -14.95
N LYS E 68 -24.61 14.14 -15.22
CA LYS E 68 -23.70 14.55 -14.15
C LYS E 68 -24.49 15.34 -13.11
N ASP E 69 -23.88 15.47 -11.92
CA ASP E 69 -24.51 16.04 -10.73
C ASP E 69 -25.34 14.98 -10.01
N ARG E 70 -25.76 13.94 -10.73
CA ARG E 70 -26.46 12.81 -10.12
C ARG E 70 -25.73 11.48 -10.27
N PHE E 71 -24.79 11.38 -11.22
CA PHE E 71 -24.06 10.15 -11.47
C PHE E 71 -22.57 10.38 -11.23
N THR E 72 -21.92 9.41 -10.59
CA THR E 72 -20.49 9.48 -10.32
C THR E 72 -19.88 8.11 -10.51
N ILE E 73 -19.01 7.98 -11.51
CA ILE E 73 -18.30 6.72 -11.77
C ILE E 73 -16.98 6.76 -11.00
N SER E 74 -16.71 5.68 -10.26
CA SER E 74 -15.48 5.56 -9.50
C SER E 74 -14.88 4.19 -9.74
N ARG E 75 -13.69 3.98 -9.18
CA ARG E 75 -12.85 2.86 -9.58
C ARG E 75 -11.94 2.48 -8.41
N ASP E 76 -11.75 1.17 -8.24
CA ASP E 76 -10.86 0.62 -7.22
C ASP E 76 -10.00 -0.45 -7.90
N ASN E 77 -8.80 -0.06 -8.32
CA ASN E 77 -7.92 -0.96 -9.07
C ASN E 77 -7.25 -2.02 -8.19
N VAL E 78 -7.39 -1.93 -6.87
CA VAL E 78 -6.90 -3.01 -6.01
C VAL E 78 -7.93 -4.12 -5.94
N LYS E 79 -9.19 -3.77 -5.67
CA LYS E 79 -10.28 -4.73 -5.70
C LYS E 79 -10.76 -5.04 -7.11
N ASN E 80 -10.21 -4.38 -8.12
CA ASN E 80 -10.65 -4.53 -9.51
C ASN E 80 -12.17 -4.42 -9.60
N THR E 81 -12.70 -3.32 -9.06
CA THR E 81 -14.13 -3.08 -9.02
C THR E 81 -14.43 -1.71 -9.62
N LEU E 82 -15.52 -1.64 -10.39
CA LEU E 82 -16.03 -0.39 -10.93
C LEU E 82 -17.35 -0.07 -10.25
N TYR E 83 -17.59 1.22 -9.99
CA TYR E 83 -18.76 1.65 -9.25
C TYR E 83 -19.50 2.72 -10.03
N LEU E 84 -20.79 2.88 -9.71
CA LEU E 84 -21.61 3.95 -10.26
C LEU E 84 -22.54 4.42 -9.16
N GLN E 85 -22.27 5.60 -8.60
CA GLN E 85 -23.13 6.19 -7.59
C GLN E 85 -24.25 6.96 -8.28
N MET E 86 -25.48 6.74 -7.82
CA MET E 86 -26.65 7.38 -8.38
C MET E 86 -27.43 8.05 -7.26
N SER E 87 -27.90 9.28 -7.52
CA SER E 87 -28.65 10.05 -6.55
C SER E 87 -29.76 10.81 -7.26
N SER E 88 -30.76 11.23 -6.48
CA SER E 88 -31.91 11.95 -7.01
C SER E 88 -32.49 11.19 -8.21
N LEU E 89 -32.73 9.90 -8.01
CA LEU E 89 -33.13 9.03 -9.10
C LEU E 89 -34.49 9.46 -9.65
N ARG E 90 -34.61 9.39 -10.98
CA ARG E 90 -35.83 9.72 -11.69
C ARG E 90 -36.41 8.46 -12.31
N SER E 91 -37.67 8.57 -12.74
CA SER E 91 -38.30 7.47 -13.46
C SER E 91 -37.55 7.15 -14.74
N GLU E 92 -36.93 8.17 -15.36
CA GLU E 92 -36.16 7.95 -16.58
C GLU E 92 -34.94 7.08 -16.33
N ASP E 93 -34.45 7.02 -15.10
CA ASP E 93 -33.27 6.21 -14.77
C ASP E 93 -33.57 4.73 -14.70
N THR E 94 -34.85 4.33 -14.79
CA THR E 94 -35.19 2.92 -14.84
C THR E 94 -34.57 2.29 -16.07
N ALA E 95 -33.76 1.26 -15.87
CA ALA E 95 -33.05 0.61 -16.96
C ALA E 95 -32.21 -0.53 -16.41
N LEU E 96 -31.70 -1.35 -17.31
CA LEU E 96 -30.69 -2.34 -16.99
C LEU E 96 -29.32 -1.72 -17.21
N TYR E 97 -28.52 -1.65 -16.16
CA TYR E 97 -27.23 -0.95 -16.20
C TYR E 97 -26.11 -1.94 -16.45
N TYR E 98 -25.39 -1.74 -17.56
CA TYR E 98 -24.29 -2.61 -17.96
C TYR E 98 -22.96 -2.00 -17.56
N CYS E 99 -22.06 -2.85 -17.10
CA CYS E 99 -20.67 -2.50 -16.85
C CYS E 99 -19.84 -2.97 -18.05
N THR E 100 -19.14 -2.04 -18.70
CA THR E 100 -18.48 -2.33 -19.95
C THR E 100 -17.01 -1.95 -19.89
N ARG E 101 -16.19 -2.71 -20.60
CA ARG E 101 -14.78 -2.42 -20.75
C ARG E 101 -14.55 -1.65 -22.04
N GLN E 102 -13.64 -0.67 -21.99
CA GLN E 102 -13.27 0.11 -23.15
C GLN E 102 -11.90 -0.35 -23.66
N THR E 103 -11.85 -0.68 -24.95
CA THR E 103 -10.59 -0.73 -25.69
C THR E 103 -10.63 0.45 -26.64
N TYR E 104 -9.77 1.44 -26.41
CA TYR E 104 -9.91 2.76 -27.00
C TYR E 104 -11.23 3.37 -26.51
N TRP E 105 -12.23 3.48 -27.39
CA TRP E 105 -13.49 4.09 -27.01
C TRP E 105 -14.70 3.29 -27.48
N TYR E 106 -14.50 2.06 -27.93
CA TYR E 106 -15.59 1.11 -28.15
C TYR E 106 -15.60 0.10 -27.01
N LEU E 107 -16.75 -0.54 -26.83
CA LEU E 107 -17.02 -1.39 -25.67
C LEU E 107 -16.96 -2.85 -26.11
N ASP E 108 -15.85 -3.50 -25.82
CA ASP E 108 -15.59 -4.87 -26.29
C ASP E 108 -15.94 -5.94 -25.28
N VAL E 109 -16.37 -5.56 -24.07
CA VAL E 109 -16.80 -6.52 -23.05
C VAL E 109 -17.99 -5.94 -22.32
N TRP E 110 -19.07 -6.71 -22.22
CA TRP E 110 -20.28 -6.30 -21.53
C TRP E 110 -20.64 -7.33 -20.47
N GLY E 111 -21.12 -6.85 -19.32
CA GLY E 111 -21.59 -7.73 -18.28
C GLY E 111 -23.06 -8.08 -18.46
N ALA E 112 -23.56 -8.90 -17.53
CA ALA E 112 -24.96 -9.31 -17.58
C ALA E 112 -25.89 -8.15 -17.24
N GLY E 113 -25.46 -7.24 -16.37
CA GLY E 113 -26.22 -6.08 -16.02
C GLY E 113 -26.92 -6.21 -14.67
N THR E 114 -27.33 -5.08 -14.12
CA THR E 114 -28.09 -5.03 -12.89
C THR E 114 -29.24 -4.05 -13.08
N THR E 115 -30.41 -4.43 -12.60
CA THR E 115 -31.63 -3.68 -12.89
C THR E 115 -31.89 -2.62 -11.82
N VAL E 116 -32.12 -1.40 -12.27
CA VAL E 116 -32.55 -0.29 -11.41
C VAL E 116 -33.97 0.07 -11.81
N THR E 117 -34.89 -0.01 -10.86
CA THR E 117 -36.31 0.23 -11.10
C THR E 117 -36.76 1.37 -10.20
N VAL E 118 -37.10 2.50 -10.81
CA VAL E 118 -37.50 3.70 -10.08
C VAL E 118 -39.01 3.83 -10.21
N SER E 119 -39.72 3.65 -9.09
CA SER E 119 -41.16 3.75 -9.08
C SER E 119 -41.62 4.09 -7.67
N SER E 120 -42.81 4.69 -7.59
CA SER E 120 -43.37 5.13 -6.31
C SER E 120 -43.37 4.01 -5.28
N GLU F 1 40.56 20.62 6.22
CA GLU F 1 40.41 21.72 7.21
C GLU F 1 41.51 22.77 7.05
N ILE F 2 41.12 24.03 7.16
CA ILE F 2 42.05 25.15 7.22
C ILE F 2 42.13 25.58 8.68
N VAL F 3 43.29 25.40 9.29
CA VAL F 3 43.52 25.84 10.67
C VAL F 3 44.10 27.25 10.61
N LEU F 4 43.36 28.22 11.15
CA LEU F 4 43.79 29.61 11.21
C LEU F 4 44.37 29.86 12.60
N THR F 5 45.69 29.99 12.69
CA THR F 5 46.36 30.26 13.95
C THR F 5 46.54 31.76 14.11
N GLN F 6 45.89 32.34 15.12
CA GLN F 6 45.99 33.76 15.41
C GLN F 6 46.96 33.99 16.56
N SER F 7 47.70 35.09 16.48
CA SER F 7 48.65 35.44 17.52
C SER F 7 48.78 36.95 17.60
N PRO F 8 48.97 37.52 18.80
CA PRO F 8 49.01 36.81 20.09
C PRO F 8 47.60 36.42 20.55
N ALA F 9 47.50 35.39 21.39
CA ALA F 9 46.20 34.99 21.92
C ALA F 9 45.54 36.14 22.67
N THR F 10 46.33 36.91 23.42
CA THR F 10 45.83 38.08 24.12
C THR F 10 46.84 39.21 23.93
N LEU F 11 46.35 40.44 24.07
CA LEU F 11 47.20 41.61 23.87
C LEU F 11 46.58 42.79 24.60
N SER F 12 47.38 43.46 25.44
CA SER F 12 46.93 44.62 26.20
C SER F 12 47.79 45.82 25.81
N LEU F 13 47.15 46.89 25.35
CA LEU F 13 47.84 48.09 24.91
C LEU F 13 47.11 49.31 25.43
N SER F 14 47.76 50.47 25.30
CA SER F 14 47.18 51.74 25.73
C SER F 14 46.63 52.49 24.53
N PRO F 15 45.66 53.39 24.76
CA PRO F 15 45.14 54.19 23.64
C PRO F 15 46.25 54.98 22.97
N GLY F 16 46.16 55.08 21.65
CA GLY F 16 47.15 55.77 20.85
C GLY F 16 48.23 54.89 20.27
N GLU F 17 48.43 53.69 20.82
CA GLU F 17 49.44 52.78 20.31
C GLU F 17 48.93 52.05 19.07
N ARG F 18 49.79 51.19 18.53
CA ARG F 18 49.47 50.38 17.36
C ARG F 18 49.41 48.91 17.75
N ALA F 19 48.41 48.21 17.24
CA ALA F 19 48.26 46.77 17.48
C ALA F 19 48.45 46.03 16.17
N THR F 20 49.29 44.99 16.18
CA THR F 20 49.55 44.16 15.01
C THR F 20 49.11 42.73 15.32
N LEU F 21 48.01 42.31 14.70
CA LEU F 21 47.46 40.98 14.90
C LEU F 21 47.79 40.09 13.70
N SER F 22 48.19 38.85 13.99
CA SER F 22 48.59 37.91 12.96
C SER F 22 47.58 36.76 12.86
N CYS F 23 47.41 36.26 11.64
CA CYS F 23 46.56 35.11 11.35
C CYS F 23 47.25 34.30 10.26
N ARG F 24 47.54 33.05 10.55
CA ARG F 24 48.27 32.18 9.63
C ARG F 24 47.43 30.94 9.32
N ALA F 25 47.31 30.64 8.03
CA ALA F 25 46.55 29.48 7.58
C ALA F 25 47.47 28.28 7.44
N SER F 26 47.04 27.13 7.96
CA SER F 26 47.80 25.90 7.81
C SER F 26 47.83 25.43 6.37
N GLN F 27 46.91 25.91 5.53
CA GLN F 27 46.80 25.48 4.14
C GLN F 27 46.46 26.67 3.27
N SER F 28 47.19 26.84 2.17
CA SER F 28 47.01 27.98 1.28
C SER F 28 45.89 27.66 0.30
N VAL F 29 44.71 28.25 0.53
CA VAL F 29 43.52 27.93 -0.23
C VAL F 29 42.96 29.20 -0.85
N SER F 30 42.34 29.05 -2.02
CA SER F 30 41.62 30.14 -2.65
C SER F 30 40.41 30.52 -1.80
N SER F 31 40.40 31.74 -1.28
CA SER F 31 39.31 32.21 -0.44
C SER F 31 39.44 33.72 -0.31
N TYR F 32 38.55 34.31 0.49
CA TYR F 32 38.62 35.72 0.85
C TYR F 32 38.76 35.81 2.35
N LEU F 33 39.82 36.47 2.81
CA LEU F 33 40.15 36.52 4.24
C LEU F 33 39.38 37.67 4.87
N ALA F 34 38.50 37.34 5.81
CA ALA F 34 37.74 38.34 6.55
C ALA F 34 38.27 38.45 7.97
N TRP F 35 38.24 39.66 8.51
CA TRP F 35 38.49 39.90 9.92
C TRP F 35 37.19 40.37 10.58
N TYR F 36 37.03 40.01 11.85
CA TYR F 36 35.84 40.38 12.60
C TYR F 36 36.23 41.02 13.92
N GLN F 37 35.37 41.92 14.39
CA GLN F 37 35.51 42.56 15.70
C GLN F 37 34.28 42.23 16.51
N GLN F 38 34.48 41.60 17.67
CA GLN F 38 33.39 41.26 18.57
C GLN F 38 33.64 41.95 19.91
N LYS F 39 32.81 42.95 20.21
CA LYS F 39 32.87 43.61 21.50
C LYS F 39 32.10 42.80 22.54
N PRO F 40 32.38 43.02 23.83
CA PRO F 40 31.73 42.22 24.86
C PRO F 40 30.21 42.32 24.76
N GLY F 41 29.55 41.17 24.85
CA GLY F 41 28.10 41.13 24.85
C GLY F 41 27.44 41.38 23.51
N GLN F 42 28.20 41.47 22.43
CA GLN F 42 27.64 41.72 21.11
C GLN F 42 27.99 40.57 20.17
N ALA F 43 27.36 40.60 18.99
CA ALA F 43 27.71 39.67 17.94
C ALA F 43 28.90 40.21 17.14
N PRO F 44 29.67 39.33 16.52
CA PRO F 44 30.84 39.80 15.75
C PRO F 44 30.41 40.81 14.70
N ARG F 45 31.34 41.69 14.34
CA ARG F 45 31.13 42.69 13.30
C ARG F 45 32.18 42.55 12.23
N LEU F 46 31.75 42.53 10.97
CA LEU F 46 32.68 42.44 9.87
C LEU F 46 33.59 43.67 9.86
N LEU F 47 34.89 43.42 9.89
CA LEU F 47 35.91 44.47 9.94
C LEU F 47 36.62 44.60 8.61
N ILE F 48 37.25 43.53 8.15
CA ILE F 48 37.95 43.49 6.87
C ILE F 48 37.38 42.34 6.05
N TYR F 49 37.40 42.51 4.74
CA TYR F 49 37.05 41.44 3.82
C TYR F 49 38.02 41.47 2.65
N ASP F 50 38.23 40.30 2.03
CA ASP F 50 39.21 40.17 0.96
C ASP F 50 40.58 40.67 1.43
N ALA F 51 40.87 40.41 2.72
CA ALA F 51 42.18 40.65 3.33
C ALA F 51 42.48 42.11 3.61
N SER F 52 42.12 43.01 2.69
CA SER F 52 42.58 44.40 2.80
C SER F 52 41.49 45.42 2.51
N ASN F 53 40.24 45.01 2.39
CA ASN F 53 39.14 45.93 2.09
C ASN F 53 38.33 46.15 3.37
N ARG F 54 38.21 47.41 3.77
CA ARG F 54 37.48 47.74 4.98
C ARG F 54 35.97 47.61 4.75
N ALA F 55 35.28 46.98 5.68
CA ALA F 55 33.83 46.90 5.62
C ALA F 55 33.22 48.29 5.86
N THR F 56 31.90 48.36 5.70
CA THR F 56 31.21 49.64 5.83
C THR F 56 31.40 50.23 7.23
N GLY F 57 31.72 51.52 7.27
CA GLY F 57 31.83 52.22 8.53
C GLY F 57 33.05 51.91 9.34
N ILE F 58 34.10 51.38 8.72
CA ILE F 58 35.34 51.01 9.42
C ILE F 58 36.38 52.08 9.11
N PRO F 59 36.97 52.74 10.11
CA PRO F 59 37.91 53.82 9.83
C PRO F 59 39.19 53.32 9.21
N ALA F 60 39.95 54.27 8.64
CA ALA F 60 41.17 53.94 7.92
C ALA F 60 42.28 53.43 8.83
N ARG F 61 42.17 53.65 10.15
CA ARG F 61 43.18 53.16 11.08
C ARG F 61 43.16 51.64 11.21
N PHE F 62 42.10 50.97 10.75
CA PHE F 62 42.09 49.52 10.63
C PHE F 62 42.64 49.14 9.26
N SER F 63 43.73 48.37 9.24
CA SER F 63 44.42 48.04 8.00
C SER F 63 44.72 46.56 7.96
N GLY F 64 44.31 45.91 6.87
CA GLY F 64 44.57 44.50 6.67
C GLY F 64 45.47 44.28 5.47
N SER F 65 46.36 43.30 5.58
CA SER F 65 47.20 42.89 4.46
C SER F 65 47.48 41.39 4.60
N GLY F 66 47.97 40.81 3.52
CA GLY F 66 48.25 39.38 3.51
C GLY F 66 49.26 39.02 2.46
N SER F 67 50.06 38.00 2.76
CA SER F 67 51.04 37.45 1.82
C SER F 67 50.96 35.94 1.94
N GLY F 68 50.42 35.29 0.90
CA GLY F 68 50.28 33.85 0.92
C GLY F 68 49.35 33.35 2.01
N THR F 69 49.91 32.67 3.01
CA THR F 69 49.15 32.17 4.14
C THR F 69 49.25 33.05 5.36
N ASP F 70 50.07 34.11 5.32
CA ASP F 70 50.29 34.96 6.48
C ASP F 70 49.49 36.26 6.31
N PHE F 71 48.64 36.55 7.29
CA PHE F 71 47.78 37.72 7.26
C PHE F 71 48.03 38.58 8.49
N THR F 72 47.79 39.88 8.34
CA THR F 72 48.06 40.84 9.40
C THR F 72 46.94 41.86 9.48
N LEU F 73 46.49 42.14 10.71
CA LEU F 73 45.56 43.23 10.98
C LEU F 73 46.27 44.24 11.84
N THR F 74 46.39 45.47 11.35
CA THR F 74 47.09 46.54 12.03
C THR F 74 46.09 47.60 12.47
N ILE F 75 46.01 47.85 13.77
CA ILE F 75 45.10 48.84 14.33
C ILE F 75 45.97 49.99 14.83
N SER F 76 46.00 51.08 14.09
CA SER F 76 46.76 52.26 14.47
C SER F 76 45.92 53.16 15.37
N SER F 77 46.61 53.88 16.26
CA SER F 77 45.96 54.85 17.15
C SER F 77 44.79 54.20 17.88
N LEU F 78 45.11 53.19 18.67
CA LEU F 78 44.09 52.45 19.40
C LEU F 78 43.24 53.38 20.25
N GLU F 79 41.98 53.02 20.42
CA GLU F 79 41.02 53.79 21.20
C GLU F 79 40.32 52.85 22.18
N PRO F 80 39.67 53.40 23.20
CA PRO F 80 38.99 52.51 24.17
C PRO F 80 37.95 51.62 23.53
N GLU F 81 37.24 52.10 22.51
CA GLU F 81 36.18 51.31 21.90
C GLU F 81 36.71 50.07 21.18
N ASP F 82 38.01 50.04 20.85
CA ASP F 82 38.59 48.90 20.17
C ASP F 82 38.78 47.69 21.10
N PHE F 83 38.43 47.81 22.37
CA PHE F 83 38.41 46.67 23.27
C PHE F 83 37.48 45.60 22.72
N ALA F 84 38.05 44.52 22.20
CA ALA F 84 37.25 43.49 21.55
C ALA F 84 38.14 42.29 21.23
N VAL F 85 37.49 41.21 20.81
CA VAL F 85 38.16 40.03 20.31
C VAL F 85 38.08 40.06 18.78
N TYR F 86 39.19 39.72 18.13
CA TYR F 86 39.30 39.80 16.69
C TYR F 86 39.54 38.41 16.11
N TYR F 87 38.72 38.03 15.14
CA TYR F 87 38.79 36.73 14.49
C TYR F 87 39.09 36.89 13.01
N CYS F 88 39.85 35.95 12.46
CA CYS F 88 40.02 35.83 11.01
C CYS F 88 39.20 34.65 10.51
N GLN F 89 38.91 34.66 9.21
CA GLN F 89 37.97 33.71 8.64
C GLN F 89 38.34 33.39 7.19
N GLN F 90 38.29 32.11 6.84
CA GLN F 90 38.30 31.66 5.45
C GLN F 90 37.23 30.59 5.32
N TYR F 91 36.17 30.89 4.56
CA TYR F 91 35.03 29.97 4.40
C TYR F 91 34.49 29.68 5.79
N GLU F 92 34.28 28.42 6.17
CA GLU F 92 33.69 28.06 7.45
C GLU F 92 34.67 28.12 8.61
N PHE F 93 35.95 28.36 8.34
CA PHE F 93 37.00 28.19 9.34
C PHE F 93 37.34 29.54 9.97
N PHE F 94 37.30 29.57 11.30
CA PHE F 94 37.64 30.76 12.07
C PHE F 94 38.89 30.50 12.89
N GLY F 95 39.69 31.54 13.08
CA GLY F 95 40.77 31.49 14.03
C GLY F 95 40.25 31.54 15.46
N GLN F 96 41.14 31.20 16.40
CA GLN F 96 40.76 31.22 17.81
C GLN F 96 40.61 32.63 18.37
N GLY F 97 41.08 33.64 17.65
CA GLY F 97 40.84 35.02 18.05
C GLY F 97 41.95 35.60 18.89
N THR F 98 42.09 36.92 18.83
CA THR F 98 43.04 37.66 19.66
C THR F 98 42.25 38.60 20.56
N LYS F 99 42.38 38.41 21.87
CA LYS F 99 41.69 39.25 22.85
C LYS F 99 42.49 40.52 23.06
N LEU F 100 41.99 41.63 22.53
CA LEU F 100 42.67 42.92 22.62
C LEU F 100 42.02 43.74 23.73
N GLU F 101 42.77 43.95 24.81
CA GLU F 101 42.31 44.78 25.91
C GLU F 101 43.03 46.13 25.85
N ILE F 102 42.28 47.20 26.09
CA ILE F 102 42.81 48.56 25.99
C ILE F 102 42.50 49.28 27.30
N GLY F 103 43.50 49.95 27.85
CA GLY F 103 43.35 50.69 29.09
C GLY F 103 42.27 51.76 29.01
N GLN G 7 -9.41 4.88 12.98
CA GLN G 7 -9.45 6.26 13.57
C GLN G 7 -8.07 6.89 13.55
N VAL G 8 -7.08 6.15 14.05
CA VAL G 8 -5.69 6.60 13.97
C VAL G 8 -5.23 6.54 12.52
N GLN G 9 -4.65 7.63 12.04
CA GLN G 9 -4.21 7.73 10.65
C GLN G 9 -2.81 8.31 10.59
N LEU G 10 -1.94 7.66 9.82
CA LEU G 10 -0.59 8.14 9.56
C LEU G 10 -0.47 8.33 8.05
N VAL G 11 -0.39 9.58 7.61
CA VAL G 11 -0.30 9.93 6.20
C VAL G 11 1.09 10.46 5.93
N GLN G 12 1.76 9.88 4.94
CA GLN G 12 3.14 10.22 4.61
C GLN G 12 3.20 11.00 3.30
N SER G 13 4.35 11.62 3.06
CA SER G 13 4.59 12.37 1.84
C SER G 13 4.71 11.43 0.65
N GLY G 14 4.74 12.02 -0.55
CA GLY G 14 4.78 11.26 -1.78
C GLY G 14 6.16 10.75 -2.13
N ALA G 15 6.21 9.97 -3.21
CA ALA G 15 7.43 9.31 -3.61
C ALA G 15 8.54 10.32 -3.88
N GLU G 16 9.79 9.85 -3.78
CA GLU G 16 10.97 10.67 -3.96
C GLU G 16 11.94 9.95 -4.88
N VAL G 17 12.59 10.73 -5.75
CA VAL G 17 13.66 10.23 -6.61
C VAL G 17 14.89 11.08 -6.34
N LYS G 18 16.02 10.41 -6.06
CA LYS G 18 17.22 11.10 -5.62
C LYS G 18 18.44 10.50 -6.30
N LYS G 19 19.47 11.33 -6.47
CA LYS G 19 20.76 10.90 -6.97
C LYS G 19 21.65 10.43 -5.82
N PRO G 20 22.58 9.51 -6.06
CA PRO G 20 23.49 9.09 -4.99
C PRO G 20 24.26 10.28 -4.43
N GLY G 21 24.30 10.35 -3.10
CA GLY G 21 24.92 11.46 -2.40
C GLY G 21 23.95 12.49 -1.87
N ALA G 22 22.70 12.49 -2.33
CA ALA G 22 21.72 13.48 -1.93
C ALA G 22 21.08 13.09 -0.60
N SER G 23 20.11 13.89 -0.17
CA SER G 23 19.36 13.66 1.05
C SER G 23 17.88 13.67 0.74
N VAL G 24 17.12 12.85 1.47
CA VAL G 24 15.68 12.78 1.34
C VAL G 24 15.07 13.01 2.73
N LYS G 25 13.90 13.65 2.75
CA LYS G 25 13.19 13.91 3.99
C LYS G 25 11.74 13.50 3.82
N VAL G 26 11.31 12.49 4.57
CA VAL G 26 9.94 11.98 4.51
C VAL G 26 9.15 12.54 5.68
N SER G 27 7.90 12.90 5.42
CA SER G 27 7.02 13.42 6.46
C SER G 27 5.95 12.38 6.80
N CYS G 28 5.41 12.51 8.01
CA CYS G 28 4.41 11.56 8.52
C CYS G 28 3.45 12.34 9.40
N LYS G 29 2.28 12.68 8.86
CA LYS G 29 1.29 13.45 9.60
C LYS G 29 0.33 12.52 10.32
N ALA G 30 0.21 12.70 11.63
CA ALA G 30 -0.61 11.86 12.47
C ALA G 30 -1.94 12.54 12.79
N SER G 31 -2.99 11.73 12.92
CA SER G 31 -4.30 12.23 13.30
C SER G 31 -5.05 11.10 13.99
N GLY G 32 -6.03 11.47 14.81
CA GLY G 32 -6.86 10.51 15.51
C GLY G 32 -6.42 10.18 16.91
N TYR G 33 -5.36 10.81 17.42
CA TYR G 33 -4.89 10.57 18.77
C TYR G 33 -4.03 11.75 19.20
N THR G 34 -3.56 11.70 20.44
CA THR G 34 -2.70 12.75 20.98
C THR G 34 -1.27 12.49 20.51
N PHE G 35 -0.80 13.33 19.59
CA PHE G 35 0.50 13.11 18.95
C PHE G 35 1.62 12.93 19.98
N THR G 36 1.66 13.81 20.98
CA THR G 36 2.75 13.76 21.95
C THR G 36 2.70 12.55 22.87
N GLY G 37 1.62 11.75 22.82
CA GLY G 37 1.47 10.67 23.76
C GLY G 37 2.20 9.39 23.39
N TYR G 38 2.56 9.23 22.11
CA TYR G 38 3.12 7.98 21.63
C TYR G 38 4.42 8.24 20.87
N TYR G 39 5.38 7.35 21.05
CA TYR G 39 6.58 7.36 20.23
C TYR G 39 6.22 7.14 18.76
N MET G 40 7.10 7.60 17.88
CA MET G 40 6.95 7.39 16.45
C MET G 40 8.21 6.69 15.95
N HIS G 41 8.04 5.50 15.41
CA HIS G 41 9.15 4.71 14.88
C HIS G 41 9.19 4.83 13.35
N TRP G 42 10.35 4.54 12.79
CA TRP G 42 10.53 4.52 11.35
C TRP G 42 11.12 3.18 10.94
N VAL G 43 10.49 2.55 9.95
CA VAL G 43 10.91 1.25 9.45
C VAL G 43 10.88 1.30 7.93
N ARG G 44 11.96 0.87 7.29
CA ARG G 44 12.07 0.88 5.85
C ARG G 44 12.13 -0.55 5.32
N GLN G 45 11.87 -0.70 4.03
CA GLN G 45 11.82 -2.01 3.41
C GLN G 45 12.27 -1.89 1.96
N ALA G 46 13.40 -2.50 1.63
CA ALA G 46 13.87 -2.49 0.25
C ALA G 46 12.98 -3.39 -0.60
N PRO G 47 12.93 -3.14 -1.92
CA PRO G 47 12.02 -3.93 -2.78
C PRO G 47 12.29 -5.41 -2.67
N GLY G 48 11.28 -6.15 -2.23
CA GLY G 48 11.37 -7.59 -2.08
C GLY G 48 12.17 -8.05 -0.88
N GLN G 49 12.52 -7.15 0.04
CA GLN G 49 13.32 -7.48 1.20
C GLN G 49 12.49 -7.35 2.47
N GLY G 50 13.14 -7.62 3.61
CA GLY G 50 12.45 -7.60 4.89
C GLY G 50 12.43 -6.22 5.52
N LEU G 51 11.71 -6.12 6.63
CA LEU G 51 11.59 -4.87 7.35
C LEU G 51 12.89 -4.55 8.09
N GLU G 52 13.25 -3.26 8.11
CA GLU G 52 14.46 -2.80 8.77
C GLU G 52 14.12 -1.61 9.64
N TRP G 53 14.35 -1.75 10.94
CA TRP G 53 14.11 -0.66 11.88
C TRP G 53 15.19 0.40 11.75
N MET G 54 14.79 1.67 11.85
CA MET G 54 15.71 2.81 11.75
C MET G 54 15.88 3.54 13.06
N GLY G 55 14.79 3.89 13.73
CA GLY G 55 14.85 4.65 14.96
C GLY G 55 13.47 5.09 15.37
N TRP G 56 13.41 5.71 16.55
CA TRP G 56 12.19 6.33 17.03
C TRP G 56 12.48 7.74 17.52
N ILE G 57 11.42 8.49 17.76
CA ILE G 57 11.49 9.84 18.31
C ILE G 57 10.40 9.98 19.35
N ASN G 58 10.72 10.61 20.47
CA ASN G 58 9.74 10.90 21.50
C ASN G 58 9.17 12.30 21.26
N PRO G 59 8.01 12.42 20.62
CA PRO G 59 7.50 13.77 20.29
C PRO G 59 7.22 14.63 21.50
N ASN G 60 7.08 14.04 22.69
CA ASN G 60 6.84 14.84 23.89
C ASN G 60 8.12 15.53 24.37
N SER G 61 9.27 14.91 24.16
CA SER G 61 10.54 15.45 24.61
C SER G 61 11.49 15.80 23.49
N GLY G 62 11.25 15.31 22.27
CA GLY G 62 12.15 15.51 21.17
C GLY G 62 13.34 14.56 21.11
N GLY G 63 13.52 13.74 22.15
CA GLY G 63 14.63 12.79 22.14
C GLY G 63 14.48 11.78 21.02
N THR G 64 15.62 11.26 20.57
CA THR G 64 15.67 10.33 19.46
C THR G 64 16.55 9.15 19.80
N ASN G 65 16.42 8.10 19.00
CA ASN G 65 17.27 6.92 19.10
C ASN G 65 17.34 6.27 17.73
N TYR G 66 18.55 6.01 17.25
CA TYR G 66 18.77 5.49 15.92
C TYR G 66 19.50 4.16 15.99
N ALA G 67 19.18 3.27 15.06
CA ALA G 67 19.96 2.05 14.90
C ALA G 67 21.39 2.41 14.49
N GLN G 68 22.34 1.61 14.98
CA GLN G 68 23.74 1.90 14.72
C GLN G 68 24.02 2.01 13.22
N LYS G 69 23.26 1.29 12.39
CA LYS G 69 23.46 1.37 10.94
C LYS G 69 23.36 2.81 10.44
N PHE G 70 22.47 3.61 11.04
CA PHE G 70 22.15 4.93 10.53
C PHE G 70 22.65 6.07 11.41
N GLN G 71 23.39 5.78 12.48
CA GLN G 71 23.84 6.85 13.37
C GLN G 71 24.76 7.81 12.62
N GLY G 72 24.47 9.10 12.76
CA GLY G 72 25.20 10.13 12.04
C GLY G 72 24.71 10.39 10.64
N ARG G 73 23.83 9.54 10.10
CA ARG G 73 23.32 9.71 8.75
C ARG G 73 21.82 9.93 8.69
N VAL G 74 21.10 9.73 9.80
CA VAL G 74 19.65 9.90 9.84
C VAL G 74 19.33 10.98 10.87
N THR G 75 18.30 11.77 10.58
CA THR G 75 17.87 12.84 11.46
C THR G 75 16.35 12.77 11.57
N MET G 76 15.85 12.59 12.79
CA MET G 76 14.42 12.52 13.05
C MET G 76 14.00 13.72 13.87
N THR G 77 12.94 14.40 13.42
CA THR G 77 12.43 15.58 14.09
C THR G 77 10.90 15.48 14.14
N ARG G 78 10.28 16.39 14.89
CA ARG G 78 8.83 16.43 14.97
C ARG G 78 8.37 17.87 15.11
N ASP G 79 7.20 18.15 14.55
CA ASP G 79 6.56 19.47 14.63
C ASP G 79 5.19 19.22 15.27
N THR G 80 5.14 19.33 16.60
CA THR G 80 3.92 18.99 17.33
C THR G 80 2.74 19.85 16.89
N SER G 81 2.99 21.11 16.51
CA SER G 81 1.88 22.00 16.16
C SER G 81 1.05 21.45 15.01
N ILE G 82 1.65 20.63 14.14
CA ILE G 82 0.95 20.03 13.01
C ILE G 82 0.95 18.51 13.09
N SER G 83 1.35 17.93 14.22
CA SER G 83 1.31 16.49 14.43
C SER G 83 2.01 15.74 13.29
N THR G 84 3.21 16.20 12.96
CA THR G 84 3.97 15.64 11.85
C THR G 84 5.35 15.24 12.32
N ALA G 85 5.79 14.06 11.89
CA ALA G 85 7.13 13.56 12.17
C ALA G 85 7.92 13.48 10.87
N TYR G 86 9.22 13.72 10.96
CA TYR G 86 10.09 13.77 9.79
C TYR G 86 11.28 12.85 9.97
N MET G 87 11.69 12.25 8.85
CA MET G 87 12.88 11.40 8.80
C MET G 87 13.73 11.86 7.61
N GLU G 88 14.92 12.38 7.89
CA GLU G 88 15.83 12.83 6.85
C GLU G 88 17.04 11.90 6.84
N LEU G 89 17.32 11.32 5.67
CA LEU G 89 18.44 10.41 5.49
C LEU G 89 19.38 10.99 4.44
N SER G 90 20.66 11.12 4.79
CA SER G 90 21.63 11.80 3.95
C SER G 90 22.57 10.80 3.28
N ARG G 91 23.42 11.34 2.41
CA ARG G 91 24.40 10.55 1.67
C ARG G 91 23.77 9.28 1.10
N LEU G 92 22.67 9.46 0.37
CA LEU G 92 21.92 8.33 -0.15
C LEU G 92 22.78 7.53 -1.13
N ARG G 93 22.66 6.21 -1.04
CA ARG G 93 23.31 5.30 -1.98
C ARG G 93 22.24 4.33 -2.50
N SER G 94 22.65 3.46 -3.41
CA SER G 94 21.69 2.60 -4.10
C SER G 94 20.91 1.72 -3.14
N ASP G 95 21.60 1.10 -2.17
CA ASP G 95 20.91 0.20 -1.25
C ASP G 95 19.97 0.92 -0.29
N ASP G 96 19.93 2.25 -0.31
CA ASP G 96 18.93 3.00 0.44
C ASP G 96 17.60 3.09 -0.29
N THR G 97 17.51 2.52 -1.50
CA THR G 97 16.24 2.48 -2.22
C THR G 97 15.27 1.57 -1.48
N ALA G 98 14.15 2.12 -1.04
CA ALA G 98 13.22 1.35 -0.21
C ALA G 98 11.96 2.18 0.00
N VAL G 99 10.96 1.52 0.57
CA VAL G 99 9.76 2.20 1.06
C VAL G 99 9.97 2.51 2.54
N TYR G 100 9.72 3.75 2.93
CA TYR G 100 9.97 4.23 4.28
C TYR G 100 8.64 4.42 4.99
N TYR G 101 8.44 3.65 6.07
CA TYR G 101 7.21 3.70 6.85
C TYR G 101 7.45 4.40 8.17
N CYS G 102 6.43 5.13 8.64
CA CYS G 102 6.34 5.54 10.03
C CYS G 102 5.31 4.66 10.73
N ALA G 103 5.61 4.29 11.97
CA ALA G 103 4.76 3.36 12.70
C ALA G 103 4.57 3.84 14.13
N ARG G 104 3.35 3.68 14.63
CA ARG G 104 3.02 3.98 16.02
C ARG G 104 2.69 2.69 16.75
N GLY G 105 3.02 2.65 18.04
CA GLY G 105 2.79 1.45 18.82
C GLY G 105 1.33 1.23 19.13
N LYS G 106 1.00 -0.04 19.41
CA LYS G 106 -0.36 -0.41 19.79
C LYS G 106 -0.82 0.37 21.01
N ASN G 107 0.05 0.46 22.03
CA ASN G 107 -0.25 1.21 23.24
C ASN G 107 1.05 1.77 23.79
N SER G 108 0.92 2.79 24.64
CA SER G 108 2.10 3.43 25.21
C SER G 108 2.90 2.50 26.11
N ASP G 109 2.30 1.41 26.58
CA ASP G 109 3.01 0.49 27.46
C ASP G 109 4.12 -0.26 26.73
N TYR G 110 3.93 -0.55 25.44
CA TYR G 110 4.93 -1.29 24.66
C TYR G 110 4.80 -0.83 23.21
N ASN G 111 5.62 0.16 22.85
CA ASN G 111 5.49 0.82 21.55
C ASN G 111 6.12 0.06 20.40
N TRP G 112 6.69 -1.12 20.66
CA TRP G 112 7.28 -1.91 19.58
C TRP G 112 6.25 -2.74 18.81
N ASP G 113 5.04 -2.88 19.36
CA ASP G 113 3.95 -3.56 18.65
C ASP G 113 3.32 -2.56 17.69
N PHE G 114 3.87 -2.49 16.48
CA PHE G 114 3.45 -1.50 15.50
C PHE G 114 2.07 -1.83 14.94
N GLN G 115 1.03 -1.30 15.57
CA GLN G 115 -0.33 -1.51 15.10
C GLN G 115 -0.69 -0.57 13.96
N HIS G 116 -0.13 0.64 13.95
CA HIS G 116 -0.49 1.67 12.99
C HIS G 116 0.70 2.01 12.11
N TRP G 117 0.47 1.98 10.79
CA TRP G 117 1.50 2.25 9.81
C TRP G 117 1.03 3.33 8.85
N GLY G 118 1.98 4.11 8.35
CA GLY G 118 1.71 4.97 7.23
C GLY G 118 1.63 4.16 5.94
N GLN G 119 1.13 4.81 4.89
CA GLN G 119 1.03 4.11 3.61
C GLN G 119 2.39 3.81 3.01
N GLY G 120 3.47 4.33 3.58
CA GLY G 120 4.79 4.14 3.04
C GLY G 120 5.15 5.19 2.00
N THR G 121 6.43 5.49 1.92
CA THR G 121 6.95 6.45 0.95
C THR G 121 8.11 5.80 0.21
N LEU G 122 7.98 5.66 -1.10
CA LEU G 122 9.03 5.06 -1.90
C LEU G 122 10.13 6.07 -2.17
N VAL G 123 11.38 5.66 -1.97
CA VAL G 123 12.55 6.46 -2.30
C VAL G 123 13.42 5.62 -3.22
N THR G 124 13.70 6.15 -4.41
CA THR G 124 14.51 5.46 -5.41
C THR G 124 15.80 6.24 -5.60
N VAL G 125 16.92 5.59 -5.32
CA VAL G 125 18.24 6.24 -5.36
C VAL G 125 19.00 5.70 -6.57
N GLY G 126 19.50 6.61 -7.41
CA GLY G 126 20.27 6.23 -8.57
C GLY G 126 19.45 5.54 -9.64
N SER H 1 28.98 53.78 19.67
CA SER H 1 30.15 53.11 19.04
C SER H 1 29.74 52.33 17.79
N GLY H 2 30.64 52.28 16.81
CA GLY H 2 30.36 51.58 15.57
C GLY H 2 29.97 52.53 14.46
N GLY H 3 30.63 52.42 13.32
CA GLY H 3 30.48 53.38 12.24
C GLY H 3 29.21 53.28 11.43
N GLY H 4 29.05 52.19 10.67
CA GLY H 4 27.95 52.07 9.72
C GLY H 4 27.01 50.92 9.96
N GLY H 5 25.71 51.24 10.11
CA GLY H 5 24.67 50.24 10.26
C GLY H 5 23.95 49.97 8.95
N SER H 6 22.82 49.28 9.05
CA SER H 6 22.13 48.81 7.86
C SER H 6 20.66 48.57 8.18
N GLN H 7 19.80 48.72 7.17
CA GLN H 7 18.40 48.38 7.33
C GLN H 7 18.16 46.88 7.38
N VAL H 8 19.19 46.07 7.08
CA VAL H 8 19.07 44.63 7.23
C VAL H 8 19.05 44.30 8.72
N GLN H 9 18.01 43.58 9.16
CA GLN H 9 17.85 43.20 10.55
C GLN H 9 17.58 41.71 10.63
N LEU H 10 18.18 41.06 11.63
CA LEU H 10 17.96 39.65 11.91
C LEU H 10 17.55 39.53 13.37
N VAL H 11 16.32 39.12 13.62
CA VAL H 11 15.78 38.99 14.97
C VAL H 11 15.58 37.51 15.25
N GLN H 12 16.20 37.02 16.32
CA GLN H 12 16.16 35.61 16.69
C GLN H 12 15.25 35.40 17.89
N SER H 13 14.85 34.14 18.07
CA SER H 13 13.99 33.77 19.18
C SER H 13 14.73 33.92 20.50
N GLY H 14 13.99 33.78 21.60
CA GLY H 14 14.53 34.00 22.93
C GLY H 14 15.31 32.82 23.45
N ALA H 15 15.93 33.03 24.61
CA ALA H 15 16.80 32.04 25.20
C ALA H 15 16.04 30.76 25.54
N GLU H 16 16.74 29.63 25.49
CA GLU H 16 16.15 28.32 25.71
C GLU H 16 16.93 27.58 26.79
N VAL H 17 16.23 26.80 27.59
CA VAL H 17 16.84 25.93 28.59
C VAL H 17 16.39 24.50 28.27
N LYS H 18 17.36 23.61 28.06
CA LYS H 18 17.09 22.30 27.49
C LYS H 18 17.80 21.22 28.31
N LYS H 19 17.13 20.06 28.45
CA LYS H 19 17.75 18.91 29.08
C LYS H 19 18.59 18.15 28.06
N PRO H 20 19.64 17.47 28.50
CA PRO H 20 20.44 16.67 27.55
C PRO H 20 19.58 15.61 26.88
N GLY H 21 19.71 15.50 25.57
CA GLY H 21 18.93 14.58 24.77
C GLY H 21 17.78 15.22 24.02
N ALA H 22 17.37 16.42 24.41
CA ALA H 22 16.27 17.10 23.76
C ALA H 22 16.77 17.79 22.49
N SER H 23 15.89 18.56 21.84
CA SER H 23 16.25 19.32 20.65
C SER H 23 15.71 20.74 20.78
N VAL H 24 16.49 21.70 20.30
CA VAL H 24 16.12 23.11 20.33
C VAL H 24 15.96 23.59 18.89
N LYS H 25 14.94 24.41 18.65
CA LYS H 25 14.67 24.97 17.33
C LYS H 25 14.68 26.50 17.45
N VAL H 26 15.76 27.13 16.97
CA VAL H 26 15.90 28.57 17.01
C VAL H 26 15.40 29.16 15.71
N SER H 27 14.82 30.35 15.79
CA SER H 27 14.28 31.05 14.62
C SER H 27 15.08 32.31 14.35
N CYS H 28 14.97 32.80 13.10
CA CYS H 28 15.72 33.97 12.66
C CYS H 28 14.85 34.69 11.63
N LYS H 29 14.17 35.75 12.05
CA LYS H 29 13.29 36.51 11.18
C LYS H 29 14.08 37.66 10.56
N ALA H 30 14.02 37.77 9.24
CA ALA H 30 14.80 38.74 8.50
C ALA H 30 13.91 39.87 7.97
N SER H 31 14.49 41.06 7.87
CA SER H 31 13.79 42.21 7.30
C SER H 31 14.83 43.14 6.70
N GLY H 32 14.35 44.05 5.85
CA GLY H 32 15.22 45.01 5.19
C GLY H 32 15.81 44.54 3.89
N TYR H 33 15.51 43.33 3.44
CA TYR H 33 16.02 42.82 2.18
C TYR H 33 15.12 41.69 1.72
N THR H 34 15.35 41.22 0.50
CA THR H 34 14.59 40.11 -0.06
C THR H 34 15.11 38.81 0.57
N PHE H 35 14.27 38.20 1.41
CA PHE H 35 14.71 37.03 2.18
C PHE H 35 15.20 35.91 1.28
N THR H 36 14.50 35.65 0.17
CA THR H 36 14.86 34.53 -0.69
C THR H 36 16.09 34.79 -1.55
N GLY H 37 16.66 35.99 -1.51
CA GLY H 37 17.79 36.33 -2.35
C GLY H 37 19.16 36.12 -1.74
N TYR H 38 19.24 35.73 -0.47
CA TYR H 38 20.51 35.58 0.21
C TYR H 38 20.51 34.30 1.03
N TYR H 39 21.61 33.57 0.97
CA TYR H 39 21.81 32.44 1.86
C TYR H 39 21.80 32.92 3.31
N MET H 40 21.37 32.03 4.21
CA MET H 40 21.39 32.29 5.64
C MET H 40 22.33 31.28 6.28
N HIS H 41 23.33 31.77 6.99
CA HIS H 41 24.30 30.93 7.69
C HIS H 41 23.98 30.90 9.18
N TRP H 42 24.48 29.88 9.85
CA TRP H 42 24.33 29.72 11.29
C TRP H 42 25.69 29.50 11.92
N VAL H 43 25.97 30.23 12.99
CA VAL H 43 27.26 30.20 13.67
C VAL H 43 26.99 30.26 15.17
N ARG H 44 27.60 29.36 15.92
CA ARG H 44 27.43 29.33 17.35
C ARG H 44 28.73 29.70 18.05
N GLN H 45 28.61 30.10 19.31
CA GLN H 45 29.77 30.51 20.10
C GLN H 45 29.53 30.07 21.54
N ALA H 46 30.34 29.14 22.01
CA ALA H 46 30.27 28.73 23.40
C ALA H 46 30.76 29.87 24.30
N PRO H 47 30.40 29.84 25.58
CA PRO H 47 30.85 30.91 26.50
C PRO H 47 32.36 31.02 26.53
N GLY H 48 32.87 32.19 26.19
CA GLY H 48 34.30 32.45 26.21
C GLY H 48 35.10 31.74 25.14
N GLN H 49 34.45 31.02 24.22
CA GLN H 49 35.14 30.30 23.17
C GLN H 49 35.04 31.08 21.85
N GLY H 50 35.42 30.44 20.76
CA GLY H 50 35.45 31.08 19.47
C GLY H 50 34.20 30.80 18.64
N LEU H 51 34.21 31.32 17.42
CA LEU H 51 33.10 31.13 16.50
C LEU H 51 33.18 29.74 15.87
N GLU H 52 32.03 29.08 15.78
CA GLU H 52 31.95 27.74 15.20
C GLU H 52 30.83 27.72 14.18
N TRP H 53 31.17 27.35 12.95
CA TRP H 53 30.21 27.34 11.86
C TRP H 53 29.41 26.05 11.85
N MET H 54 28.11 26.16 11.56
CA MET H 54 27.18 25.03 11.58
C MET H 54 26.67 24.64 10.21
N GLY H 55 26.32 25.61 9.37
CA GLY H 55 25.74 25.33 8.07
C GLY H 55 25.05 26.54 7.51
N TRP H 56 24.60 26.40 6.26
CA TRP H 56 23.79 27.43 5.61
C TRP H 56 22.57 26.80 4.96
N ILE H 57 21.64 27.66 4.55
CA ILE H 57 20.43 27.24 3.86
C ILE H 57 20.16 28.22 2.74
N ASN H 58 19.69 27.70 1.61
CA ASN H 58 19.19 28.51 0.51
C ASN H 58 17.71 28.79 0.76
N PRO H 59 17.33 29.98 1.25
CA PRO H 59 15.93 30.22 1.59
C PRO H 59 14.99 30.22 0.40
N ASN H 60 15.51 30.27 -0.83
CA ASN H 60 14.64 30.25 -1.99
C ASN H 60 14.24 28.81 -2.34
N SER H 61 15.21 27.89 -2.37
CA SER H 61 14.96 26.51 -2.73
C SER H 61 14.83 25.58 -1.51
N GLY H 62 15.41 25.95 -0.38
CA GLY H 62 15.41 25.09 0.78
C GLY H 62 16.60 24.15 0.88
N GLY H 63 17.54 24.23 -0.05
CA GLY H 63 18.72 23.40 0.03
C GLY H 63 19.59 23.78 1.21
N THR H 64 20.28 22.78 1.76
CA THR H 64 21.04 22.94 2.98
C THR H 64 22.45 22.40 2.81
N ASN H 65 23.33 22.81 3.72
CA ASN H 65 24.69 22.31 3.79
C ASN H 65 25.14 22.42 5.24
N TYR H 66 25.45 21.28 5.85
CA TYR H 66 25.76 21.20 7.27
C TYR H 66 27.23 20.89 7.48
N ALA H 67 27.83 21.56 8.46
CA ALA H 67 29.19 21.21 8.86
C ALA H 67 29.21 19.76 9.34
N GLN H 68 30.28 19.04 9.00
CA GLN H 68 30.35 17.61 9.30
C GLN H 68 30.17 17.36 10.79
N LYS H 69 30.62 18.28 11.64
CA LYS H 69 30.54 18.05 13.09
C LYS H 69 29.11 17.85 13.56
N PHE H 70 28.13 18.42 12.85
CA PHE H 70 26.74 18.36 13.27
C PHE H 70 25.85 17.55 12.35
N GLN H 71 26.41 16.95 11.29
CA GLN H 71 25.59 16.18 10.37
C GLN H 71 24.91 15.02 11.09
N GLY H 72 23.66 14.77 10.71
CA GLY H 72 22.83 13.81 11.41
C GLY H 72 22.21 14.34 12.68
N ARG H 73 22.40 15.62 12.99
CA ARG H 73 21.93 16.19 14.25
C ARG H 73 21.40 17.61 14.09
N VAL H 74 21.47 18.20 12.89
CA VAL H 74 21.08 19.58 12.68
C VAL H 74 20.10 19.64 11.50
N THR H 75 19.10 20.52 11.61
CA THR H 75 18.08 20.65 10.58
C THR H 75 17.82 22.13 10.35
N MET H 76 17.98 22.58 9.10
CA MET H 76 17.80 23.97 8.73
C MET H 76 16.65 24.08 7.75
N THR H 77 15.65 24.88 8.10
CA THR H 77 14.49 25.10 7.26
C THR H 77 14.18 26.59 7.21
N ARG H 78 13.20 26.96 6.39
CA ARG H 78 12.76 28.33 6.33
C ARG H 78 11.28 28.37 5.99
N ASP H 79 10.64 29.48 6.35
CA ASP H 79 9.24 29.75 6.02
C ASP H 79 9.24 31.11 5.30
N THR H 80 9.27 31.06 3.97
CA THR H 80 9.39 32.29 3.19
C THR H 80 8.18 33.20 3.40
N SER H 81 7.02 32.63 3.73
CA SER H 81 5.83 33.45 3.92
C SER H 81 6.02 34.44 5.06
N ILE H 82 6.86 34.10 6.03
CA ILE H 82 7.13 34.95 7.18
C ILE H 82 8.60 35.34 7.27
N SER H 83 9.37 35.13 6.21
CA SER H 83 10.77 35.56 6.15
C SER H 83 11.54 35.11 7.39
N THR H 84 11.40 33.83 7.72
CA THR H 84 11.99 33.29 8.94
C THR H 84 12.77 32.02 8.60
N ALA H 85 13.98 31.93 9.14
CA ALA H 85 14.82 30.74 9.00
C ALA H 85 14.91 30.03 10.35
N TYR H 86 15.08 28.71 10.30
CA TYR H 86 15.06 27.88 11.51
C TYR H 86 16.27 26.95 11.53
N MET H 87 16.87 26.84 12.71
CA MET H 87 17.95 25.88 12.96
C MET H 87 17.56 25.02 14.16
N GLU H 88 17.39 23.72 13.92
CA GLU H 88 17.06 22.78 14.99
C GLU H 88 18.27 21.91 15.26
N LEU H 89 18.73 21.91 16.51
CA LEU H 89 19.85 21.09 16.95
C LEU H 89 19.32 20.01 17.87
N SER H 90 19.46 18.75 17.47
CA SER H 90 18.92 17.62 18.19
C SER H 90 19.99 16.96 19.05
N ARG H 91 19.56 16.01 19.87
CA ARG H 91 20.43 15.25 20.76
C ARG H 91 21.41 16.19 21.46
N LEU H 92 20.83 17.18 22.14
CA LEU H 92 21.64 18.20 22.80
C LEU H 92 22.46 17.57 23.94
N ARG H 93 23.71 17.99 24.04
CA ARG H 93 24.59 17.60 25.14
C ARG H 93 25.15 18.86 25.79
N SER H 94 25.84 18.66 26.91
CA SER H 94 26.28 19.78 27.73
C SER H 94 27.12 20.76 26.93
N ASP H 95 28.07 20.25 26.14
CA ASP H 95 28.96 21.15 25.40
C ASP H 95 28.27 21.86 24.24
N ASP H 96 26.97 21.62 24.03
CA ASP H 96 26.22 22.44 23.08
C ASP H 96 25.79 23.77 23.66
N THR H 97 25.99 23.99 24.97
CA THR H 97 25.69 25.28 25.57
C THR H 97 26.48 26.37 24.84
N ALA H 98 25.77 27.32 24.24
CA ALA H 98 26.40 28.34 23.43
C ALA H 98 25.35 29.35 22.98
N VAL H 99 25.82 30.45 22.43
CA VAL H 99 24.98 31.43 21.76
C VAL H 99 24.94 31.08 20.28
N TYR H 100 23.74 31.01 19.71
CA TYR H 100 23.55 30.62 18.31
C TYR H 100 23.12 31.85 17.51
N TYR H 101 23.89 32.16 16.46
CA TYR H 101 23.62 33.31 15.60
C TYR H 101 23.20 32.84 14.22
N CYS H 102 22.37 33.65 13.56
CA CYS H 102 22.17 33.59 12.13
C CYS H 102 22.88 34.76 11.48
N ALA H 103 23.46 34.53 10.30
CA ALA H 103 24.24 35.55 9.63
C ALA H 103 23.95 35.54 8.14
N ARG H 104 23.97 36.72 7.54
CA ARG H 104 23.77 36.90 6.11
C ARG H 104 24.99 37.57 5.51
N GLY H 105 25.39 37.13 4.33
CA GLY H 105 26.53 37.72 3.66
C GLY H 105 26.29 39.18 3.31
N LYS H 106 27.39 39.91 3.12
CA LYS H 106 27.26 41.33 2.78
C LYS H 106 26.69 41.50 1.39
N ASN H 107 26.99 40.59 0.47
CA ASN H 107 26.38 40.58 -0.85
C ASN H 107 26.32 39.14 -1.34
N SER H 108 25.47 38.92 -2.35
CA SER H 108 25.23 37.56 -2.83
C SER H 108 26.42 36.96 -3.58
N ASP H 109 27.42 37.76 -3.95
CA ASP H 109 28.56 37.21 -4.66
C ASP H 109 29.47 36.39 -3.75
N TYR H 110 29.43 36.65 -2.44
CA TYR H 110 30.27 35.92 -1.49
C TYR H 110 29.58 35.97 -0.13
N ASN H 111 28.89 34.87 0.20
CA ASN H 111 28.06 34.83 1.40
C ASN H 111 28.86 34.68 2.68
N TRP H 112 30.13 34.31 2.60
CA TRP H 112 30.92 34.02 3.80
C TRP H 112 31.36 35.28 4.53
N ASP H 113 31.25 36.45 3.91
CA ASP H 113 31.52 37.72 4.59
C ASP H 113 30.28 38.09 5.39
N PHE H 114 30.24 37.64 6.65
CA PHE H 114 29.07 37.83 7.49
C PHE H 114 28.96 39.28 7.94
N GLN H 115 28.29 40.09 7.12
CA GLN H 115 28.08 41.50 7.44
C GLN H 115 26.93 41.70 8.42
N HIS H 116 25.96 40.79 8.43
CA HIS H 116 24.75 40.95 9.20
C HIS H 116 24.59 39.76 10.14
N TRP H 117 24.25 40.05 11.39
CA TRP H 117 24.10 39.03 12.43
C TRP H 117 22.83 39.28 13.21
N GLY H 118 22.24 38.21 13.72
CA GLY H 118 21.19 38.34 14.71
C GLY H 118 21.76 38.64 16.08
N GLN H 119 20.88 38.98 17.01
CA GLN H 119 21.34 39.27 18.37
C GLN H 119 21.83 38.02 19.08
N GLY H 120 21.59 36.84 18.53
CA GLY H 120 22.01 35.60 19.16
C GLY H 120 20.94 34.99 20.03
N THR H 121 20.98 33.67 20.15
CA THR H 121 20.07 32.92 21.00
C THR H 121 20.90 32.05 21.93
N LEU H 122 20.81 32.30 23.23
CA LEU H 122 21.48 31.47 24.21
C LEU H 122 20.72 30.17 24.41
N VAL H 123 21.44 29.06 24.37
CA VAL H 123 20.87 27.74 24.62
C VAL H 123 21.71 27.09 25.71
N THR H 124 21.11 26.85 26.87
CA THR H 124 21.79 26.23 28.00
C THR H 124 21.30 24.80 28.12
N VAL H 125 22.22 23.85 28.01
CA VAL H 125 21.91 22.42 28.06
C VAL H 125 22.31 21.91 29.44
N GLY H 126 21.34 21.36 30.17
CA GLY H 126 21.55 20.89 31.53
C GLY H 126 22.88 20.22 31.80
N ASP I 1 52.46 19.59 -4.93
CA ASP I 1 51.36 20.40 -5.55
C ASP I 1 50.31 19.49 -6.17
N VAL I 2 49.10 20.02 -6.34
CA VAL I 2 48.02 19.24 -6.97
C VAL I 2 48.39 18.97 -8.41
N VAL I 3 48.47 17.69 -8.77
CA VAL I 3 48.83 17.28 -10.12
C VAL I 3 47.56 17.08 -10.93
N MET I 4 47.51 17.69 -12.11
CA MET I 4 46.39 17.56 -13.04
C MET I 4 46.83 16.73 -14.23
N SER I 5 46.24 15.55 -14.39
CA SER I 5 46.63 14.59 -15.42
C SER I 5 45.54 14.53 -16.48
N GLN I 6 45.83 15.05 -17.66
CA GLN I 6 44.90 15.01 -18.78
C GLN I 6 45.23 13.85 -19.70
N SER I 7 44.19 13.36 -20.39
CA SER I 7 44.36 12.29 -21.37
C SER I 7 43.23 12.41 -22.38
N PRO I 8 43.47 12.14 -23.67
CA PRO I 8 44.76 11.78 -24.25
C PRO I 8 45.67 13.00 -24.40
N SER I 9 46.94 12.76 -24.76
CA SER I 9 47.83 13.87 -25.06
C SER I 9 47.36 14.63 -26.30
N SER I 10 46.90 13.91 -27.31
CA SER I 10 46.37 14.52 -28.51
C SER I 10 45.56 13.48 -29.28
N LEU I 11 44.73 13.96 -30.20
CA LEU I 11 43.99 13.08 -31.09
C LEU I 11 43.51 13.90 -32.27
N THR I 12 43.24 13.20 -33.37
CA THR I 12 42.68 13.80 -34.57
C THR I 12 41.39 13.06 -34.92
N VAL I 13 40.33 13.81 -35.20
CA VAL I 13 39.03 13.25 -35.51
C VAL I 13 38.48 13.97 -36.74
N SER I 14 37.33 13.51 -37.21
CA SER I 14 36.63 14.12 -38.33
C SER I 14 35.49 14.98 -37.83
N LEU I 15 35.06 15.91 -38.68
CA LEU I 15 33.95 16.79 -38.34
C LEU I 15 32.73 15.97 -37.89
N GLY I 16 32.14 16.40 -36.79
CA GLY I 16 30.93 15.78 -36.27
C GLY I 16 31.16 14.70 -35.23
N GLU I 17 32.37 14.16 -35.13
CA GLU I 17 32.64 13.13 -34.15
C GLU I 17 32.48 13.67 -32.73
N LYS I 18 32.17 12.77 -31.81
CA LYS I 18 32.13 13.09 -30.38
C LYS I 18 33.52 12.93 -29.80
N VAL I 19 33.98 13.95 -29.07
CA VAL I 19 35.30 13.95 -28.44
C VAL I 19 35.12 13.89 -26.94
N THR I 20 35.85 12.98 -26.29
CA THR I 20 35.84 12.85 -24.84
C THR I 20 37.27 12.95 -24.35
N MET I 21 37.53 13.92 -23.47
CA MET I 21 38.84 14.11 -22.89
C MET I 21 38.69 14.18 -21.37
N THR I 22 39.70 13.67 -20.67
CA THR I 22 39.60 13.45 -19.24
C THR I 22 40.68 14.23 -18.51
N CYS I 23 40.35 14.67 -17.30
CA CYS I 23 41.28 15.36 -16.41
C CYS I 23 41.13 14.77 -15.02
N LYS I 24 42.22 14.28 -14.45
CA LYS I 24 42.21 13.68 -13.12
C LYS I 24 43.17 14.46 -12.22
N SER I 25 42.68 14.90 -11.07
CA SER I 25 43.48 15.62 -10.10
C SER I 25 43.97 14.67 -9.02
N SER I 26 45.22 14.85 -8.60
CA SER I 26 45.79 14.05 -7.52
C SER I 26 45.03 14.22 -6.22
N GLN I 27 44.13 15.20 -6.13
CA GLN I 27 43.50 15.57 -4.87
C GLN I 27 42.14 16.16 -5.20
N SER I 28 41.15 15.84 -4.37
CA SER I 28 39.79 16.31 -4.62
C SER I 28 39.74 17.82 -4.65
N LEU I 29 38.99 18.35 -5.61
CA LEU I 29 38.81 19.79 -5.78
C LEU I 29 37.44 20.26 -5.30
N LEU I 30 36.72 19.44 -4.56
CA LEU I 30 35.39 19.77 -4.06
C LEU I 30 35.50 20.27 -2.62
N TYR I 31 35.12 21.53 -2.41
CA TYR I 31 35.03 22.07 -1.06
C TYR I 31 33.62 21.81 -0.52
N SER I 32 33.54 21.14 0.62
CA SER I 32 32.24 20.75 1.17
C SER I 32 31.42 21.95 1.60
N GLY I 33 32.06 23.06 1.97
CA GLY I 33 31.32 24.20 2.47
C GLY I 33 30.41 24.85 1.45
N ASN I 34 30.76 24.75 0.17
CA ASN I 34 29.90 25.25 -0.90
C ASN I 34 29.63 24.21 -1.97
N GLN I 35 30.14 22.99 -1.83
CA GLN I 35 29.85 21.90 -2.77
C GLN I 35 30.16 22.32 -4.21
N LYS I 36 31.20 23.13 -4.38
CA LYS I 36 31.67 23.52 -5.70
C LYS I 36 33.00 22.84 -5.99
N ASN I 37 33.17 22.39 -7.24
CA ASN I 37 34.44 21.88 -7.72
C ASN I 37 35.23 23.02 -8.35
N TYR I 38 36.42 23.28 -7.82
CA TYR I 38 37.27 24.36 -8.30
C TYR I 38 38.08 23.86 -9.49
N LEU I 39 37.37 23.61 -10.58
CA LEU I 39 37.96 23.10 -11.81
C LEU I 39 37.56 24.01 -12.97
N ALA I 40 38.49 24.24 -13.88
CA ALA I 40 38.23 25.08 -15.04
C ALA I 40 38.84 24.44 -16.27
N TRP I 41 38.18 24.62 -17.41
CA TRP I 41 38.69 24.20 -18.70
C TRP I 41 39.02 25.42 -19.54
N TYR I 42 40.18 25.39 -20.19
CA TYR I 42 40.61 26.48 -21.06
C TYR I 42 40.85 25.95 -22.46
N GLN I 43 40.52 26.76 -23.45
CA GLN I 43 40.69 26.43 -24.86
C GLN I 43 41.70 27.40 -25.47
N GLN I 44 42.75 26.86 -26.07
CA GLN I 44 43.80 27.67 -26.71
C GLN I 44 43.82 27.33 -28.19
N LYS I 45 43.22 28.19 -29.01
CA LYS I 45 43.27 28.00 -30.45
C LYS I 45 44.64 28.42 -30.98
N PRO I 46 45.06 27.87 -32.12
CA PRO I 46 46.40 28.20 -32.64
C PRO I 46 46.57 29.69 -32.83
N GLY I 47 47.74 30.19 -32.43
CA GLY I 47 48.04 31.61 -32.51
C GLY I 47 47.33 32.47 -31.49
N GLN I 48 46.33 31.95 -30.79
CA GLN I 48 45.62 32.68 -29.76
C GLN I 48 46.17 32.31 -28.38
N SER I 49 45.65 32.98 -27.37
CA SER I 49 45.94 32.66 -25.99
C SER I 49 44.84 31.79 -25.41
N PRO I 50 45.07 31.15 -24.27
CA PRO I 50 44.00 30.40 -23.61
C PRO I 50 42.78 31.28 -23.35
N LYS I 51 41.60 30.68 -23.44
CA LYS I 51 40.35 31.37 -23.17
C LYS I 51 39.46 30.50 -22.31
N LEU I 52 38.83 31.12 -21.31
CA LEU I 52 38.00 30.37 -20.37
C LEU I 52 36.84 29.72 -21.10
N LEU I 53 36.74 28.40 -20.99
CA LEU I 53 35.68 27.63 -21.60
C LEU I 53 34.62 27.20 -20.60
N ILE I 54 35.04 26.59 -19.49
CA ILE I 54 34.15 26.11 -18.45
C ILE I 54 34.80 26.35 -17.10
N TYR I 55 33.99 26.69 -16.10
CA TYR I 55 34.48 26.87 -14.73
C TYR I 55 33.48 26.22 -13.78
N TRP I 56 33.91 26.06 -12.52
CA TRP I 56 33.16 25.26 -11.54
C TRP I 56 32.85 23.86 -12.08
N ALA I 57 33.72 23.37 -12.99
CA ALA I 57 33.64 22.02 -13.52
C ALA I 57 32.60 21.86 -14.61
N SER I 58 31.45 22.53 -14.49
CA SER I 58 30.34 22.29 -15.39
C SER I 58 29.65 23.54 -15.93
N THR I 59 30.08 24.73 -15.51
CA THR I 59 29.42 25.96 -15.94
C THR I 59 30.13 26.53 -17.16
N ARG I 60 29.37 26.76 -18.23
CA ARG I 60 29.91 27.32 -19.46
C ARG I 60 30.09 28.82 -19.33
N GLU I 61 31.21 29.32 -19.84
CA GLU I 61 31.40 30.75 -19.97
C GLU I 61 30.51 31.30 -21.08
N SER I 62 30.19 32.59 -20.97
CA SER I 62 29.34 33.24 -21.97
C SER I 62 29.88 32.99 -23.37
N GLY I 63 28.98 32.63 -24.29
CA GLY I 63 29.34 32.40 -25.66
C GLY I 63 29.77 31.00 -26.00
N VAL I 64 30.01 30.14 -25.01
CA VAL I 64 30.43 28.77 -25.25
C VAL I 64 29.22 27.94 -25.66
N PRO I 65 29.21 27.32 -26.83
CA PRO I 65 28.03 26.56 -27.25
C PRO I 65 27.79 25.35 -26.36
N ASP I 66 26.53 24.91 -26.33
CA ASP I 66 26.17 23.70 -25.60
C ASP I 66 26.93 22.49 -26.12
N ARG I 67 27.50 22.59 -27.32
CA ARG I 67 28.38 21.55 -27.84
C ARG I 67 29.39 21.09 -26.80
N PHE I 68 29.91 22.03 -26.01
CA PHE I 68 30.86 21.72 -24.96
C PHE I 68 30.12 21.47 -23.65
N THR I 69 30.52 20.40 -22.95
CA THR I 69 29.89 20.04 -21.68
C THR I 69 30.96 19.52 -20.74
N GLY I 70 31.12 20.19 -19.60
CA GLY I 70 32.04 19.76 -18.56
C GLY I 70 31.28 19.05 -17.45
N SER I 71 31.86 17.94 -16.98
CA SER I 71 31.21 17.12 -15.98
C SER I 71 32.26 16.56 -15.02
N GLY I 72 31.77 15.89 -13.98
CA GLY I 72 32.64 15.26 -12.99
C GLY I 72 32.59 15.98 -11.66
N SER I 73 33.12 15.30 -10.65
CA SER I 73 33.19 15.84 -9.30
C SER I 73 34.31 15.14 -8.54
N GLY I 74 34.86 15.84 -7.55
CA GLY I 74 35.95 15.30 -6.77
C GLY I 74 37.27 15.36 -7.51
N THR I 75 37.69 14.23 -8.07
CA THR I 75 38.97 14.13 -8.75
C THR I 75 38.88 13.79 -10.23
N ASP I 76 37.80 13.16 -10.67
CA ASP I 76 37.66 12.70 -12.06
C ASP I 76 36.74 13.66 -12.80
N PHE I 77 37.30 14.42 -13.75
CA PHE I 77 36.55 15.39 -14.51
C PHE I 77 36.63 15.07 -15.98
N THR I 78 35.61 15.49 -16.74
CA THR I 78 35.50 15.16 -18.15
C THR I 78 35.01 16.37 -18.93
N LEU I 79 35.55 16.54 -20.13
CA LEU I 79 35.08 17.54 -21.08
C LEU I 79 34.70 16.81 -22.36
N ILE I 80 33.48 17.05 -22.85
CA ILE I 80 32.96 16.35 -24.01
C ILE I 80 32.50 17.37 -25.05
N ILE I 81 32.95 17.19 -26.28
CA ILE I 81 32.43 17.93 -27.43
C ILE I 81 31.48 16.98 -28.15
N SER I 82 30.17 17.28 -28.07
CA SER I 82 29.18 16.36 -28.62
C SER I 82 29.41 16.13 -30.11
N SER I 83 29.54 17.22 -30.88
CA SER I 83 29.74 17.14 -32.32
C SER I 83 30.77 18.20 -32.69
N VAL I 84 32.01 17.76 -32.94
CA VAL I 84 33.12 18.67 -33.11
C VAL I 84 32.96 19.44 -34.41
N LYS I 85 33.24 20.74 -34.37
CA LYS I 85 33.31 21.59 -35.55
C LYS I 85 34.75 21.99 -35.81
N ALA I 86 34.99 22.59 -36.97
CA ALA I 86 36.35 23.00 -37.34
C ALA I 86 36.92 23.98 -36.32
N GLU I 87 36.11 24.96 -35.89
CA GLU I 87 36.56 25.96 -34.94
C GLU I 87 37.04 25.36 -33.62
N ASP I 88 36.75 24.09 -33.36
CA ASP I 88 37.13 23.45 -32.10
C ASP I 88 38.59 23.03 -32.07
N LEU I 89 39.32 23.18 -33.17
CA LEU I 89 40.73 22.83 -33.19
C LEU I 89 41.49 23.72 -32.22
N ALA I 90 42.06 23.11 -31.18
CA ALA I 90 42.73 23.86 -30.12
C ALA I 90 43.29 22.87 -29.11
N VAL I 91 44.03 23.40 -28.15
CA VAL I 91 44.52 22.63 -27.00
C VAL I 91 43.64 22.96 -25.81
N TYR I 92 43.18 21.92 -25.12
CA TYR I 92 42.24 22.07 -24.00
C TYR I 92 42.96 21.76 -22.70
N TYR I 93 43.02 22.74 -21.81
CA TYR I 93 43.69 22.62 -20.52
C TYR I 93 42.67 22.61 -19.40
N CYS I 94 42.89 21.76 -18.41
CA CYS I 94 42.16 21.85 -17.15
C CYS I 94 43.04 22.52 -16.09
N GLN I 95 42.38 23.13 -15.12
CA GLN I 95 43.08 23.87 -14.07
C GLN I 95 42.32 23.71 -12.76
N GLN I 96 43.04 23.43 -11.68
CA GLN I 96 42.48 23.52 -10.34
C GLN I 96 42.87 24.86 -9.75
N PHE I 97 41.91 25.53 -9.12
CA PHE I 97 42.14 26.85 -8.55
C PHE I 97 41.61 26.92 -7.13
N TYR I 98 41.75 25.84 -6.37
CA TYR I 98 41.42 25.83 -4.95
C TYR I 98 42.66 25.84 -4.06
N PHE I 99 43.67 25.05 -4.42
CA PHE I 99 44.88 24.93 -3.63
C PHE I 99 46.00 25.73 -4.29
N TYR I 100 46.59 26.65 -3.53
CA TYR I 100 47.77 27.34 -4.02
C TYR I 100 48.97 26.39 -3.94
N PRO I 101 49.80 26.31 -5.00
CA PRO I 101 49.68 27.02 -6.28
C PRO I 101 48.63 26.41 -7.21
N TRP I 102 47.83 27.27 -7.85
CA TRP I 102 46.85 26.84 -8.83
C TRP I 102 47.56 26.17 -10.00
N THR I 103 47.25 24.90 -10.25
CA THR I 103 47.98 24.12 -11.24
C THR I 103 47.11 23.78 -12.45
N PHE I 104 47.76 23.74 -13.61
CA PHE I 104 47.14 23.35 -14.88
C PHE I 104 47.53 21.92 -15.23
N GLY I 105 46.77 21.34 -16.16
CA GLY I 105 47.12 20.07 -16.74
C GLY I 105 48.02 20.24 -17.97
N GLY I 106 48.52 19.11 -18.46
CA GLY I 106 49.38 19.11 -19.63
C GLY I 106 48.66 19.38 -20.94
N GLY I 107 47.33 19.37 -20.94
CA GLY I 107 46.56 19.74 -22.12
C GLY I 107 46.29 18.56 -23.03
N THR I 108 45.19 18.67 -23.78
CA THR I 108 44.84 17.71 -24.83
C THR I 108 44.73 18.48 -26.13
N LYS I 109 45.59 18.15 -27.10
CA LYS I 109 45.57 18.81 -28.40
C LYS I 109 44.57 18.10 -29.30
N LEU I 110 43.61 18.84 -29.83
CA LEU I 110 42.53 18.30 -30.65
C LEU I 110 42.71 18.79 -32.08
N GLU I 111 43.06 17.88 -32.98
CA GLU I 111 43.17 18.17 -34.39
C GLU I 111 41.93 17.66 -35.12
N ILE I 112 41.60 18.31 -36.24
CA ILE I 112 40.40 17.99 -37.00
C ILE I 112 40.75 17.95 -38.47
N LYS I 113 40.31 16.90 -39.16
CA LYS I 113 40.51 16.79 -40.60
C LYS I 113 39.92 18.01 -41.31
N GLY I 114 40.78 18.78 -41.95
CA GLY I 114 40.37 19.96 -42.68
C GLY I 114 40.77 21.28 -42.03
N GLY I 115 41.25 21.26 -40.79
CA GLY I 115 41.76 22.45 -40.16
C GLY I 115 40.78 23.08 -39.19
N GLY I 116 41.18 24.24 -38.68
CA GLY I 116 40.46 24.93 -37.64
C GLY I 116 39.46 25.95 -38.17
N GLY I 117 38.91 26.73 -37.23
CA GLY I 117 37.84 27.66 -37.52
C GLY I 117 38.10 28.61 -38.67
N SER I 118 37.06 28.84 -39.47
CA SER I 118 37.15 29.76 -40.59
C SER I 118 38.28 29.38 -41.53
N GLU J 4 35.99 46.80 -25.88
CA GLU J 4 35.52 45.74 -24.95
C GLU J 4 36.61 45.43 -23.93
N VAL J 5 36.45 44.30 -23.23
CA VAL J 5 37.43 43.88 -22.24
C VAL J 5 38.69 43.40 -22.94
N LYS J 6 39.83 43.99 -22.60
CA LYS J 6 41.08 43.69 -23.27
C LYS J 6 42.24 43.89 -22.31
N LEU J 7 43.26 43.04 -22.43
CA LEU J 7 44.50 43.14 -21.68
C LEU J 7 45.66 43.09 -22.66
N VAL J 8 46.64 43.99 -22.46
CA VAL J 8 47.80 44.09 -23.34
C VAL J 8 49.05 44.11 -22.49
N GLU J 9 49.92 43.14 -22.70
CA GLU J 9 51.18 43.04 -21.97
C GLU J 9 52.31 43.64 -22.78
N SER J 10 53.34 44.11 -22.08
CA SER J 10 54.55 44.61 -22.70
C SER J 10 55.67 44.54 -21.68
N GLY J 11 56.90 44.67 -22.18
CA GLY J 11 58.09 44.62 -21.36
C GLY J 11 58.98 43.43 -21.60
N GLY J 12 58.44 42.36 -22.17
CA GLY J 12 59.24 41.18 -22.48
C GLY J 12 60.47 41.54 -23.27
N ASP J 13 61.51 40.71 -23.18
CA ASP J 13 62.76 40.98 -23.89
C ASP J 13 63.68 39.77 -23.71
N PHE J 14 64.77 39.78 -24.46
CA PHE J 14 65.84 38.80 -24.27
C PHE J 14 66.74 39.28 -23.14
N VAL J 15 67.00 38.38 -22.18
CA VAL J 15 67.80 38.71 -21.01
C VAL J 15 68.75 37.56 -20.71
N LYS J 16 69.79 37.86 -19.94
CA LYS J 16 70.75 36.83 -19.54
C LYS J 16 70.39 36.27 -18.17
N PRO J 17 70.80 35.03 -17.87
CA PRO J 17 70.59 34.50 -16.53
C PRO J 17 71.04 35.48 -15.47
N GLY J 18 70.28 35.57 -14.38
CA GLY J 18 70.56 36.51 -13.32
C GLY J 18 70.06 37.92 -13.57
N GLY J 19 69.57 38.21 -14.76
CA GLY J 19 69.10 39.54 -15.09
C GLY J 19 67.76 39.85 -14.43
N SER J 20 67.30 41.07 -14.66
CA SER J 20 66.03 41.55 -14.14
C SER J 20 65.18 42.08 -15.29
N LEU J 21 63.88 42.16 -15.03
CA LEU J 21 62.92 42.63 -16.02
C LEU J 21 61.64 42.98 -15.30
N LYS J 22 60.93 43.98 -15.82
CA LYS J 22 59.62 44.38 -15.30
C LYS J 22 58.62 44.37 -16.44
N LEU J 23 57.61 43.51 -16.33
CA LEU J 23 56.54 43.45 -17.32
C LEU J 23 55.41 44.37 -16.90
N SER J 24 54.63 44.81 -17.88
CA SER J 24 53.50 45.69 -17.63
C SER J 24 52.31 45.22 -18.44
N CYS J 25 51.12 45.51 -17.93
CA CYS J 25 49.87 45.08 -18.56
C CYS J 25 48.88 46.23 -18.49
N ALA J 26 48.42 46.68 -19.66
CA ALA J 26 47.42 47.74 -19.74
C ALA J 26 46.04 47.10 -19.81
N ALA J 27 45.18 47.45 -18.85
CA ALA J 27 43.84 46.89 -18.76
C ALA J 27 42.80 47.93 -19.14
N SER J 28 41.81 47.51 -19.91
CA SER J 28 40.74 48.39 -20.35
C SER J 28 39.48 47.57 -20.54
N GLY J 29 38.35 48.28 -20.65
CA GLY J 29 37.06 47.66 -20.89
C GLY J 29 36.30 47.26 -19.64
N PHE J 30 36.92 47.35 -18.46
CA PHE J 30 36.25 46.95 -17.22
C PHE J 30 36.87 47.72 -16.06
N THR J 31 36.16 47.73 -14.95
CA THR J 31 36.63 48.41 -13.75
C THR J 31 37.81 47.66 -13.15
N PHE J 32 39.03 48.01 -13.57
CA PHE J 32 40.23 47.30 -13.16
C PHE J 32 40.36 47.24 -11.64
N SER J 33 39.96 48.31 -10.96
CA SER J 33 40.19 48.41 -9.52
C SER J 33 39.36 47.44 -8.70
N ASN J 34 38.42 46.72 -9.31
CA ASN J 34 37.55 45.80 -8.58
C ASN J 34 37.90 44.34 -8.79
N SER J 35 38.81 44.02 -9.71
CA SER J 35 39.13 42.64 -10.06
C SER J 35 40.51 42.26 -9.55
N ALA J 36 40.62 41.06 -9.00
CA ALA J 36 41.93 40.48 -8.77
C ALA J 36 42.57 40.13 -10.10
N MET J 37 43.90 40.11 -10.12
CA MET J 37 44.66 39.87 -11.33
C MET J 37 45.77 38.86 -11.06
N SER J 38 46.10 38.07 -12.07
CA SER J 38 47.17 37.10 -11.98
C SER J 38 48.06 37.17 -13.21
N TRP J 39 49.28 36.70 -13.07
CA TRP J 39 50.19 36.46 -14.17
C TRP J 39 50.31 34.96 -14.39
N VAL J 40 50.23 34.53 -15.65
CA VAL J 40 50.37 33.13 -16.02
C VAL J 40 51.38 33.05 -17.16
N ARG J 41 52.34 32.15 -17.05
CA ARG J 41 53.35 31.96 -18.08
C ARG J 41 53.11 30.65 -18.82
N GLN J 42 53.52 30.63 -20.08
CA GLN J 42 53.46 29.41 -20.89
C GLN J 42 54.85 29.14 -21.44
N THR J 43 55.42 27.99 -21.07
CA THR J 43 56.77 27.65 -21.43
C THR J 43 56.88 27.33 -22.92
N PRO J 44 58.10 27.25 -23.45
CA PRO J 44 58.26 26.84 -24.85
C PRO J 44 57.58 25.52 -25.18
N GLU J 45 57.51 24.60 -24.21
CA GLU J 45 56.82 23.33 -24.41
C GLU J 45 55.31 23.44 -24.19
N LYS J 46 54.78 24.65 -24.12
CA LYS J 46 53.35 24.93 -23.99
C LYS J 46 52.79 24.55 -22.63
N ARG J 47 53.64 24.29 -21.64
CA ARG J 47 53.17 24.06 -20.29
C ARG J 47 52.73 25.39 -19.67
N LEU J 48 51.57 25.37 -19.00
CA LEU J 48 51.02 26.55 -18.35
C LEU J 48 51.38 26.52 -16.86
N GLU J 49 51.94 27.63 -16.38
CA GLU J 49 52.33 27.75 -14.97
C GLU J 49 51.84 29.09 -14.45
N TRP J 50 51.04 29.05 -13.39
CA TRP J 50 50.61 30.27 -12.70
C TRP J 50 51.81 30.90 -11.99
N VAL J 51 51.87 32.23 -12.00
CA VAL J 51 53.05 32.97 -11.55
C VAL J 51 52.75 33.80 -10.32
N ALA J 52 51.63 34.53 -10.33
CA ALA J 52 51.34 35.43 -9.22
C ALA J 52 49.88 35.83 -9.26
N THR J 53 49.39 36.28 -8.09
CA THR J 53 48.05 36.83 -7.96
C THR J 53 48.12 38.05 -7.06
N ILE J 54 47.18 38.96 -7.27
CA ILE J 54 47.06 40.17 -6.46
C ILE J 54 45.59 40.55 -6.42
N ASN J 55 45.12 40.96 -5.24
CA ASN J 55 43.71 41.29 -5.08
C ASN J 55 43.45 42.73 -5.53
N ASN J 56 42.20 43.15 -5.41
CA ASN J 56 41.72 44.36 -6.09
C ASN J 56 42.56 45.58 -5.75
N ASN J 57 42.87 45.79 -4.47
CA ASN J 57 43.56 46.99 -4.03
C ASN J 57 45.03 46.75 -3.70
N GLY J 58 45.55 45.55 -4.01
CA GLY J 58 46.96 45.26 -3.80
C GLY J 58 47.33 44.83 -2.40
N GLY J 59 46.38 44.80 -1.46
CA GLY J 59 46.70 44.42 -0.11
C GLY J 59 47.04 42.96 0.08
N TYR J 60 46.78 42.12 -0.93
CA TYR J 60 47.10 40.70 -0.86
C TYR J 60 47.80 40.27 -2.14
N THR J 61 48.91 39.55 -1.98
CA THR J 61 49.64 38.94 -3.09
C THR J 61 49.93 37.49 -2.74
N HIS J 62 50.21 36.70 -3.77
CA HIS J 62 50.62 35.31 -3.56
C HIS J 62 51.34 34.80 -4.79
N TYR J 63 52.33 33.96 -4.56
CA TYR J 63 53.11 33.33 -5.62
C TYR J 63 53.39 31.89 -5.26
N PRO J 64 53.83 31.06 -6.20
CA PRO J 64 54.43 29.78 -5.81
C PRO J 64 55.72 30.00 -5.04
N ASP J 65 55.93 29.20 -4.01
CA ASP J 65 57.04 29.43 -3.10
C ASP J 65 58.38 29.52 -3.83
N THR J 66 58.48 28.91 -5.00
CA THR J 66 59.72 28.94 -5.77
C THR J 66 59.93 30.24 -6.54
N LEU J 67 58.95 31.16 -6.50
CA LEU J 67 59.04 32.41 -7.23
C LEU J 67 58.90 33.65 -6.36
N LYS J 68 58.40 33.53 -5.14
CA LYS J 68 58.07 34.71 -4.36
C LYS J 68 59.31 35.57 -4.05
N ASP J 69 60.48 34.94 -3.98
CA ASP J 69 61.70 35.68 -3.68
C ASP J 69 62.23 36.44 -4.89
N ARG J 70 61.86 36.04 -6.10
CA ARG J 70 62.37 36.64 -7.32
C ARG J 70 61.32 37.41 -8.10
N PHE J 71 60.04 37.21 -7.81
CA PHE J 71 58.95 37.83 -8.56
C PHE J 71 58.12 38.71 -7.64
N THR J 72 57.62 39.81 -8.19
CA THR J 72 56.79 40.74 -7.42
C THR J 72 55.70 41.28 -8.33
N ILE J 73 54.46 41.01 -7.98
CA ILE J 73 53.31 41.52 -8.70
C ILE J 73 52.84 42.79 -8.00
N SER J 74 52.63 43.85 -8.77
CA SER J 74 52.17 45.12 -8.22
C SER J 74 51.07 45.67 -9.12
N ARG J 75 50.44 46.75 -8.67
CA ARG J 75 49.19 47.21 -9.24
C ARG J 75 49.12 48.73 -9.16
N ASP J 76 48.57 49.34 -10.21
CA ASP J 76 48.34 50.79 -10.25
C ASP J 76 46.91 51.02 -10.71
N ASN J 77 46.00 51.23 -9.74
CA ASN J 77 44.59 51.36 -10.05
C ASN J 77 44.20 52.72 -10.60
N VAL J 78 45.14 53.67 -10.65
CA VAL J 78 44.86 54.94 -11.32
C VAL J 78 45.12 54.81 -12.81
N LYS J 79 46.29 54.27 -13.17
CA LYS J 79 46.63 54.04 -14.57
C LYS J 79 45.96 52.79 -15.13
N ASN J 80 45.36 51.96 -14.29
CA ASN J 80 44.78 50.68 -14.72
C ASN J 80 45.87 49.80 -15.35
N THR J 81 46.91 49.54 -14.57
CA THR J 81 48.08 48.82 -15.05
C THR J 81 48.50 47.79 -14.02
N LEU J 82 48.92 46.62 -14.52
CA LEU J 82 49.47 45.55 -13.70
C LEU J 82 50.93 45.35 -14.08
N TYR J 83 51.75 45.00 -13.08
CA TYR J 83 53.18 44.87 -13.28
C TYR J 83 53.66 43.53 -12.72
N LEU J 84 54.85 43.13 -13.19
CA LEU J 84 55.53 41.94 -12.67
C LEU J 84 57.03 42.23 -12.69
N GLN J 85 57.59 42.50 -11.52
CA GLN J 85 59.03 42.69 -11.39
C GLN J 85 59.70 41.33 -11.24
N MET J 86 60.69 41.07 -12.09
CA MET J 86 61.42 39.81 -12.09
C MET J 86 62.89 40.08 -11.88
N SER J 87 63.54 39.24 -11.07
CA SER J 87 64.97 39.36 -10.80
C SER J 87 65.56 37.96 -10.65
N SER J 88 66.88 37.89 -10.78
CA SER J 88 67.60 36.62 -10.73
C SER J 88 66.98 35.61 -11.69
N LEU J 89 66.70 36.06 -12.91
CA LEU J 89 66.01 35.24 -13.89
C LEU J 89 66.83 33.99 -14.22
N ARG J 90 66.14 32.87 -14.32
CA ARG J 90 66.74 31.59 -14.69
C ARG J 90 66.19 31.15 -16.03
N SER J 91 66.87 30.16 -16.64
CA SER J 91 66.42 29.63 -17.92
C SER J 91 65.00 29.07 -17.83
N GLU J 92 64.63 28.54 -16.66
CA GLU J 92 63.29 28.02 -16.47
C GLU J 92 62.22 29.11 -16.55
N ASP J 93 62.61 30.37 -16.33
CA ASP J 93 61.67 31.48 -16.43
C ASP J 93 61.36 31.86 -17.86
N THR J 94 62.04 31.25 -18.84
CA THR J 94 61.75 31.53 -20.24
C THR J 94 60.34 31.09 -20.58
N ALA J 95 59.51 32.04 -21.01
CA ALA J 95 58.11 31.72 -21.30
C ALA J 95 57.43 32.96 -21.89
N LEU J 96 56.23 32.73 -22.40
CA LEU J 96 55.32 33.81 -22.77
C LEU J 96 54.45 34.13 -21.57
N TYR J 97 54.52 35.38 -21.09
CA TYR J 97 53.88 35.76 -19.84
C TYR J 97 52.54 36.43 -20.15
N TYR J 98 51.47 35.85 -19.59
CA TYR J 98 50.12 36.32 -19.83
C TYR J 98 49.62 37.15 -18.65
N CYS J 99 48.90 38.20 -18.96
CA CYS J 99 48.19 39.01 -17.97
C CYS J 99 46.72 38.58 -17.99
N THR J 100 46.21 38.16 -16.83
CA THR J 100 44.89 37.58 -16.75
C THR J 100 44.06 38.27 -15.67
N ARG J 101 42.75 38.35 -15.93
CA ARG J 101 41.81 38.86 -14.96
C ARG J 101 41.17 37.70 -14.20
N GLN J 102 40.94 37.91 -12.91
CA GLN J 102 40.32 36.90 -12.06
C GLN J 102 38.87 37.29 -11.77
N THR J 103 37.96 36.36 -12.01
CA THR J 103 36.63 36.40 -11.43
C THR J 103 36.55 35.23 -10.44
N TYR J 104 36.43 35.56 -9.15
CA TYR J 104 36.73 34.61 -8.10
C TYR J 104 38.17 34.14 -8.24
N TRP J 105 38.38 32.88 -8.67
CA TRP J 105 39.74 32.38 -8.78
C TRP J 105 39.98 31.63 -10.09
N TYR J 106 39.14 31.85 -11.10
CA TYR J 106 39.41 31.41 -12.45
C TYR J 106 39.71 32.62 -13.33
N LEU J 107 40.33 32.36 -14.47
CA LEU J 107 40.88 33.41 -15.32
C LEU J 107 40.00 33.55 -16.56
N ASP J 108 39.13 34.55 -16.56
CA ASP J 108 38.14 34.75 -17.61
C ASP J 108 38.58 35.74 -18.68
N VAL J 109 39.75 36.37 -18.53
CA VAL J 109 40.30 37.25 -19.54
C VAL J 109 41.80 37.06 -19.58
N TRP J 110 42.34 36.82 -20.77
CA TRP J 110 43.78 36.68 -20.98
C TRP J 110 44.23 37.66 -22.03
N GLY J 111 45.47 38.15 -21.89
CA GLY J 111 46.08 39.00 -22.88
C GLY J 111 46.81 38.20 -23.94
N ALA J 112 47.35 38.93 -24.92
CA ALA J 112 48.13 38.29 -25.97
C ALA J 112 49.45 37.76 -25.42
N GLY J 113 50.01 38.41 -24.42
CA GLY J 113 51.23 37.97 -23.78
C GLY J 113 52.46 38.70 -24.31
N THR J 114 53.52 38.66 -23.51
CA THR J 114 54.81 39.23 -23.88
C THR J 114 55.89 38.21 -23.53
N THR J 115 56.87 38.06 -24.42
CA THR J 115 57.83 36.97 -24.31
C THR J 115 59.04 37.39 -23.49
N VAL J 116 59.42 36.55 -22.55
CA VAL J 116 60.68 36.69 -21.81
C VAL J 116 61.56 35.50 -22.19
N THR J 117 62.72 35.78 -22.74
CA THR J 117 63.65 34.74 -23.20
C THR J 117 64.95 34.89 -22.42
N VAL J 118 65.27 33.89 -21.60
CA VAL J 118 66.47 33.90 -20.77
C VAL J 118 67.46 32.92 -21.38
N SER J 119 68.64 33.43 -21.76
CA SER J 119 69.69 32.59 -22.33
C SER J 119 70.97 33.39 -22.37
N SER J 120 72.09 32.69 -22.46
CA SER J 120 73.41 33.32 -22.50
C SER J 120 73.46 34.39 -23.58
N GLU K 1 22.84 -8.25 19.27
CA GLU K 1 21.79 -8.42 18.24
C GLU K 1 20.99 -9.69 18.48
N ILE K 2 19.69 -9.61 18.28
CA ILE K 2 18.81 -10.79 18.30
C ILE K 2 18.53 -11.14 16.84
N VAL K 3 19.17 -12.21 16.36
CA VAL K 3 18.96 -12.69 15.00
C VAL K 3 17.75 -13.59 15.00
N LEU K 4 16.70 -13.18 14.30
CA LEU K 4 15.45 -13.94 14.21
C LEU K 4 15.46 -14.69 12.89
N THR K 5 15.60 -16.02 12.97
CA THR K 5 15.66 -16.87 11.79
C THR K 5 14.27 -17.43 11.53
N GLN K 6 13.67 -17.03 10.41
CA GLN K 6 12.37 -17.53 9.99
C GLN K 6 12.54 -18.58 8.91
N SER K 7 11.85 -19.72 9.07
CA SER K 7 11.87 -20.77 8.08
C SER K 7 10.44 -21.30 7.93
N PRO K 8 10.01 -21.64 6.71
CA PRO K 8 10.75 -21.52 5.45
C PRO K 8 10.75 -20.09 4.92
N ALA K 9 11.68 -19.77 4.01
CA ALA K 9 11.69 -18.44 3.41
C ALA K 9 10.45 -18.23 2.55
N THR K 10 10.02 -19.27 1.83
CA THR K 10 8.80 -19.21 1.03
C THR K 10 8.03 -20.51 1.21
N LEU K 11 6.73 -20.45 0.96
CA LEU K 11 5.86 -21.60 1.14
C LEU K 11 4.63 -21.43 0.27
N SER K 12 4.25 -22.48 -0.46
CA SER K 12 3.07 -22.48 -1.32
C SER K 12 2.15 -23.61 -0.88
N LEU K 13 0.91 -23.26 -0.54
CA LEU K 13 -0.07 -24.24 -0.07
C LEU K 13 -1.40 -23.94 -0.73
N SER K 14 -2.32 -24.91 -0.62
CA SER K 14 -3.66 -24.76 -1.19
C SER K 14 -4.67 -24.40 -0.11
N PRO K 15 -5.76 -23.73 -0.47
CA PRO K 15 -6.77 -23.38 0.53
C PRO K 15 -7.22 -24.59 1.31
N GLY K 16 -7.47 -24.39 2.60
CA GLY K 16 -7.86 -25.46 3.50
C GLY K 16 -6.72 -26.18 4.16
N GLU K 17 -5.48 -25.98 3.71
CA GLU K 17 -4.32 -26.60 4.33
C GLU K 17 -3.88 -25.79 5.54
N ARG K 18 -2.87 -26.30 6.25
CA ARG K 18 -2.33 -25.68 7.44
C ARG K 18 -0.90 -25.25 7.17
N ALA K 19 -0.55 -24.04 7.59
CA ALA K 19 0.80 -23.51 7.45
C ALA K 19 1.42 -23.36 8.83
N THR K 20 2.61 -23.92 9.00
CA THR K 20 3.36 -23.82 10.25
C THR K 20 4.64 -23.03 9.97
N LEU K 21 4.68 -21.80 10.49
CA LEU K 21 5.80 -20.89 10.26
C LEU K 21 6.65 -20.83 11.53
N SER K 22 7.96 -20.93 11.36
CA SER K 22 8.90 -20.94 12.47
C SER K 22 9.65 -19.62 12.54
N CYS K 23 10.03 -19.25 13.77
CA CYS K 23 10.85 -18.07 14.02
C CYS K 23 11.69 -18.38 15.26
N ARG K 24 13.01 -18.49 15.07
CA ARG K 24 13.92 -18.88 16.14
C ARG K 24 14.87 -17.72 16.47
N ALA K 25 14.99 -17.41 17.74
CA ALA K 25 15.87 -16.34 18.20
C ALA K 25 17.26 -16.89 18.50
N SER K 26 18.28 -16.17 18.03
CA SER K 26 19.65 -16.58 18.31
C SER K 26 19.99 -16.42 19.79
N GLN K 27 19.33 -15.49 20.46
CA GLN K 27 19.55 -15.23 21.89
C GLN K 27 18.20 -15.18 22.59
N SER K 28 18.17 -15.65 23.83
CA SER K 28 16.96 -15.63 24.63
C SER K 28 16.93 -14.35 25.45
N VAL K 29 16.01 -13.45 25.10
CA VAL K 29 15.93 -12.14 25.73
C VAL K 29 14.48 -11.87 26.12
N SER K 30 14.31 -11.15 27.23
CA SER K 30 12.98 -10.72 27.66
C SER K 30 12.42 -9.73 26.65
N SER K 31 11.32 -10.10 25.99
CA SER K 31 10.68 -9.26 24.99
C SER K 31 9.32 -9.86 24.68
N TYR K 32 8.56 -9.14 23.86
CA TYR K 32 7.24 -9.61 23.40
C TYR K 32 7.34 -9.92 21.91
N LEU K 33 7.28 -11.21 21.58
CA LEU K 33 7.36 -11.63 20.19
C LEU K 33 6.10 -11.21 19.45
N ALA K 34 6.27 -10.47 18.37
CA ALA K 34 5.15 -10.03 17.54
C ALA K 34 5.24 -10.67 16.16
N TRP K 35 4.08 -10.91 15.56
CA TRP K 35 3.99 -11.36 14.18
C TRP K 35 3.27 -10.32 13.34
N TYR K 36 3.70 -10.17 12.09
CA TYR K 36 3.10 -9.21 11.18
C TYR K 36 2.70 -9.93 9.89
N GLN K 37 1.59 -9.49 9.32
CA GLN K 37 1.12 -9.96 8.02
C GLN K 37 1.14 -8.79 7.06
N GLN K 38 1.94 -8.92 5.99
CA GLN K 38 2.06 -7.88 4.98
C GLN K 38 1.56 -8.44 3.65
N LYS K 39 0.39 -7.97 3.22
CA LYS K 39 -0.15 -8.38 1.94
C LYS K 39 0.46 -7.54 0.82
N PRO K 40 0.42 -8.03 -0.42
CA PRO K 40 1.08 -7.32 -1.52
C PRO K 40 0.57 -5.89 -1.66
N GLY K 41 1.50 -4.95 -1.79
CA GLY K 41 1.18 -3.55 -1.97
C GLY K 41 0.78 -2.80 -0.72
N GLN K 42 0.64 -3.48 0.41
CA GLN K 42 0.18 -2.86 1.64
C GLN K 42 1.32 -2.78 2.66
N ALA K 43 1.08 -1.99 3.70
CA ALA K 43 2.00 -1.95 4.82
C ALA K 43 1.75 -3.13 5.75
N PRO K 44 2.73 -3.47 6.59
CA PRO K 44 2.51 -4.59 7.53
C PRO K 44 1.31 -4.33 8.43
N ARG K 45 0.65 -5.41 8.82
CA ARG K 45 -0.46 -5.37 9.76
C ARG K 45 -0.12 -6.23 10.96
N LEU K 46 -0.30 -5.68 12.16
CA LEU K 46 -0.04 -6.43 13.37
C LEU K 46 -0.96 -7.64 13.43
N LEU K 47 -0.35 -8.83 13.54
CA LEU K 47 -1.07 -10.10 13.50
C LEU K 47 -1.10 -10.78 14.86
N ILE K 48 0.06 -11.00 15.46
CA ILE K 48 0.17 -11.55 16.81
C ILE K 48 1.09 -10.65 17.61
N TYR K 49 0.74 -10.42 18.88
CA TYR K 49 1.61 -9.74 19.81
C TYR K 49 1.73 -10.59 21.07
N ASP K 50 2.85 -10.40 21.78
CA ASP K 50 3.17 -11.21 22.96
C ASP K 50 3.05 -12.70 22.63
N ALA K 51 3.55 -13.07 21.44
CA ALA K 51 3.76 -14.46 21.05
C ALA K 51 2.47 -15.20 20.71
N SER K 52 1.41 -15.00 21.51
CA SER K 52 0.21 -15.82 21.36
C SER K 52 -1.08 -15.03 21.52
N ASN K 53 -1.04 -13.71 21.49
CA ASN K 53 -2.24 -12.88 21.55
C ASN K 53 -2.55 -12.35 20.16
N ARG K 54 -3.78 -12.60 19.70
CA ARG K 54 -4.19 -12.18 18.37
C ARG K 54 -4.51 -10.69 18.38
N ALA K 55 -3.99 -9.97 17.39
CA ALA K 55 -4.28 -8.56 17.25
C ALA K 55 -5.76 -8.37 16.89
N THR K 56 -6.17 -7.10 16.85
CA THR K 56 -7.57 -6.78 16.59
C THR K 56 -8.00 -7.27 15.21
N GLY K 57 -9.16 -7.92 15.17
CA GLY K 57 -9.74 -8.37 13.91
C GLY K 57 -9.07 -9.57 13.28
N ILE K 58 -8.16 -10.24 13.98
CA ILE K 58 -7.46 -11.40 13.44
C ILE K 58 -8.25 -12.65 13.84
N PRO K 59 -8.67 -13.48 12.89
CA PRO K 59 -9.52 -14.62 13.23
C PRO K 59 -8.75 -15.69 13.99
N ALA K 60 -9.52 -16.65 14.53
CA ALA K 60 -8.96 -17.67 15.41
C ALA K 60 -8.13 -18.71 14.68
N ARG K 61 -8.20 -18.78 13.35
CA ARG K 61 -7.37 -19.73 12.63
C ARG K 61 -5.89 -19.32 12.62
N PHE K 62 -5.57 -18.11 13.04
CA PHE K 62 -4.20 -17.68 13.25
C PHE K 62 -3.83 -17.93 14.72
N SER K 63 -2.85 -18.80 14.94
CA SER K 63 -2.44 -19.18 16.28
C SER K 63 -0.93 -19.05 16.40
N GLY K 64 -0.49 -18.41 17.47
CA GLY K 64 0.93 -18.25 17.76
C GLY K 64 1.28 -18.86 19.10
N SER K 65 2.43 -19.52 19.16
CA SER K 65 2.92 -20.09 20.41
C SER K 65 4.43 -19.96 20.44
N GLY K 66 5.01 -20.18 21.61
CA GLY K 66 6.44 -20.03 21.78
C GLY K 66 6.96 -20.83 22.96
N SER K 67 8.22 -21.22 22.88
CA SER K 67 8.86 -21.98 23.94
C SER K 67 10.34 -21.61 23.92
N GLY K 68 10.78 -20.83 24.91
CA GLY K 68 12.15 -20.36 24.93
C GLY K 68 12.47 -19.45 23.76
N THR K 69 13.35 -19.91 22.87
CA THR K 69 13.72 -19.16 21.69
C THR K 69 12.99 -19.63 20.44
N ASP K 70 12.19 -20.69 20.53
CA ASP K 70 11.49 -21.25 19.39
C ASP K 70 10.05 -20.74 19.38
N PHE K 71 9.65 -20.10 18.30
CA PHE K 71 8.30 -19.58 18.13
C PHE K 71 7.67 -20.19 16.89
N THR K 72 6.34 -20.29 16.92
CA THR K 72 5.60 -20.92 15.84
C THR K 72 4.34 -20.11 15.55
N LEU K 73 4.10 -19.85 14.26
CA LEU K 73 2.85 -19.28 13.79
C LEU K 73 2.14 -20.34 12.97
N THR K 74 0.95 -20.73 13.41
CA THR K 74 0.17 -21.77 12.75
C THR K 74 -1.07 -21.13 12.15
N ILE K 75 -1.23 -21.28 10.84
CA ILE K 75 -2.38 -20.75 10.12
C ILE K 75 -3.19 -21.96 9.66
N SER K 76 -4.31 -22.21 10.33
CA SER K 76 -5.17 -23.33 9.99
C SER K 76 -6.19 -22.90 8.93
N SER K 77 -6.63 -23.86 8.13
CA SER K 77 -7.64 -23.64 7.10
C SER K 77 -7.30 -22.40 6.27
N LEU K 78 -6.18 -22.50 5.57
CA LEU K 78 -5.68 -21.38 4.77
C LEU K 78 -6.75 -20.89 3.80
N GLU K 79 -6.73 -19.60 3.53
CA GLU K 79 -7.65 -18.95 2.61
C GLU K 79 -6.87 -18.10 1.63
N PRO K 80 -7.44 -17.83 0.45
CA PRO K 80 -6.72 -17.01 -0.53
C PRO K 80 -6.25 -15.66 0.01
N GLU K 81 -7.05 -15.04 0.89
CA GLU K 81 -6.67 -13.75 1.46
C GLU K 81 -5.42 -13.86 2.33
N ASP K 82 -5.09 -15.06 2.81
CA ASP K 82 -3.89 -15.25 3.63
C ASP K 82 -2.60 -15.16 2.81
N PHE K 83 -2.70 -14.87 1.51
CA PHE K 83 -1.52 -14.61 0.69
C PHE K 83 -0.79 -13.39 1.20
N ALA K 84 0.40 -13.57 1.78
CA ALA K 84 1.13 -12.45 2.36
C ALA K 84 2.51 -12.92 2.78
N VAL K 85 3.33 -11.97 3.23
CA VAL K 85 4.61 -12.24 3.86
C VAL K 85 4.45 -12.03 5.35
N TYR K 86 5.02 -12.95 6.14
CA TYR K 86 4.86 -12.94 7.59
C TYR K 86 6.21 -12.74 8.25
N TYR K 87 6.31 -11.72 9.10
CA TYR K 87 7.53 -11.37 9.82
C TYR K 87 7.33 -11.56 11.32
N CYS K 88 8.41 -11.93 12.01
CA CYS K 88 8.43 -11.91 13.47
C CYS K 88 9.35 -10.79 13.95
N GLN K 89 9.14 -10.39 15.20
CA GLN K 89 9.81 -9.20 15.72
C GLN K 89 10.05 -9.34 17.21
N GLN K 90 11.22 -8.86 17.65
CA GLN K 90 11.51 -8.63 19.07
C GLN K 90 12.27 -7.30 19.16
N TYR K 91 11.66 -6.31 19.79
CA TYR K 91 12.23 -4.97 19.89
C TYR K 91 12.49 -4.48 18.47
N GLU K 92 13.72 -4.05 18.15
CA GLU K 92 14.04 -3.52 16.83
C GLU K 92 14.30 -4.61 15.80
N PHE K 93 14.38 -5.87 16.21
CA PHE K 93 14.87 -6.93 15.35
C PHE K 93 13.73 -7.62 14.64
N PHE K 94 13.90 -7.84 13.34
CA PHE K 94 12.92 -8.53 12.51
C PHE K 94 13.56 -9.73 11.84
N GLY K 95 12.76 -10.78 11.65
CA GLY K 95 13.18 -11.88 10.82
C GLY K 95 13.09 -11.54 9.35
N GLN K 96 13.73 -12.37 8.52
CA GLN K 96 13.70 -12.18 7.08
C GLN K 96 12.31 -12.43 6.49
N GLY K 97 11.40 -13.04 7.23
CA GLY K 97 10.04 -13.22 6.79
C GLY K 97 9.85 -14.51 5.99
N THR K 98 8.60 -14.97 5.97
CA THR K 98 8.19 -16.14 5.20
C THR K 98 7.15 -15.70 4.18
N LYS K 99 7.47 -15.85 2.90
CA LYS K 99 6.55 -15.52 1.82
C LYS K 99 5.60 -16.69 1.62
N LEU K 100 4.36 -16.55 2.07
CA LEU K 100 3.35 -17.60 1.95
C LEU K 100 2.45 -17.30 0.76
N GLU K 101 2.51 -18.16 -0.25
CA GLU K 101 1.66 -18.05 -1.42
C GLU K 101 0.56 -19.10 -1.34
N ILE K 102 -0.64 -18.73 -1.82
CA ILE K 102 -1.79 -19.61 -1.78
C ILE K 102 -2.45 -19.59 -3.15
N GLY K 103 -2.75 -20.78 -3.67
CA GLY K 103 -3.37 -20.90 -4.99
C GLY K 103 -4.84 -20.56 -4.97
N GLN L 7 -23.33 -56.59 4.49
CA GLN L 7 -24.77 -56.84 4.23
C GLN L 7 -25.59 -56.67 5.51
N VAL L 8 -26.52 -55.72 5.50
CA VAL L 8 -27.32 -55.45 6.68
C VAL L 8 -28.24 -56.62 6.96
N GLN L 9 -28.34 -57.00 8.23
CA GLN L 9 -29.20 -58.10 8.65
C GLN L 9 -29.90 -57.72 9.93
N LEU L 10 -31.22 -57.93 9.97
CA LEU L 10 -32.03 -57.67 11.15
C LEU L 10 -32.76 -58.97 11.50
N VAL L 11 -32.36 -59.60 12.60
CA VAL L 11 -32.93 -60.86 13.05
C VAL L 11 -33.73 -60.58 14.31
N GLN L 12 -35.02 -60.96 14.28
CA GLN L 12 -35.91 -60.72 15.39
C GLN L 12 -36.22 -62.03 16.13
N SER L 13 -36.74 -61.89 17.34
CA SER L 13 -37.07 -63.04 18.17
C SER L 13 -38.30 -63.76 17.62
N GLY L 14 -38.57 -64.94 18.18
CA GLY L 14 -39.64 -65.79 17.69
C GLY L 14 -41.02 -65.33 18.12
N ALA L 15 -42.03 -65.97 17.52
CA ALA L 15 -43.41 -65.59 17.75
C ALA L 15 -43.77 -65.73 19.23
N GLU L 16 -44.78 -64.95 19.64
CA GLU L 16 -45.21 -64.89 21.03
C GLU L 16 -46.72 -65.05 21.11
N VAL L 17 -47.17 -65.70 22.18
CA VAL L 17 -48.58 -65.81 22.51
C VAL L 17 -48.76 -65.24 23.92
N LYS L 18 -49.71 -64.31 24.06
CA LYS L 18 -49.84 -63.55 25.30
C LYS L 18 -51.32 -63.41 25.65
N LYS L 19 -51.59 -63.34 26.95
CA LYS L 19 -52.91 -63.04 27.45
C LYS L 19 -53.16 -61.54 27.40
N PRO L 20 -54.42 -61.11 27.38
CA PRO L 20 -54.70 -59.68 27.50
C PRO L 20 -54.23 -59.15 28.85
N GLY L 21 -53.62 -57.96 28.81
CA GLY L 21 -53.09 -57.34 30.01
C GLY L 21 -51.63 -57.64 30.28
N ALA L 22 -51.04 -58.62 29.61
CA ALA L 22 -49.64 -58.94 29.80
C ALA L 22 -48.79 -57.97 29.00
N SER L 23 -47.48 -58.20 28.97
CA SER L 23 -46.55 -57.40 28.18
C SER L 23 -45.64 -58.34 27.39
N VAL L 24 -45.36 -57.95 26.16
CA VAL L 24 -44.48 -58.71 25.29
C VAL L 24 -43.25 -57.85 25.00
N LYS L 25 -42.09 -58.50 24.87
CA LYS L 25 -40.84 -57.83 24.59
C LYS L 25 -40.19 -58.51 23.40
N VAL L 26 -40.10 -57.80 22.29
CA VAL L 26 -39.52 -58.32 21.05
C VAL L 26 -38.10 -57.77 20.91
N SER L 27 -37.19 -58.62 20.45
CA SER L 27 -35.80 -58.25 20.23
C SER L 27 -35.49 -58.18 18.75
N CYS L 28 -34.43 -57.45 18.42
CA CYS L 28 -34.04 -57.22 17.03
C CYS L 28 -32.52 -57.05 17.01
N LYS L 29 -31.81 -58.13 16.70
CA LYS L 29 -30.35 -58.08 16.64
C LYS L 29 -29.90 -57.69 15.24
N ALA L 30 -29.07 -56.65 15.17
CA ALA L 30 -28.60 -56.11 13.90
C ALA L 30 -27.14 -56.51 13.67
N SER L 31 -26.76 -56.55 12.40
CA SER L 31 -25.39 -56.83 12.00
C SER L 31 -25.17 -56.28 10.60
N GLY L 32 -23.91 -56.27 10.17
CA GLY L 32 -23.56 -55.78 8.87
C GLY L 32 -23.37 -54.28 8.78
N TYR L 33 -23.49 -53.55 9.88
CA TYR L 33 -23.26 -52.11 9.90
C TYR L 33 -22.98 -51.70 11.34
N THR L 34 -22.66 -50.41 11.51
CA THR L 34 -22.40 -49.87 12.84
C THR L 34 -23.73 -49.62 13.55
N PHE L 35 -24.01 -50.43 14.55
CA PHE L 35 -25.33 -50.41 15.19
C PHE L 35 -25.68 -49.03 15.72
N THR L 36 -24.70 -48.31 16.28
CA THR L 36 -24.97 -47.02 16.88
C THR L 36 -25.11 -45.90 15.87
N GLY L 37 -24.85 -46.15 14.59
CA GLY L 37 -24.88 -45.11 13.59
C GLY L 37 -26.22 -44.81 12.97
N TYR L 38 -27.22 -45.68 13.19
CA TYR L 38 -28.53 -45.53 12.57
C TYR L 38 -29.62 -45.68 13.61
N TYR L 39 -30.66 -44.85 13.48
CA TYR L 39 -31.87 -45.05 14.27
C TYR L 39 -32.48 -46.41 13.96
N MET L 40 -33.31 -46.89 14.89
CA MET L 40 -34.05 -48.13 14.70
C MET L 40 -35.52 -47.82 14.90
N HIS L 41 -36.33 -48.06 13.88
CA HIS L 41 -37.76 -47.86 13.93
C HIS L 41 -38.47 -49.18 14.15
N TRP L 42 -39.72 -49.10 14.60
CA TRP L 42 -40.57 -50.26 14.81
C TRP L 42 -41.91 -50.04 14.14
N VAL L 43 -42.31 -50.99 13.29
CA VAL L 43 -43.55 -50.90 12.53
C VAL L 43 -44.27 -52.23 12.65
N ARG L 44 -45.53 -52.20 13.05
CA ARG L 44 -46.35 -53.40 13.19
C ARG L 44 -47.37 -53.46 12.05
N GLN L 45 -47.99 -54.63 11.92
CA GLN L 45 -48.97 -54.86 10.86
C GLN L 45 -49.91 -55.96 11.32
N ALA L 46 -51.18 -55.60 11.54
CA ALA L 46 -52.18 -56.59 11.93
C ALA L 46 -52.54 -57.47 10.73
N PRO L 47 -53.11 -58.65 10.99
CA PRO L 47 -53.45 -59.55 9.87
C PRO L 47 -54.38 -58.87 8.87
N GLY L 48 -53.97 -58.89 7.60
CA GLY L 48 -54.75 -58.28 6.54
C GLY L 48 -54.80 -56.78 6.54
N GLN L 49 -54.09 -56.11 7.45
CA GLN L 49 -54.15 -54.66 7.60
C GLN L 49 -52.88 -54.02 7.06
N GLY L 50 -52.79 -52.70 7.21
CA GLY L 50 -51.67 -51.94 6.70
C GLY L 50 -50.58 -51.75 7.74
N LEU L 51 -49.63 -50.88 7.40
CA LEU L 51 -48.47 -50.62 8.24
C LEU L 51 -48.79 -49.52 9.24
N GLU L 52 -48.32 -49.70 10.48
CA GLU L 52 -48.57 -48.75 11.56
C GLU L 52 -47.27 -48.49 12.28
N TRP L 53 -46.83 -47.23 12.30
CA TRP L 53 -45.59 -46.85 12.94
C TRP L 53 -45.76 -46.76 14.44
N MET L 54 -44.76 -47.24 15.18
CA MET L 54 -44.79 -47.27 16.64
C MET L 54 -43.83 -46.29 17.29
N GLY L 55 -42.60 -46.20 16.79
CA GLY L 55 -41.62 -45.34 17.40
C GLY L 55 -40.24 -45.63 16.84
N TRP L 56 -39.26 -44.86 17.32
CA TRP L 56 -37.87 -45.12 17.01
C TRP L 56 -37.02 -44.94 18.26
N ILE L 57 -35.80 -45.45 18.18
CA ILE L 57 -34.82 -45.30 19.25
C ILE L 57 -33.48 -44.92 18.62
N ASN L 58 -32.77 -44.01 19.28
CA ASN L 58 -31.41 -43.66 18.88
C ASN L 58 -30.45 -44.59 19.64
N PRO L 59 -29.96 -45.65 19.00
CA PRO L 59 -29.14 -46.62 19.76
C PRO L 59 -27.87 -46.03 20.33
N ASN L 60 -27.42 -44.87 19.83
CA ASN L 60 -26.20 -44.27 20.35
C ASN L 60 -26.46 -43.52 21.65
N SER L 61 -27.56 -42.76 21.72
CA SER L 61 -27.88 -41.98 22.90
C SER L 61 -28.93 -42.63 23.80
N GLY L 62 -29.73 -43.55 23.25
CA GLY L 62 -30.80 -44.16 24.01
C GLY L 62 -32.11 -43.41 23.97
N GLY L 63 -32.14 -42.22 23.38
CA GLY L 63 -33.39 -41.48 23.28
C GLY L 63 -34.41 -42.21 22.43
N THR L 64 -35.68 -41.93 22.72
CA THR L 64 -36.78 -42.64 22.07
C THR L 64 -37.86 -41.66 21.67
N ASN L 65 -38.67 -42.06 20.70
CA ASN L 65 -39.84 -41.31 20.28
C ASN L 65 -40.95 -42.31 19.96
N TYR L 66 -42.10 -42.14 20.60
CA TYR L 66 -43.20 -43.09 20.51
C TYR L 66 -44.41 -42.41 19.88
N ALA L 67 -45.14 -43.16 19.05
CA ALA L 67 -46.40 -42.66 18.52
C ALA L 67 -47.39 -42.45 19.66
N GLN L 68 -48.13 -41.34 19.60
CA GLN L 68 -49.08 -41.02 20.66
C GLN L 68 -50.03 -42.18 20.93
N LYS L 69 -50.31 -43.00 19.91
CA LYS L 69 -51.25 -44.10 20.10
C LYS L 69 -50.76 -45.10 21.13
N PHE L 70 -49.44 -45.27 21.26
CA PHE L 70 -48.87 -46.26 22.16
C PHE L 70 -48.18 -45.65 23.37
N GLN L 71 -48.21 -44.33 23.52
CA GLN L 71 -47.54 -43.71 24.66
C GLN L 71 -48.17 -44.18 25.96
N GLY L 72 -47.32 -44.58 26.90
CA GLY L 72 -47.75 -45.12 28.17
C GLY L 72 -47.65 -46.62 28.28
N ARG L 73 -47.58 -47.34 27.16
CA ARG L 73 -47.47 -48.79 27.21
C ARG L 73 -46.47 -49.33 26.20
N VAL L 74 -45.51 -48.51 25.75
CA VAL L 74 -44.46 -48.96 24.85
C VAL L 74 -43.12 -48.52 25.41
N THR L 75 -42.13 -49.40 25.36
CA THR L 75 -40.79 -49.12 25.86
C THR L 75 -39.79 -49.66 24.86
N MET L 76 -38.89 -48.79 24.38
CA MET L 76 -37.86 -49.18 23.44
C MET L 76 -36.50 -48.97 24.08
N THR L 77 -35.68 -50.01 24.08
CA THR L 77 -34.33 -49.98 24.64
C THR L 77 -33.37 -50.61 23.64
N ARG L 78 -32.09 -50.60 23.99
CA ARG L 78 -31.08 -51.22 23.14
C ARG L 78 -29.92 -51.69 24.02
N ASP L 79 -29.21 -52.69 23.52
CA ASP L 79 -28.00 -53.22 24.17
C ASP L 79 -26.89 -53.17 23.13
N THR L 80 -26.13 -52.07 23.14
CA THR L 80 -25.11 -51.87 22.12
C THR L 80 -24.08 -52.98 22.11
N SER L 81 -23.82 -53.60 23.27
CA SER L 81 -22.83 -54.66 23.34
C SER L 81 -23.19 -55.86 22.47
N ILE L 82 -24.47 -56.02 22.12
CA ILE L 82 -24.90 -57.14 21.31
C ILE L 82 -25.71 -56.65 20.11
N SER L 83 -25.60 -55.35 19.81
CA SER L 83 -26.23 -54.77 18.63
C SER L 83 -27.71 -55.16 18.54
N THR L 84 -28.40 -55.09 19.67
CA THR L 84 -29.78 -55.54 19.76
C THR L 84 -30.67 -54.41 20.26
N ALA L 85 -31.83 -54.27 19.63
CA ALA L 85 -32.86 -53.34 20.04
C ALA L 85 -34.06 -54.11 20.55
N TYR L 86 -34.81 -53.50 21.46
CA TYR L 86 -35.95 -54.14 22.09
C TYR L 86 -37.18 -53.25 22.01
N MET L 87 -38.34 -53.88 21.84
CA MET L 87 -39.62 -53.18 21.86
C MET L 87 -40.55 -53.95 22.79
N GLU L 88 -40.93 -53.33 23.89
CA GLU L 88 -41.84 -53.92 24.86
C GLU L 88 -43.18 -53.21 24.78
N LEU L 89 -44.24 -53.96 24.48
CA LEU L 89 -45.59 -53.44 24.46
C LEU L 89 -46.35 -54.04 25.64
N SER L 90 -46.93 -53.18 26.48
CA SER L 90 -47.58 -53.60 27.70
C SER L 90 -49.09 -53.41 27.58
N ARG L 91 -49.81 -53.95 28.56
CA ARG L 91 -51.27 -53.88 28.58
C ARG L 91 -51.85 -54.32 27.25
N LEU L 92 -51.37 -55.46 26.77
CA LEU L 92 -51.80 -55.97 25.47
C LEU L 92 -53.30 -56.19 25.44
N ARG L 93 -53.91 -55.88 24.30
CA ARG L 93 -55.30 -56.18 24.05
C ARG L 93 -55.40 -56.95 22.73
N SER L 94 -56.61 -57.41 22.42
CA SER L 94 -56.79 -58.30 21.27
C SER L 94 -56.28 -57.66 19.99
N ASP L 95 -56.68 -56.41 19.73
CA ASP L 95 -56.28 -55.74 18.49
C ASP L 95 -54.80 -55.40 18.43
N ASP L 96 -54.02 -55.77 19.45
CA ASP L 96 -52.56 -55.71 19.36
C ASP L 96 -51.98 -56.93 18.64
N THR L 97 -52.83 -57.84 18.19
CA THR L 97 -52.37 -59.00 17.43
C THR L 97 -51.86 -58.53 16.07
N ALA L 98 -50.60 -58.82 15.78
CA ALA L 98 -49.97 -58.28 14.57
C ALA L 98 -48.55 -58.85 14.48
N VAL L 99 -47.93 -58.61 13.32
CA VAL L 99 -46.51 -58.86 13.14
C VAL L 99 -45.78 -57.55 13.42
N TYR L 100 -44.69 -57.65 14.19
CA TYR L 100 -43.93 -56.49 14.62
C TYR L 100 -42.56 -56.51 13.96
N TYR L 101 -42.24 -55.45 13.23
CA TYR L 101 -40.99 -55.32 12.49
C TYR L 101 -40.09 -54.27 13.13
N CYS L 102 -38.78 -54.49 13.02
CA CYS L 102 -37.78 -53.45 13.23
C CYS L 102 -37.20 -53.07 11.89
N ALA L 103 -37.07 -51.77 11.66
CA ALA L 103 -36.64 -51.25 10.37
C ALA L 103 -35.51 -50.24 10.56
N ARG L 104 -34.59 -50.21 9.60
CA ARG L 104 -33.49 -49.28 9.58
C ARG L 104 -33.57 -48.41 8.34
N GLY L 105 -33.22 -47.14 8.48
CA GLY L 105 -33.26 -46.23 7.36
C GLY L 105 -32.23 -46.55 6.31
N LYS L 106 -32.49 -46.09 5.08
CA LYS L 106 -31.55 -46.31 3.98
C LYS L 106 -30.20 -45.68 4.29
N ASN L 107 -30.21 -44.48 4.84
CA ASN L 107 -28.97 -43.86 5.31
C ASN L 107 -29.32 -42.87 6.42
N SER L 108 -28.29 -42.48 7.18
CA SER L 108 -28.50 -41.64 8.35
C SER L 108 -29.07 -40.27 7.99
N ASP L 109 -28.96 -39.84 6.74
CA ASP L 109 -29.51 -38.54 6.36
C ASP L 109 -31.01 -38.49 6.58
N TYR L 110 -31.73 -39.58 6.25
CA TYR L 110 -33.18 -39.62 6.37
C TYR L 110 -33.55 -41.05 6.75
N ASN L 111 -33.80 -41.28 8.04
CA ASN L 111 -34.01 -42.62 8.54
C ASN L 111 -35.40 -43.17 8.23
N TRP L 112 -36.35 -42.34 7.78
CA TRP L 112 -37.69 -42.83 7.52
C TRP L 112 -37.80 -43.65 6.23
N ASP L 113 -36.74 -43.70 5.42
CA ASP L 113 -36.72 -44.57 4.24
C ASP L 113 -36.28 -45.96 4.69
N PHE L 114 -37.26 -46.83 4.95
CA PHE L 114 -37.00 -48.13 5.56
C PHE L 114 -36.48 -49.09 4.49
N GLN L 115 -35.16 -49.09 4.29
CA GLN L 115 -34.54 -50.00 3.33
C GLN L 115 -34.40 -51.41 3.90
N HIS L 116 -34.20 -51.54 5.21
CA HIS L 116 -33.91 -52.82 5.84
C HIS L 116 -34.98 -53.14 6.86
N TRP L 117 -35.49 -54.37 6.81
CA TRP L 117 -36.53 -54.84 7.71
C TRP L 117 -36.14 -56.19 8.28
N GLY L 118 -36.54 -56.43 9.53
CA GLY L 118 -36.44 -57.76 10.08
C GLY L 118 -37.48 -58.67 9.46
N GLN L 119 -37.37 -59.96 9.76
CA GLN L 119 -38.38 -60.90 9.27
C GLN L 119 -39.71 -60.72 9.99
N GLY L 120 -39.75 -59.91 11.05
CA GLY L 120 -40.97 -59.72 11.81
C GLY L 120 -41.18 -60.82 12.82
N THR L 121 -41.91 -60.52 13.90
CA THR L 121 -42.29 -61.53 14.88
C THR L 121 -43.78 -61.38 15.16
N LEU L 122 -44.50 -62.49 15.07
CA LEU L 122 -45.93 -62.47 15.31
C LEU L 122 -46.24 -62.49 16.80
N VAL L 123 -47.17 -61.64 17.21
CA VAL L 123 -47.64 -61.60 18.58
C VAL L 123 -49.16 -61.76 18.55
N THR L 124 -49.65 -62.83 19.13
CA THR L 124 -51.08 -63.13 19.17
C THR L 124 -51.60 -62.91 20.58
N VAL L 125 -52.62 -62.08 20.71
CA VAL L 125 -53.20 -61.72 22.00
C VAL L 125 -54.59 -62.33 22.08
N GLY L 126 -54.79 -63.23 23.03
CA GLY L 126 -56.06 -63.91 23.18
C GLY L 126 -57.14 -63.00 23.74
N GLU M 1 -52.02 -34.83 11.91
CA GLU M 1 -51.84 -36.09 11.14
C GLU M 1 -51.91 -35.83 9.63
N ILE M 2 -50.99 -36.46 8.89
CA ILE M 2 -51.04 -36.48 7.44
C ILE M 2 -51.76 -37.76 7.03
N VAL M 3 -52.97 -37.61 6.51
CA VAL M 3 -53.75 -38.74 6.03
C VAL M 3 -53.38 -38.98 4.57
N LEU M 4 -52.85 -40.17 4.28
CA LEU M 4 -52.45 -40.55 2.93
C LEU M 4 -53.53 -41.45 2.36
N THR M 5 -54.30 -40.92 1.40
CA THR M 5 -55.37 -41.66 0.75
C THR M 5 -54.85 -42.27 -0.54
N GLN M 6 -54.85 -43.59 -0.62
CA GLN M 6 -54.41 -44.29 -1.81
C GLN M 6 -55.60 -44.81 -2.58
N SER M 7 -55.48 -44.80 -3.91
CA SER M 7 -56.53 -45.30 -4.79
C SER M 7 -55.87 -45.86 -6.04
N PRO M 8 -56.41 -46.94 -6.62
CA PRO M 8 -57.55 -47.69 -6.12
C PRO M 8 -57.18 -48.58 -4.93
N ALA M 9 -58.16 -48.91 -4.09
CA ALA M 9 -57.90 -49.79 -2.96
C ALA M 9 -57.38 -51.14 -3.41
N THR M 10 -57.99 -51.71 -4.45
CA THR M 10 -57.52 -52.94 -5.06
C THR M 10 -57.48 -52.74 -6.57
N LEU M 11 -56.68 -53.56 -7.24
CA LEU M 11 -56.51 -53.44 -8.68
C LEU M 11 -56.03 -54.77 -9.22
N SER M 12 -56.65 -55.23 -10.31
CA SER M 12 -56.29 -56.49 -10.95
C SER M 12 -56.02 -56.24 -12.42
N LEU M 13 -54.82 -56.60 -12.87
CA LEU M 13 -54.41 -56.39 -14.26
C LEU M 13 -53.67 -57.64 -14.74
N SER M 14 -53.41 -57.67 -16.04
CA SER M 14 -52.70 -58.78 -16.65
C SER M 14 -51.27 -58.39 -16.98
N PRO M 15 -50.37 -59.37 -17.10
CA PRO M 15 -48.97 -59.04 -17.44
C PRO M 15 -48.87 -58.20 -18.70
N GLY M 16 -47.91 -57.28 -18.70
CA GLY M 16 -47.69 -56.39 -19.82
C GLY M 16 -48.46 -55.09 -19.77
N GLU M 17 -49.49 -55.00 -18.93
CA GLU M 17 -50.28 -53.79 -18.82
C GLU M 17 -49.55 -52.76 -17.95
N ARG M 18 -50.19 -51.61 -17.75
CA ARG M 18 -49.63 -50.51 -16.96
C ARG M 18 -50.53 -50.27 -15.76
N ALA M 19 -49.92 -50.11 -14.59
CA ALA M 19 -50.63 -49.81 -13.36
C ALA M 19 -50.30 -48.39 -12.92
N THR M 20 -51.33 -47.62 -12.59
CA THR M 20 -51.17 -46.25 -12.12
C THR M 20 -51.79 -46.16 -10.72
N LEU M 21 -50.95 -46.06 -9.71
CA LEU M 21 -51.38 -46.01 -8.32
C LEU M 21 -51.29 -44.58 -7.82
N SER M 22 -52.33 -44.13 -7.13
CA SER M 22 -52.41 -42.77 -6.62
C SER M 22 -52.26 -42.75 -5.12
N CYS M 23 -51.62 -41.68 -4.62
CA CYS M 23 -51.48 -41.45 -3.18
C CYS M 23 -51.63 -39.95 -2.96
N ARG M 24 -52.68 -39.55 -2.26
CA ARG M 24 -52.97 -38.15 -1.99
C ARG M 24 -52.87 -37.88 -0.51
N ALA M 25 -52.24 -36.76 -0.15
CA ALA M 25 -52.06 -36.36 1.23
C ALA M 25 -53.13 -35.34 1.63
N SER M 26 -53.65 -35.48 2.84
CA SER M 26 -54.63 -34.54 3.35
C SER M 26 -54.01 -33.18 3.69
N GLN M 27 -52.69 -33.15 3.91
CA GLN M 27 -51.99 -31.91 4.25
C GLN M 27 -50.67 -31.89 3.50
N SER M 28 -50.35 -30.75 2.90
CA SER M 28 -49.11 -30.58 2.17
C SER M 28 -48.00 -30.23 3.15
N VAL M 29 -47.12 -31.19 3.42
CA VAL M 29 -46.06 -31.04 4.41
C VAL M 29 -44.71 -31.34 3.76
N SER M 30 -43.67 -30.70 4.26
CA SER M 30 -42.32 -30.94 3.78
C SER M 30 -41.87 -32.32 4.24
N SER M 31 -41.66 -33.22 3.28
CA SER M 31 -41.25 -34.58 3.58
C SER M 31 -40.74 -35.22 2.30
N TYR M 32 -40.27 -36.45 2.42
CA TYR M 32 -39.85 -37.27 1.28
C TYR M 32 -40.84 -38.41 1.13
N LEU M 33 -41.55 -38.44 0.01
CA LEU M 33 -42.57 -39.45 -0.23
C LEU M 33 -41.90 -40.77 -0.63
N ALA M 34 -42.16 -41.81 0.14
CA ALA M 34 -41.60 -43.14 -0.12
C ALA M 34 -42.71 -44.11 -0.49
N TRP M 35 -42.41 -45.00 -1.42
CA TRP M 35 -43.30 -46.10 -1.79
C TRP M 35 -42.68 -47.42 -1.33
N TYR M 36 -43.54 -48.37 -0.99
CA TYR M 36 -43.10 -49.69 -0.55
C TYR M 36 -43.85 -50.77 -1.32
N GLN M 37 -43.14 -51.87 -1.58
CA GLN M 37 -43.72 -53.06 -2.18
C GLN M 37 -43.62 -54.20 -1.16
N GLN M 38 -44.77 -54.74 -0.76
CA GLN M 38 -44.82 -55.85 0.18
C GLN M 38 -45.48 -57.04 -0.52
N LYS M 39 -44.69 -58.06 -0.84
CA LYS M 39 -45.22 -59.27 -1.43
C LYS M 39 -45.81 -60.18 -0.36
N PRO M 40 -46.65 -61.14 -0.76
CA PRO M 40 -47.28 -62.02 0.24
C PRO M 40 -46.26 -62.74 1.10
N GLY M 41 -46.48 -62.73 2.41
CA GLY M 41 -45.61 -63.43 3.33
C GLY M 41 -44.24 -62.82 3.51
N GLN M 42 -44.02 -61.60 3.01
CA GLN M 42 -42.74 -60.92 3.15
C GLN M 42 -42.94 -59.57 3.81
N ALA M 43 -41.84 -59.00 4.28
CA ALA M 43 -41.87 -57.65 4.82
C ALA M 43 -41.86 -56.64 3.68
N PRO M 44 -42.27 -55.40 3.95
CA PRO M 44 -42.24 -54.39 2.89
C PRO M 44 -40.84 -54.19 2.35
N ARG M 45 -40.77 -53.79 1.09
CA ARG M 45 -39.51 -53.53 0.40
C ARG M 45 -39.55 -52.10 -0.13
N LEU M 46 -38.55 -51.31 0.23
CA LEU M 46 -38.48 -49.92 -0.23
C LEU M 46 -38.43 -49.89 -1.76
N LEU M 47 -39.42 -49.24 -2.36
CA LEU M 47 -39.54 -49.14 -3.81
C LEU M 47 -39.07 -47.79 -4.33
N ILE M 48 -39.73 -46.72 -3.93
CA ILE M 48 -39.39 -45.36 -4.32
C ILE M 48 -39.11 -44.55 -3.06
N TYR M 49 -38.20 -43.58 -3.19
CA TYR M 49 -37.95 -42.63 -2.12
C TYR M 49 -37.84 -41.23 -2.73
N ASP M 50 -38.13 -40.22 -1.92
CA ASP M 50 -38.13 -38.85 -2.38
C ASP M 50 -38.98 -38.71 -3.65
N ALA M 51 -40.14 -39.36 -3.64
CA ALA M 51 -41.17 -39.17 -4.65
C ALA M 51 -40.86 -39.85 -5.98
N SER M 52 -39.58 -39.80 -6.41
CA SER M 52 -39.27 -40.22 -7.78
C SER M 52 -37.91 -40.89 -7.90
N ASN M 53 -37.29 -41.32 -6.80
CA ASN M 53 -36.00 -41.99 -6.84
C ASN M 53 -36.20 -43.47 -6.55
N ARG M 54 -35.75 -44.32 -7.48
CA ARG M 54 -35.89 -45.76 -7.30
C ARG M 54 -34.87 -46.27 -6.29
N ALA M 55 -35.32 -47.15 -5.40
CA ALA M 55 -34.43 -47.77 -4.43
C ALA M 55 -33.52 -48.78 -5.12
N THR M 56 -32.64 -49.39 -4.34
CA THR M 56 -31.65 -50.31 -4.89
C THR M 56 -32.35 -51.52 -5.51
N GLY M 57 -31.91 -51.89 -6.71
CA GLY M 57 -32.44 -53.06 -7.38
C GLY M 57 -33.85 -52.92 -7.90
N ILE M 58 -34.33 -51.69 -8.08
CA ILE M 58 -35.68 -51.44 -8.59
C ILE M 58 -35.58 -51.10 -10.06
N PRO M 59 -36.24 -51.84 -10.95
CA PRO M 59 -36.06 -51.58 -12.40
C PRO M 59 -36.79 -50.32 -12.84
N ALA M 60 -36.40 -49.85 -14.02
CA ALA M 60 -36.89 -48.58 -14.53
C ALA M 60 -38.40 -48.59 -14.78
N ARG M 61 -39.02 -49.75 -14.91
CA ARG M 61 -40.46 -49.80 -15.15
C ARG M 61 -41.26 -49.26 -13.97
N PHE M 62 -40.64 -49.12 -12.80
CA PHE M 62 -41.26 -48.45 -11.66
C PHE M 62 -40.92 -46.97 -11.72
N SER M 63 -41.93 -46.12 -11.77
CA SER M 63 -41.73 -44.69 -11.92
C SER M 63 -42.63 -43.94 -10.95
N GLY M 64 -42.03 -43.07 -10.15
CA GLY M 64 -42.76 -42.25 -9.19
C GLY M 64 -42.67 -40.78 -9.58
N SER M 65 -43.76 -40.05 -9.35
CA SER M 65 -43.78 -38.61 -9.58
C SER M 65 -44.78 -38.00 -8.60
N GLY M 66 -44.73 -36.68 -8.48
CA GLY M 66 -45.58 -36.00 -7.53
C GLY M 66 -45.77 -34.55 -7.92
N SER M 67 -46.90 -33.99 -7.49
CA SER M 67 -47.19 -32.57 -7.68
C SER M 67 -48.00 -32.12 -6.47
N GLY M 68 -47.38 -31.31 -5.61
CA GLY M 68 -48.03 -30.87 -4.39
C GLY M 68 -48.35 -32.03 -3.46
N THR M 69 -49.65 -32.29 -3.25
CA THR M 69 -50.10 -33.37 -2.40
C THR M 69 -50.43 -34.64 -3.17
N ASP M 70 -50.43 -34.59 -4.50
CA ASP M 70 -50.85 -35.72 -5.34
C ASP M 70 -49.63 -36.44 -5.87
N PHE M 71 -49.49 -37.71 -5.51
CA PHE M 71 -48.39 -38.55 -5.95
C PHE M 71 -48.91 -39.71 -6.80
N THR M 72 -48.01 -40.28 -7.60
CA THR M 72 -48.36 -41.37 -8.49
C THR M 72 -47.20 -42.34 -8.60
N LEU M 73 -47.52 -43.63 -8.60
CA LEU M 73 -46.57 -44.70 -8.88
C LEU M 73 -47.06 -45.45 -10.11
N THR M 74 -46.25 -45.43 -11.17
CA THR M 74 -46.61 -46.04 -12.44
C THR M 74 -45.73 -47.26 -12.66
N ILE M 75 -46.36 -48.41 -12.85
CA ILE M 75 -45.67 -49.66 -13.11
C ILE M 75 -45.99 -50.06 -14.55
N SER M 76 -45.03 -49.88 -15.45
CA SER M 76 -45.22 -50.22 -16.85
C SER M 76 -44.87 -51.69 -17.08
N SER M 77 -45.50 -52.27 -18.11
CA SER M 77 -45.28 -53.67 -18.46
C SER M 77 -45.27 -54.54 -17.22
N LEU M 78 -46.44 -54.68 -16.57
CA LEU M 78 -46.54 -55.46 -15.36
C LEU M 78 -46.06 -56.89 -15.58
N GLU M 79 -45.49 -57.47 -14.54
CA GLU M 79 -45.03 -58.86 -14.54
C GLU M 79 -45.66 -59.59 -13.37
N PRO M 80 -45.67 -60.93 -13.41
CA PRO M 80 -46.31 -61.67 -12.31
C PRO M 80 -45.72 -61.37 -10.95
N GLU M 81 -44.42 -61.14 -10.86
CA GLU M 81 -43.78 -60.87 -9.57
C GLU M 81 -44.25 -59.55 -8.97
N ASP M 82 -44.82 -58.65 -9.77
CA ASP M 82 -45.35 -57.38 -9.27
C ASP M 82 -46.59 -57.57 -8.39
N PHE M 83 -47.10 -58.79 -8.26
CA PHE M 83 -48.22 -59.08 -7.37
C PHE M 83 -47.83 -58.71 -5.94
N ALA M 84 -48.42 -57.65 -5.39
CA ALA M 84 -48.06 -57.20 -4.06
C ALA M 84 -48.97 -56.04 -3.66
N VAL M 85 -48.89 -55.68 -2.39
CA VAL M 85 -49.55 -54.49 -1.85
C VAL M 85 -48.54 -53.35 -1.86
N TYR M 86 -48.98 -52.17 -2.25
CA TYR M 86 -48.12 -51.00 -2.37
C TYR M 86 -48.57 -49.91 -1.41
N TYR M 87 -47.65 -49.41 -0.61
CA TYR M 87 -47.92 -48.37 0.37
C TYR M 87 -47.09 -47.12 0.08
N CYS M 88 -47.66 -45.96 0.39
CA CYS M 88 -46.94 -44.70 0.34
C CYS M 88 -46.73 -44.18 1.77
N GLN M 89 -45.69 -43.37 1.95
CA GLN M 89 -45.26 -42.98 3.28
C GLN M 89 -44.73 -41.56 3.28
N GLN M 90 -45.10 -40.81 4.33
CA GLN M 90 -44.44 -39.56 4.67
C GLN M 90 -44.26 -39.56 6.19
N TYR M 91 -43.01 -39.61 6.65
CA TYR M 91 -42.68 -39.67 8.08
C TYR M 91 -43.35 -40.91 8.64
N GLU M 92 -44.06 -40.82 9.77
CA GLU M 92 -44.70 -41.97 10.40
C GLU M 92 -45.98 -42.39 9.70
N PHE M 93 -46.43 -41.64 8.69
CA PHE M 93 -47.77 -41.81 8.12
C PHE M 93 -47.70 -42.70 6.89
N PHE M 94 -48.54 -43.73 6.88
CA PHE M 94 -48.66 -44.65 5.75
C PHE M 94 -50.06 -44.55 5.18
N GLY M 95 -50.18 -44.78 3.87
CA GLY M 95 -51.47 -44.96 3.26
C GLY M 95 -52.05 -46.33 3.58
N GLN M 96 -53.33 -46.50 3.26
CA GLN M 96 -53.99 -47.77 3.50
C GLN M 96 -53.48 -48.87 2.55
N GLY M 97 -52.82 -48.50 1.46
CA GLY M 97 -52.25 -49.44 0.54
C GLY M 97 -53.15 -49.72 -0.66
N THR M 98 -52.53 -50.20 -1.74
CA THR M 98 -53.24 -50.59 -2.95
C THR M 98 -52.88 -52.04 -3.26
N LYS M 99 -53.85 -52.94 -3.14
CA LYS M 99 -53.63 -54.35 -3.45
C LYS M 99 -53.63 -54.53 -4.95
N LEU M 100 -52.46 -54.80 -5.51
CA LEU M 100 -52.30 -55.04 -6.94
C LEU M 100 -52.24 -56.54 -7.18
N GLU M 101 -53.20 -57.05 -7.95
CA GLU M 101 -53.21 -58.45 -8.35
C GLU M 101 -52.85 -58.55 -9.83
N ILE M 102 -51.96 -59.47 -10.15
CA ILE M 102 -51.54 -59.73 -11.52
C ILE M 102 -52.11 -61.08 -11.95
N GLY M 103 -52.66 -61.12 -13.16
CA GLY M 103 -53.31 -62.32 -13.66
C GLY M 103 -52.38 -63.45 -14.04
N GLY M 104 -51.07 -63.26 -13.92
CA GLY M 104 -50.12 -64.31 -14.28
C GLY M 104 -49.75 -65.20 -13.10
N GLY M 105 -49.27 -64.59 -12.03
CA GLY M 105 -48.85 -65.33 -10.84
C GLY M 105 -48.95 -64.45 -9.61
N GLY M 106 -48.03 -64.66 -8.67
CA GLY M 106 -48.01 -63.90 -7.43
C GLY M 106 -48.32 -64.74 -6.20
N ASP N 1 -52.70 -20.21 5.05
CA ASP N 1 -51.22 -20.31 5.11
C ASP N 1 -50.70 -19.89 6.49
N VAL N 2 -49.52 -20.38 6.86
CA VAL N 2 -48.92 -20.03 8.14
C VAL N 2 -48.42 -18.59 8.09
N VAL N 3 -48.76 -17.82 9.12
CA VAL N 3 -48.38 -16.42 9.21
C VAL N 3 -47.20 -16.29 10.16
N MET N 4 -46.12 -15.67 9.70
CA MET N 4 -44.92 -15.46 10.49
C MET N 4 -44.86 -13.98 10.86
N SER N 5 -44.99 -13.70 12.16
CA SER N 5 -45.03 -12.34 12.67
C SER N 5 -43.74 -12.05 13.43
N GLN N 6 -42.93 -11.14 12.89
CA GLN N 6 -41.67 -10.77 13.50
C GLN N 6 -41.80 -9.45 14.24
N SER N 7 -40.98 -9.27 15.27
CA SER N 7 -40.98 -8.05 16.05
C SER N 7 -39.62 -7.90 16.71
N PRO N 8 -39.06 -6.69 16.80
CA PRO N 8 -39.60 -5.44 16.24
C PRO N 8 -39.42 -5.35 14.73
N SER N 9 -40.13 -4.43 14.09
CA SER N 9 -39.92 -4.20 12.67
C SER N 9 -38.50 -3.75 12.39
N SER N 10 -37.95 -2.91 13.26
CA SER N 10 -36.58 -2.45 13.13
C SER N 10 -36.13 -1.84 14.46
N LEU N 11 -34.82 -1.72 14.62
CA LEU N 11 -34.25 -1.08 15.79
C LEU N 11 -32.81 -0.69 15.49
N THR N 12 -32.32 0.29 16.24
CA THR N 12 -30.94 0.75 16.15
C THR N 12 -30.30 0.65 17.52
N VAL N 13 -29.13 0.01 17.59
CA VAL N 13 -28.40 -0.18 18.84
C VAL N 13 -26.96 0.23 18.62
N SER N 14 -26.20 0.27 19.71
CA SER N 14 -24.80 0.63 19.69
C SER N 14 -23.93 -0.61 19.73
N LEU N 15 -22.70 -0.46 19.24
CA LEU N 15 -21.75 -1.57 19.20
C LEU N 15 -21.64 -2.23 20.56
N GLY N 16 -21.84 -3.55 20.59
CA GLY N 16 -21.67 -4.34 21.80
C GLY N 16 -22.94 -4.61 22.57
N GLU N 17 -24.06 -4.02 22.19
CA GLU N 17 -25.32 -4.26 22.89
C GLU N 17 -25.89 -5.64 22.55
N LYS N 18 -26.78 -6.11 23.42
CA LYS N 18 -27.50 -7.34 23.21
C LYS N 18 -28.78 -7.05 22.44
N VAL N 19 -29.04 -7.84 21.39
CA VAL N 19 -30.19 -7.66 20.53
C VAL N 19 -31.08 -8.89 20.63
N THR N 20 -32.38 -8.67 20.84
CA THR N 20 -33.36 -9.74 20.94
C THR N 20 -34.48 -9.46 19.97
N MET N 21 -34.73 -10.39 19.05
CA MET N 21 -35.81 -10.30 18.09
C MET N 21 -36.60 -11.60 18.10
N THR N 22 -37.91 -11.48 17.95
CA THR N 22 -38.81 -12.61 18.11
C THR N 22 -39.51 -12.93 16.79
N CYS N 23 -39.94 -14.19 16.68
CA CYS N 23 -40.67 -14.68 15.51
C CYS N 23 -41.77 -15.60 16.02
N LYS N 24 -43.02 -15.28 15.67
CA LYS N 24 -44.18 -16.05 16.12
C LYS N 24 -44.91 -16.60 14.90
N SER N 25 -45.06 -17.92 14.85
CA SER N 25 -45.80 -18.57 13.79
C SER N 25 -47.24 -18.80 14.22
N SER N 26 -48.16 -18.70 13.25
CA SER N 26 -49.57 -18.90 13.55
C SER N 26 -49.88 -20.33 13.97
N GLN N 27 -48.99 -21.27 13.67
CA GLN N 27 -49.17 -22.67 14.04
C GLN N 27 -47.86 -23.21 14.60
N SER N 28 -47.97 -24.33 15.33
CA SER N 28 -46.80 -25.02 15.81
C SER N 28 -45.98 -25.55 14.64
N LEU N 29 -44.67 -25.33 14.70
CA LEU N 29 -43.75 -25.83 13.69
C LEU N 29 -42.99 -27.06 14.16
N LEU N 30 -43.44 -27.68 15.24
CA LEU N 30 -42.76 -28.82 15.83
C LEU N 30 -43.46 -30.11 15.40
N TYR N 31 -42.74 -30.97 14.69
CA TYR N 31 -43.27 -32.27 14.29
C TYR N 31 -42.88 -33.30 15.35
N SER N 32 -43.89 -33.95 15.93
CA SER N 32 -43.65 -34.87 17.05
C SER N 32 -42.76 -36.03 16.64
N GLY N 33 -42.88 -36.50 15.40
CA GLY N 33 -42.14 -37.68 14.97
C GLY N 33 -40.63 -37.51 15.00
N ASN N 34 -40.13 -36.28 14.94
CA ASN N 34 -38.71 -36.02 15.08
C ASN N 34 -38.39 -34.92 16.09
N GLN N 35 -39.39 -34.31 16.70
CA GLN N 35 -39.19 -33.26 17.70
C GLN N 35 -38.27 -32.16 17.15
N LYS N 36 -38.45 -31.84 15.87
CA LYS N 36 -37.71 -30.77 15.22
C LYS N 36 -38.66 -29.61 14.93
N ASN N 37 -38.22 -28.40 15.24
CA ASN N 37 -38.93 -27.20 14.84
C ASN N 37 -38.44 -26.78 13.45
N TYR N 38 -39.35 -26.76 12.48
CA TYR N 38 -39.02 -26.43 11.10
C TYR N 38 -39.00 -24.90 10.94
N LEU N 39 -38.05 -24.28 11.62
CA LEU N 39 -37.90 -22.83 11.65
C LEU N 39 -36.48 -22.48 11.23
N ALA N 40 -36.35 -21.46 10.40
CA ALA N 40 -35.06 -21.00 9.93
C ALA N 40 -34.96 -19.49 10.08
N TRP N 41 -33.73 -19.02 10.27
CA TRP N 41 -33.42 -17.60 10.31
C TRP N 41 -32.47 -17.26 9.16
N TYR N 42 -32.75 -16.17 8.46
CA TYR N 42 -31.93 -15.72 7.35
C TYR N 42 -31.44 -14.29 7.60
N GLN N 43 -30.19 -14.04 7.26
CA GLN N 43 -29.55 -12.75 7.43
C GLN N 43 -29.26 -12.16 6.06
N GLN N 44 -29.80 -10.98 5.79
CA GLN N 44 -29.59 -10.28 4.51
C GLN N 44 -28.87 -8.97 4.80
N LYS N 45 -27.58 -8.93 4.48
CA LYS N 45 -26.80 -7.70 4.63
C LYS N 45 -27.08 -6.76 3.46
N PRO N 46 -26.84 -5.47 3.62
CA PRO N 46 -27.15 -4.52 2.55
C PRO N 46 -26.44 -4.87 1.26
N GLY N 47 -27.19 -4.81 0.15
CA GLY N 47 -26.65 -5.15 -1.15
C GLY N 47 -26.33 -6.61 -1.34
N GLN N 48 -26.73 -7.47 -0.40
CA GLN N 48 -26.47 -8.90 -0.47
C GLN N 48 -27.79 -9.66 -0.50
N SER N 49 -27.70 -10.94 -0.85
CA SER N 49 -28.84 -11.82 -0.80
C SER N 49 -29.00 -12.38 0.61
N PRO N 50 -30.17 -12.92 0.95
CA PRO N 50 -30.31 -13.61 2.23
C PRO N 50 -29.30 -14.73 2.37
N LYS N 51 -28.84 -14.94 3.60
CA LYS N 51 -27.92 -16.01 3.94
C LYS N 51 -28.51 -16.84 5.07
N LEU N 52 -28.37 -18.15 4.96
CA LEU N 52 -28.87 -19.04 6.01
C LEU N 52 -28.07 -18.82 7.28
N LEU N 53 -28.73 -18.35 8.33
CA LEU N 53 -28.11 -18.10 9.62
C LEU N 53 -28.32 -19.26 10.60
N ILE N 54 -29.57 -19.68 10.78
CA ILE N 54 -29.92 -20.76 11.71
C ILE N 54 -31.05 -21.58 11.10
N TYR N 55 -31.03 -22.88 11.36
CA TYR N 55 -32.09 -23.77 10.95
C TYR N 55 -32.38 -24.76 12.06
N TRP N 56 -33.52 -25.44 11.94
CA TRP N 56 -34.07 -26.25 13.03
C TRP N 56 -34.25 -25.41 14.30
N ALA N 57 -34.44 -24.11 14.12
CA ALA N 57 -34.76 -23.18 15.19
C ALA N 57 -33.53 -22.78 16.02
N SER N 58 -32.54 -23.66 16.13
CA SER N 58 -31.40 -23.41 17.01
C SER N 58 -30.05 -23.86 16.47
N THR N 59 -30.00 -24.45 15.27
CA THR N 59 -28.73 -24.94 14.73
C THR N 59 -28.11 -23.85 13.85
N ARG N 60 -26.87 -23.50 14.15
CA ARG N 60 -26.15 -22.49 13.37
C ARG N 60 -25.52 -23.12 12.13
N GLU N 61 -25.63 -22.41 11.01
CA GLU N 61 -24.96 -22.84 9.79
C GLU N 61 -23.45 -22.62 9.92
N SER N 62 -22.69 -23.40 9.16
CA SER N 62 -21.24 -23.30 9.17
C SER N 62 -20.81 -21.85 9.01
N GLY N 63 -19.89 -21.41 9.88
CA GLY N 63 -19.35 -20.07 9.82
C GLY N 63 -20.09 -19.04 10.63
N VAL N 64 -21.29 -19.34 11.11
CA VAL N 64 -22.04 -18.39 11.92
C VAL N 64 -21.45 -18.36 13.33
N PRO N 65 -21.08 -17.20 13.85
CA PRO N 65 -20.47 -17.16 15.19
C PRO N 65 -21.46 -17.57 16.27
N ASP N 66 -20.92 -18.06 17.39
CA ASP N 66 -21.73 -18.34 18.56
C ASP N 66 -22.40 -17.09 19.11
N ARG N 67 -22.00 -15.90 18.64
CA ARG N 67 -22.70 -14.66 18.98
C ARG N 67 -24.20 -14.79 18.72
N PHE N 68 -24.58 -15.45 17.63
CA PHE N 68 -25.99 -15.66 17.29
C PHE N 68 -26.50 -16.91 17.96
N THR N 69 -27.69 -16.81 18.57
CA THR N 69 -28.31 -17.95 19.23
C THR N 69 -29.81 -17.92 18.94
N GLY N 70 -30.30 -18.97 18.27
CA GLY N 70 -31.72 -19.12 18.01
C GLY N 70 -32.33 -20.11 18.98
N SER N 71 -33.49 -19.77 19.51
CA SER N 71 -34.16 -20.59 20.52
C SER N 71 -35.66 -20.50 20.32
N GLY N 72 -36.37 -21.31 21.09
CA GLY N 72 -37.81 -21.39 21.01
C GLY N 72 -38.28 -22.75 20.50
N SER N 73 -39.57 -23.01 20.69
CA SER N 73 -40.17 -24.26 20.28
C SER N 73 -41.66 -24.05 20.07
N GLY N 74 -42.20 -24.66 19.02
CA GLY N 74 -43.62 -24.58 18.75
C GLY N 74 -43.99 -23.38 17.90
N THR N 75 -44.38 -22.28 18.53
CA THR N 75 -44.79 -21.08 17.82
C THR N 75 -43.97 -19.84 18.16
N ASP N 76 -43.44 -19.74 19.37
CA ASP N 76 -42.70 -18.56 19.81
C ASP N 76 -41.20 -18.86 19.70
N PHE N 77 -40.52 -18.11 18.83
CA PHE N 77 -39.10 -18.30 18.59
C PHE N 77 -38.36 -16.99 18.80
N THR N 78 -37.05 -17.09 19.03
CA THR N 78 -36.26 -15.93 19.39
C THR N 78 -34.85 -16.06 18.82
N LEU N 79 -34.32 -14.95 18.32
CA LEU N 79 -32.93 -14.84 17.89
C LEU N 79 -32.25 -13.77 18.71
N ILE N 80 -31.13 -14.12 19.34
CA ILE N 80 -30.41 -13.21 20.23
C ILE N 80 -28.98 -13.05 19.72
N ILE N 81 -28.55 -11.80 19.60
CA ILE N 81 -27.15 -11.47 19.33
C ILE N 81 -26.56 -10.99 20.65
N SER N 82 -25.70 -11.81 21.26
CA SER N 82 -25.19 -11.50 22.59
C SER N 82 -24.53 -10.14 22.62
N SER N 83 -23.49 -9.94 21.81
CA SER N 83 -22.79 -8.66 21.72
C SER N 83 -22.63 -8.32 20.24
N VAL N 84 -23.43 -7.37 19.76
CA VAL N 84 -23.52 -7.11 18.33
C VAL N 84 -22.24 -6.45 17.83
N LYS N 85 -21.78 -6.91 16.67
CA LYS N 85 -20.65 -6.29 15.98
C LYS N 85 -21.17 -5.47 14.80
N ALA N 86 -20.24 -4.72 14.19
CA ALA N 86 -20.62 -3.83 13.09
C ALA N 86 -21.20 -4.60 11.92
N GLU N 87 -20.59 -5.73 11.56
CA GLU N 87 -21.04 -6.47 10.38
C GLU N 87 -22.36 -7.19 10.61
N ASP N 88 -22.99 -7.05 11.77
CA ASP N 88 -24.32 -7.61 12.00
C ASP N 88 -25.43 -6.73 11.42
N LEU N 89 -25.10 -5.57 10.87
CA LEU N 89 -26.10 -4.72 10.25
C LEU N 89 -26.73 -5.45 9.07
N ALA N 90 -28.04 -5.74 9.18
CA ALA N 90 -28.71 -6.55 8.18
C ALA N 90 -30.19 -6.66 8.56
N VAL N 91 -30.96 -7.27 7.68
CA VAL N 91 -32.35 -7.62 7.94
C VAL N 91 -32.41 -9.11 8.23
N TYR N 92 -33.10 -9.48 9.30
CA TYR N 92 -33.17 -10.86 9.76
C TYR N 92 -34.58 -11.38 9.54
N TYR N 93 -34.70 -12.39 8.68
CA TYR N 93 -35.97 -13.02 8.37
C TYR N 93 -36.04 -14.39 9.04
N CYS N 94 -37.22 -14.73 9.56
CA CYS N 94 -37.51 -16.10 9.95
C CYS N 94 -38.41 -16.74 8.90
N GLN N 95 -38.33 -18.07 8.82
CA GLN N 95 -39.08 -18.82 7.81
C GLN N 95 -39.51 -20.16 8.40
N GLN N 96 -40.77 -20.51 8.18
CA GLN N 96 -41.25 -21.86 8.45
C GLN N 96 -41.20 -22.66 7.15
N PHE N 97 -40.65 -23.88 7.23
CA PHE N 97 -40.52 -24.75 6.07
C PHE N 97 -41.12 -26.12 6.35
N TYR N 98 -42.24 -26.15 7.06
CA TYR N 98 -42.97 -27.39 7.29
C TYR N 98 -44.26 -27.47 6.49
N PHE N 99 -45.09 -26.44 6.56
CA PHE N 99 -46.36 -26.41 5.85
C PHE N 99 -46.19 -25.66 4.53
N TYR N 100 -46.52 -26.33 3.43
CA TYR N 100 -46.60 -25.64 2.16
C TYR N 100 -47.85 -24.77 2.13
N PRO N 101 -47.77 -23.53 1.63
CA PRO N 101 -46.56 -22.88 1.12
C PRO N 101 -45.65 -22.40 2.23
N TRP N 102 -44.35 -22.57 2.04
CA TRP N 102 -43.38 -22.01 2.97
C TRP N 102 -43.52 -20.50 3.02
N THR N 103 -43.44 -19.95 4.24
CA THR N 103 -43.72 -18.54 4.46
C THR N 103 -42.60 -17.90 5.28
N PHE N 104 -42.34 -16.64 5.00
CA PHE N 104 -41.33 -15.85 5.68
C PHE N 104 -41.99 -14.80 6.58
N GLY N 105 -41.24 -14.36 7.58
CA GLY N 105 -41.65 -13.22 8.37
C GLY N 105 -41.31 -11.91 7.69
N GLY N 106 -41.93 -10.83 8.19
CA GLY N 106 -41.71 -9.52 7.61
C GLY N 106 -40.30 -8.99 7.78
N GLY N 107 -39.51 -9.60 8.65
CA GLY N 107 -38.13 -9.20 8.83
C GLY N 107 -37.95 -8.17 9.92
N THR N 108 -36.79 -8.23 10.57
CA THR N 108 -36.37 -7.25 11.58
C THR N 108 -35.11 -6.57 11.07
N LYS N 109 -35.20 -5.27 10.81
CA LYS N 109 -34.07 -4.50 10.31
C LYS N 109 -33.22 -4.02 11.48
N LEU N 110 -31.97 -4.46 11.53
CA LEU N 110 -31.05 -4.13 12.61
C LEU N 110 -30.03 -3.11 12.12
N GLU N 111 -30.07 -1.92 12.71
CA GLU N 111 -29.10 -0.86 12.43
C GLU N 111 -28.15 -0.72 13.63
N ILE N 112 -26.93 -0.30 13.35
CA ILE N 112 -25.89 -0.19 14.37
C ILE N 112 -25.20 1.17 14.22
N LYS N 113 -25.04 1.87 15.35
CA LYS N 113 -24.36 3.16 15.34
C LYS N 113 -22.91 2.99 14.90
N GLY N 114 -22.54 3.67 13.82
CA GLY N 114 -21.18 3.66 13.32
C GLY N 114 -21.04 3.14 11.90
N GLY N 115 -22.00 2.37 11.42
CA GLY N 115 -21.98 1.82 10.08
C GLY N 115 -22.01 0.30 10.09
N GLY N 116 -21.77 -0.27 8.91
CA GLY N 116 -21.76 -1.70 8.73
C GLY N 116 -20.36 -2.25 8.53
N GLY N 117 -20.31 -3.57 8.36
CA GLY N 117 -19.05 -4.27 8.16
C GLY N 117 -18.69 -4.45 6.69
N GLU O 4 -16.95 -20.76 -4.17
CA GLU O 4 -17.15 -22.23 -4.08
C GLU O 4 -18.54 -22.61 -4.58
N VAL O 5 -19.45 -22.97 -3.68
CA VAL O 5 -20.84 -23.18 -4.05
C VAL O 5 -21.42 -21.87 -4.56
N LYS O 6 -22.03 -21.91 -5.75
CA LYS O 6 -22.41 -20.68 -6.43
C LYS O 6 -23.70 -20.89 -7.22
N LEU O 7 -24.55 -19.86 -7.22
CA LEU O 7 -25.75 -19.82 -8.04
C LEU O 7 -25.82 -18.46 -8.71
N VAL O 8 -26.08 -18.45 -10.01
CA VAL O 8 -26.13 -17.21 -10.79
C VAL O 8 -27.41 -17.24 -11.63
N GLU O 9 -28.33 -16.33 -11.33
CA GLU O 9 -29.59 -16.24 -12.06
C GLU O 9 -29.47 -15.28 -13.24
N SER O 10 -30.33 -15.50 -14.24
CA SER O 10 -30.41 -14.63 -15.40
C SER O 10 -31.79 -14.78 -16.01
N GLY O 11 -32.09 -13.91 -16.97
CA GLY O 11 -33.34 -13.94 -17.69
C GLY O 11 -34.35 -12.88 -17.28
N GLY O 12 -34.14 -12.23 -16.14
CA GLY O 12 -35.02 -11.14 -15.76
C GLY O 12 -35.01 -10.02 -16.79
N ASP O 13 -36.11 -9.26 -16.81
CA ASP O 13 -36.27 -8.21 -17.80
C ASP O 13 -37.53 -7.42 -17.46
N PHE O 14 -37.69 -6.28 -18.14
CA PHE O 14 -38.93 -5.53 -18.08
C PHE O 14 -39.94 -6.17 -19.01
N VAL O 15 -41.17 -6.34 -18.52
CA VAL O 15 -42.24 -7.01 -19.27
C VAL O 15 -43.56 -6.31 -18.98
N LYS O 16 -44.51 -6.49 -19.91
CA LYS O 16 -45.83 -5.90 -19.74
C LYS O 16 -46.80 -6.91 -19.16
N PRO O 17 -47.82 -6.45 -18.44
CA PRO O 17 -48.81 -7.38 -17.89
C PRO O 17 -49.28 -8.38 -18.94
N GLY O 18 -49.44 -9.64 -18.51
CA GLY O 18 -49.82 -10.70 -19.41
C GLY O 18 -48.67 -11.31 -20.18
N GLY O 19 -47.46 -10.78 -20.05
CA GLY O 19 -46.32 -11.32 -20.76
C GLY O 19 -45.79 -12.59 -20.12
N SER O 20 -44.73 -13.12 -20.73
CA SER O 20 -44.12 -14.36 -20.28
C SER O 20 -42.61 -14.18 -20.21
N LEU O 21 -41.98 -15.01 -19.39
CA LEU O 21 -40.54 -14.91 -19.17
C LEU O 21 -40.04 -16.25 -18.63
N LYS O 22 -38.84 -16.64 -19.03
CA LYS O 22 -38.20 -17.85 -18.52
C LYS O 22 -36.87 -17.48 -17.88
N LEU O 23 -36.78 -17.63 -16.56
CA LEU O 23 -35.55 -17.38 -15.83
C LEU O 23 -34.68 -18.63 -15.85
N SER O 24 -33.37 -18.42 -15.71
CA SER O 24 -32.42 -19.52 -15.65
C SER O 24 -31.44 -19.26 -14.52
N CYS O 25 -30.86 -20.35 -14.00
CA CYS O 25 -29.93 -20.29 -12.89
C CYS O 25 -28.82 -21.30 -13.12
N ALA O 26 -27.59 -20.81 -13.16
CA ALA O 26 -26.42 -21.66 -13.36
C ALA O 26 -25.86 -22.06 -11.99
N ALA O 27 -25.83 -23.37 -11.73
CA ALA O 27 -25.32 -23.90 -10.48
C ALA O 27 -23.90 -24.42 -10.66
N SER O 28 -23.09 -24.27 -9.62
CA SER O 28 -21.71 -24.72 -9.66
C SER O 28 -21.19 -24.85 -8.24
N GLY O 29 -20.16 -25.69 -8.08
CA GLY O 29 -19.52 -25.89 -6.80
C GLY O 29 -20.05 -27.06 -6.00
N PHE O 30 -21.12 -27.71 -6.46
CA PHE O 30 -21.70 -28.84 -5.74
C PHE O 30 -22.37 -29.76 -6.75
N THR O 31 -22.73 -30.96 -6.27
CA THR O 31 -23.40 -31.95 -7.12
C THR O 31 -24.85 -31.50 -7.28
N PHE O 32 -25.11 -30.75 -8.35
CA PHE O 32 -26.43 -30.18 -8.58
C PHE O 32 -27.51 -31.26 -8.61
N SER O 33 -27.21 -32.43 -9.17
CA SER O 33 -28.22 -33.45 -9.41
C SER O 33 -28.67 -34.18 -8.15
N ASN O 34 -28.00 -33.97 -7.02
CA ASN O 34 -28.36 -34.62 -5.76
C ASN O 34 -29.08 -33.69 -4.80
N SER O 35 -29.41 -32.47 -5.23
CA SER O 35 -29.98 -31.46 -4.35
C SER O 35 -31.28 -30.93 -4.94
N ALA O 36 -32.30 -30.82 -4.10
CA ALA O 36 -33.51 -30.10 -4.48
C ALA O 36 -33.23 -28.60 -4.52
N MET O 37 -34.04 -27.89 -5.31
CA MET O 37 -33.85 -26.47 -5.55
C MET O 37 -35.20 -25.75 -5.44
N SER O 38 -35.13 -24.45 -5.15
CA SER O 38 -36.32 -23.62 -5.05
C SER O 38 -36.04 -22.23 -5.58
N TRP O 39 -37.09 -21.54 -5.99
CA TRP O 39 -37.04 -20.12 -6.32
C TRP O 39 -37.75 -19.33 -5.22
N VAL O 40 -37.23 -18.15 -4.93
CA VAL O 40 -37.80 -17.27 -3.91
C VAL O 40 -37.84 -15.85 -4.47
N ARG O 41 -38.93 -15.15 -4.20
CA ARG O 41 -39.11 -13.78 -4.64
C ARG O 41 -38.87 -12.82 -3.49
N GLN O 42 -38.30 -11.65 -3.82
CA GLN O 42 -38.22 -10.53 -2.91
C GLN O 42 -38.88 -9.34 -3.59
N THR O 43 -40.00 -8.89 -3.05
CA THR O 43 -40.78 -7.84 -3.67
C THR O 43 -40.06 -6.50 -3.52
N PRO O 44 -40.50 -5.47 -4.24
CA PRO O 44 -39.96 -4.13 -4.02
C PRO O 44 -40.06 -3.69 -2.56
N GLU O 45 -41.04 -4.20 -1.83
CA GLU O 45 -41.20 -3.91 -0.41
C GLU O 45 -40.31 -4.77 0.47
N LYS O 46 -39.47 -5.62 -0.12
CA LYS O 46 -38.50 -6.45 0.58
C LYS O 46 -39.14 -7.62 1.32
N ARG O 47 -40.36 -8.00 0.96
CA ARG O 47 -40.95 -9.21 1.50
C ARG O 47 -40.45 -10.43 0.73
N LEU O 48 -40.17 -11.50 1.46
CA LEU O 48 -39.74 -12.76 0.86
C LEU O 48 -40.93 -13.69 0.67
N GLU O 49 -41.01 -14.30 -0.49
CA GLU O 49 -42.11 -15.20 -0.84
C GLU O 49 -41.57 -16.39 -1.61
N TRP O 50 -41.70 -17.58 -1.02
CA TRP O 50 -41.30 -18.80 -1.71
C TRP O 50 -42.23 -19.03 -2.92
N VAL O 51 -41.63 -19.43 -4.04
CA VAL O 51 -42.33 -19.49 -5.31
C VAL O 51 -42.45 -20.91 -5.85
N ALA O 52 -41.42 -21.72 -5.69
CA ALA O 52 -41.45 -23.05 -6.30
C ALA O 52 -40.36 -23.92 -5.70
N THR O 53 -40.61 -25.23 -5.75
CA THR O 53 -39.62 -26.22 -5.34
C THR O 53 -39.60 -27.35 -6.36
N ILE O 54 -38.48 -28.06 -6.42
CA ILE O 54 -38.31 -29.20 -7.30
C ILE O 54 -37.26 -30.11 -6.69
N ASN O 55 -37.54 -31.41 -6.68
CA ASN O 55 -36.62 -32.36 -6.06
C ASN O 55 -35.48 -32.70 -7.01
N ASN O 56 -34.61 -33.60 -6.57
CA ASN O 56 -33.30 -33.77 -7.20
C ASN O 56 -33.43 -34.08 -8.70
N ASN O 57 -34.31 -35.01 -9.06
CA ASN O 57 -34.43 -35.45 -10.45
C ASN O 57 -35.64 -34.87 -11.17
N GLY O 58 -36.27 -33.83 -10.61
CA GLY O 58 -37.39 -33.19 -11.25
C GLY O 58 -38.68 -33.97 -11.23
N GLY O 59 -38.73 -35.09 -10.52
CA GLY O 59 -39.97 -35.86 -10.43
C GLY O 59 -41.02 -35.29 -9.51
N TYR O 60 -40.64 -34.33 -8.65
CA TYR O 60 -41.58 -33.67 -7.76
C TYR O 60 -41.44 -32.17 -7.88
N THR O 61 -42.58 -31.48 -7.89
CA THR O 61 -42.62 -30.03 -7.92
C THR O 61 -43.77 -29.55 -7.04
N HIS O 62 -43.65 -28.32 -6.54
CA HIS O 62 -44.72 -27.72 -5.76
C HIS O 62 -44.59 -26.21 -5.82
N TYR O 63 -45.73 -25.54 -5.77
CA TYR O 63 -45.81 -24.09 -5.77
C TYR O 63 -46.92 -23.67 -4.81
N PRO O 64 -47.04 -22.38 -4.49
CA PRO O 64 -48.27 -21.91 -3.86
C PRO O 64 -49.42 -21.96 -4.85
N ASP O 65 -50.61 -22.28 -4.33
CA ASP O 65 -51.75 -22.52 -5.21
C ASP O 65 -51.98 -21.35 -6.18
N THR O 66 -51.76 -20.12 -5.70
CA THR O 66 -52.02 -18.94 -6.52
C THR O 66 -51.02 -18.78 -7.66
N LEU O 67 -49.96 -19.60 -7.72
CA LEU O 67 -48.95 -19.48 -8.75
C LEU O 67 -48.83 -20.71 -9.65
N LYS O 68 -49.38 -21.86 -9.25
CA LYS O 68 -49.07 -23.10 -9.96
C LYS O 68 -49.48 -23.05 -11.42
N ASP O 69 -50.49 -22.24 -11.75
CA ASP O 69 -51.02 -22.19 -13.12
C ASP O 69 -50.24 -21.25 -14.02
N ARG O 70 -49.41 -20.37 -13.47
CA ARG O 70 -48.62 -19.44 -14.26
C ARG O 70 -47.12 -19.71 -14.16
N PHE O 71 -46.67 -20.41 -13.13
CA PHE O 71 -45.25 -20.67 -12.90
C PHE O 71 -44.96 -22.15 -13.10
N THR O 72 -43.78 -22.44 -13.65
CA THR O 72 -43.34 -23.82 -13.87
C THR O 72 -41.84 -23.89 -13.63
N ILE O 73 -41.45 -24.69 -12.64
CA ILE O 73 -40.04 -24.89 -12.32
C ILE O 73 -39.57 -26.17 -13.00
N SER O 74 -38.45 -26.09 -13.70
CA SER O 74 -37.88 -27.23 -14.40
C SER O 74 -36.39 -27.31 -14.08
N ARG O 75 -35.73 -28.31 -14.66
CA ARG O 75 -34.40 -28.69 -14.21
C ARG O 75 -33.65 -29.35 -15.35
N ASP O 76 -32.33 -29.13 -15.42
CA ASP O 76 -31.47 -29.76 -16.41
C ASP O 76 -30.19 -30.18 -15.68
N ASN O 77 -30.11 -31.47 -15.32
CA ASN O 77 -29.01 -31.98 -14.53
C ASN O 77 -27.76 -32.28 -15.35
N VAL O 78 -27.81 -32.10 -16.68
CA VAL O 78 -26.61 -32.22 -17.50
C VAL O 78 -25.89 -30.88 -17.59
N LYS O 79 -26.63 -29.80 -17.83
CA LYS O 79 -26.06 -28.47 -17.85
C LYS O 79 -25.96 -27.85 -16.46
N ASN O 80 -26.53 -28.50 -15.44
CA ASN O 80 -26.54 -27.96 -14.08
C ASN O 80 -27.23 -26.60 -14.06
N THR O 81 -28.45 -26.56 -14.59
CA THR O 81 -29.20 -25.32 -14.73
C THR O 81 -30.61 -25.51 -14.18
N LEU O 82 -31.10 -24.48 -13.50
CA LEU O 82 -32.47 -24.42 -13.00
C LEU O 82 -33.23 -23.34 -13.76
N TYR O 83 -34.51 -23.58 -14.01
CA TYR O 83 -35.33 -22.68 -14.80
C TYR O 83 -36.61 -22.33 -14.07
N LEU O 84 -37.27 -21.27 -14.55
CA LEU O 84 -38.58 -20.89 -14.02
C LEU O 84 -39.35 -20.23 -15.17
N GLN O 85 -40.33 -20.94 -15.71
CA GLN O 85 -41.18 -20.40 -16.76
C GLN O 85 -42.32 -19.61 -16.12
N MET O 86 -42.50 -18.37 -16.56
CA MET O 86 -43.52 -17.48 -16.02
C MET O 86 -44.41 -17.01 -17.17
N SER O 87 -45.72 -17.00 -16.92
CA SER O 87 -46.69 -16.58 -17.92
C SER O 87 -47.80 -15.79 -17.25
N SER O 88 -48.56 -15.06 -18.06
CA SER O 88 -49.66 -14.23 -17.57
C SER O 88 -49.20 -13.38 -16.39
N LEU O 89 -48.05 -12.74 -16.57
CA LEU O 89 -47.43 -11.99 -15.49
C LEU O 89 -48.31 -10.82 -15.06
N ARG O 90 -48.40 -10.61 -13.75
CA ARG O 90 -49.11 -9.48 -13.16
C ARG O 90 -48.11 -8.53 -12.51
N SER O 91 -48.62 -7.37 -12.10
CA SER O 91 -47.78 -6.42 -11.38
C SER O 91 -47.31 -6.95 -10.03
N GLU O 92 -48.04 -7.91 -9.46
CA GLU O 92 -47.62 -8.52 -8.21
C GLU O 92 -46.39 -9.41 -8.39
N ASP O 93 -46.14 -9.87 -9.61
CA ASP O 93 -44.98 -10.71 -9.90
C ASP O 93 -43.68 -9.91 -9.95
N THR O 94 -43.75 -8.59 -9.90
CA THR O 94 -42.54 -7.77 -9.89
C THR O 94 -41.76 -8.06 -8.61
N ALA O 95 -40.51 -8.49 -8.77
CA ALA O 95 -39.67 -8.85 -7.63
C ALA O 95 -38.29 -9.24 -8.14
N LEU O 96 -37.38 -9.47 -7.20
CA LEU O 96 -36.07 -10.03 -7.47
C LEU O 96 -36.12 -11.52 -7.20
N TYR O 97 -35.85 -12.32 -8.23
CA TYR O 97 -36.06 -13.77 -8.18
C TYR O 97 -34.76 -14.47 -7.80
N TYR O 98 -34.75 -15.12 -6.65
CA TYR O 98 -33.57 -15.81 -6.15
C TYR O 98 -33.62 -17.28 -6.51
N CYS O 99 -32.48 -17.80 -6.97
CA CYS O 99 -32.28 -19.23 -7.13
C CYS O 99 -31.62 -19.76 -5.86
N THR O 100 -32.24 -20.76 -5.24
CA THR O 100 -31.80 -21.22 -3.93
C THR O 100 -31.64 -22.73 -3.93
N ARG O 101 -30.63 -23.21 -3.21
CA ARG O 101 -30.42 -24.64 -3.01
C ARG O 101 -31.09 -25.09 -1.71
N GLN O 102 -31.64 -26.29 -1.74
CA GLN O 102 -32.30 -26.88 -0.58
C GLN O 102 -31.41 -27.95 0.03
N THR O 103 -31.12 -27.82 1.32
CA THR O 103 -30.67 -28.92 2.15
C THR O 103 -31.82 -29.27 3.07
N TYR O 104 -32.36 -30.48 2.92
CA TYR O 104 -33.66 -30.83 3.48
C TYR O 104 -34.69 -29.83 2.93
N TRP O 105 -35.14 -28.90 3.78
CA TRP O 105 -36.15 -27.94 3.33
C TRP O 105 -35.83 -26.52 3.79
N TYR O 106 -34.59 -26.24 4.15
CA TYR O 106 -34.11 -24.88 4.36
C TYR O 106 -33.13 -24.52 3.24
N LEU O 107 -33.00 -23.23 2.99
CA LEU O 107 -32.28 -22.71 1.83
C LEU O 107 -30.90 -22.24 2.29
N ASP O 108 -29.87 -23.05 2.00
CA ASP O 108 -28.53 -22.79 2.49
C ASP O 108 -27.62 -22.12 1.46
N VAL O 109 -28.10 -21.90 0.23
CA VAL O 109 -27.35 -21.18 -0.78
C VAL O 109 -28.32 -20.31 -1.56
N TRP O 110 -27.99 -19.03 -1.72
CA TRP O 110 -28.80 -18.09 -2.47
C TRP O 110 -27.93 -17.41 -3.52
N GLY O 111 -28.52 -17.16 -4.69
CA GLY O 111 -27.82 -16.42 -5.74
C GLY O 111 -28.05 -14.92 -5.63
N ALA O 112 -27.33 -14.19 -6.48
CA ALA O 112 -27.47 -12.73 -6.48
C ALA O 112 -28.87 -12.31 -6.91
N GLY O 113 -29.53 -13.11 -7.74
CA GLY O 113 -30.89 -12.85 -8.16
C GLY O 113 -30.95 -12.11 -9.48
N THR O 114 -32.13 -12.20 -10.11
CA THR O 114 -32.41 -11.51 -11.37
C THR O 114 -33.78 -10.85 -11.26
N THR O 115 -33.89 -9.64 -11.81
CA THR O 115 -35.05 -8.80 -11.56
C THR O 115 -36.08 -8.94 -12.67
N VAL O 116 -37.34 -9.14 -12.28
CA VAL O 116 -38.47 -9.13 -13.19
C VAL O 116 -39.33 -7.92 -12.85
N THR O 117 -39.50 -7.02 -13.80
CA THR O 117 -40.29 -5.81 -13.62
C THR O 117 -41.50 -5.87 -14.54
N VAL O 118 -42.69 -5.89 -13.96
CA VAL O 118 -43.94 -5.94 -14.70
C VAL O 118 -44.62 -4.58 -14.60
N SER O 119 -44.82 -3.93 -15.72
CA SER O 119 -45.44 -2.61 -15.75
C SER O 119 -45.83 -2.27 -17.17
N SER O 120 -46.90 -1.48 -17.30
CA SER O 120 -47.41 -1.07 -18.61
C SER O 120 -46.28 -0.66 -19.56
N ASP P 1 25.48 -18.23 31.66
CA ASP P 1 24.42 -17.35 32.22
C ASP P 1 25.03 -16.09 32.81
N VAL P 2 24.22 -15.04 32.98
CA VAL P 2 24.70 -13.80 33.56
C VAL P 2 24.89 -13.99 35.06
N VAL P 3 26.07 -13.61 35.56
CA VAL P 3 26.41 -13.73 36.97
C VAL P 3 26.21 -12.37 37.63
N MET P 4 25.57 -12.37 38.79
CA MET P 4 25.28 -11.15 39.54
C MET P 4 26.04 -11.20 40.85
N SER P 5 27.02 -10.31 41.02
CA SER P 5 27.89 -10.28 42.18
C SER P 5 27.51 -9.09 43.04
N GLN P 6 27.01 -9.35 44.24
CA GLN P 6 26.64 -8.30 45.17
C GLN P 6 27.70 -8.15 46.26
N SER P 7 27.85 -6.92 46.76
CA SER P 7 28.77 -6.64 47.84
C SER P 7 28.16 -5.55 48.69
N PRO P 8 28.34 -5.59 50.02
CA PRO P 8 29.00 -6.67 50.76
C PRO P 8 28.08 -7.87 50.97
N SER P 9 28.64 -9.01 51.37
CA SER P 9 27.81 -10.15 51.73
C SER P 9 26.88 -9.78 52.88
N SER P 10 27.37 -9.05 53.87
CA SER P 10 26.56 -8.62 54.99
C SER P 10 27.29 -7.49 55.72
N LEU P 11 26.52 -6.70 56.46
CA LEU P 11 27.07 -5.68 57.33
C LEU P 11 26.08 -5.39 58.44
N THR P 12 26.60 -4.86 59.54
CA THR P 12 25.78 -4.38 60.65
C THR P 12 26.10 -2.91 60.88
N VAL P 13 25.05 -2.09 60.93
CA VAL P 13 25.19 -0.66 61.14
C VAL P 13 24.19 -0.23 62.20
N SER P 14 24.31 1.02 62.64
CA SER P 14 23.40 1.61 63.61
C SER P 14 22.36 2.48 62.91
N LEU P 15 21.26 2.71 63.60
CA LEU P 15 20.19 3.55 63.08
C LEU P 15 20.75 4.88 62.58
N GLY P 16 20.30 5.30 61.41
CA GLY P 16 20.67 6.58 60.85
C GLY P 16 21.89 6.58 59.96
N GLU P 17 22.67 5.50 59.96
CA GLU P 17 23.87 5.45 59.14
C GLU P 17 23.52 5.33 57.65
N LYS P 18 24.51 5.62 56.82
CA LYS P 18 24.40 5.46 55.39
C LYS P 18 24.87 4.06 55.00
N VAL P 19 24.12 3.42 54.10
CA VAL P 19 24.45 2.08 53.63
C VAL P 19 24.58 2.12 52.11
N THR P 20 25.69 1.58 51.60
CA THR P 20 25.93 1.51 50.16
C THR P 20 26.24 0.07 49.81
N MET P 21 25.42 -0.52 48.94
CA MET P 21 25.60 -1.89 48.48
C MET P 21 25.62 -1.89 46.96
N THR P 22 26.50 -2.71 46.39
CA THR P 22 26.72 -2.74 44.96
C THR P 22 26.28 -4.07 44.37
N CYS P 23 25.92 -4.03 43.08
CA CYS P 23 25.56 -5.22 42.32
C CYS P 23 26.20 -5.11 40.96
N LYS P 24 27.01 -6.11 40.59
CA LYS P 24 27.75 -6.09 39.34
C LYS P 24 27.36 -7.31 38.50
N SER P 25 26.98 -7.05 37.25
CA SER P 25 26.59 -8.11 36.32
C SER P 25 27.75 -8.41 35.39
N SER P 26 27.90 -9.68 35.04
CA SER P 26 28.95 -10.10 34.12
C SER P 26 28.74 -9.55 32.71
N GLN P 27 27.56 -9.05 32.40
CA GLN P 27 27.27 -8.49 31.09
C GLN P 27 26.38 -7.27 31.25
N SER P 28 26.51 -6.35 30.30
CA SER P 28 25.69 -5.14 30.33
C SER P 28 24.21 -5.48 30.28
N LEU P 29 23.43 -4.80 31.10
CA LEU P 29 21.99 -4.97 31.15
C LEU P 29 21.23 -3.85 30.46
N LEU P 30 21.94 -3.02 29.68
CA LEU P 30 21.35 -1.86 29.02
C LEU P 30 21.07 -2.21 27.57
N TYR P 31 19.79 -2.15 27.18
CA TYR P 31 19.40 -2.38 25.79
C TYR P 31 19.33 -1.04 25.06
N SER P 32 20.02 -0.96 23.92
CA SER P 32 20.13 0.31 23.21
C SER P 32 18.80 0.79 22.65
N GLY P 33 17.90 -0.14 22.30
CA GLY P 33 16.67 0.24 21.65
C GLY P 33 15.74 1.06 22.51
N ASN P 34 15.74 0.81 23.82
CA ASN P 34 14.92 1.58 24.75
C ASN P 34 15.73 2.24 25.85
N GLN P 35 17.06 2.06 25.86
CA GLN P 35 17.93 2.76 26.80
C GLN P 35 17.53 2.48 28.25
N LYS P 36 17.08 1.26 28.52
CA LYS P 36 16.66 0.84 29.84
C LYS P 36 17.59 -0.24 30.38
N ASN P 37 17.97 -0.10 31.65
CA ASN P 37 18.75 -1.12 32.34
C ASN P 37 17.79 -2.12 32.97
N TYR P 38 17.89 -3.38 32.57
CA TYR P 38 17.01 -4.43 33.07
C TYR P 38 17.57 -4.98 34.39
N LEU P 39 17.54 -4.11 35.39
CA LEU P 39 18.06 -4.41 36.72
C LEU P 39 16.98 -4.10 37.74
N ALA P 40 16.80 -4.99 38.71
CA ALA P 40 15.82 -4.81 39.77
C ALA P 40 16.45 -5.06 41.12
N TRP P 41 15.90 -4.43 42.15
CA TRP P 41 16.30 -4.64 43.54
C TRP P 41 15.10 -5.15 44.32
N TYR P 42 15.32 -6.19 45.12
CA TYR P 42 14.26 -6.77 45.94
C TYR P 42 14.67 -6.73 47.41
N GLN P 43 13.71 -6.38 48.26
CA GLN P 43 13.92 -6.33 49.71
C GLN P 43 13.15 -7.47 50.35
N GLN P 44 13.84 -8.29 51.13
CA GLN P 44 13.22 -9.39 51.88
C GLN P 44 13.43 -9.16 53.37
N LYS P 45 12.36 -8.78 54.05
CA LYS P 45 12.41 -8.61 55.49
C LYS P 45 12.35 -9.97 56.19
N PRO P 46 12.76 -10.04 57.45
CA PRO P 46 12.75 -11.33 58.15
C PRO P 46 11.35 -11.93 58.19
N GLY P 47 11.27 -13.22 57.86
CA GLY P 47 10.00 -13.92 57.86
C GLY P 47 9.06 -13.54 56.76
N GLN P 48 9.49 -12.72 55.81
CA GLN P 48 8.67 -12.29 54.69
C GLN P 48 9.27 -12.78 53.38
N SER P 49 8.45 -12.74 52.34
CA SER P 49 8.92 -13.03 50.99
C SER P 49 9.59 -11.80 50.39
N PRO P 50 10.43 -11.98 49.37
CA PRO P 50 10.99 -10.82 48.68
C PRO P 50 9.88 -9.91 48.16
N LYS P 51 10.19 -8.61 48.12
CA LYS P 51 9.27 -7.60 47.61
C LYS P 51 10.03 -6.66 46.69
N LEU P 52 9.37 -6.27 45.59
CA LEU P 52 10.00 -5.39 44.61
C LEU P 52 10.29 -4.04 45.24
N LEU P 53 11.57 -3.65 45.21
CA LEU P 53 12.01 -2.37 45.74
C LEU P 53 12.29 -1.36 44.63
N ILE P 54 13.11 -1.72 43.66
CA ILE P 54 13.46 -0.84 42.55
C ILE P 54 13.52 -1.68 41.28
N TYR P 55 13.10 -1.08 40.16
CA TYR P 55 13.16 -1.72 38.85
C TYR P 55 13.59 -0.70 37.82
N TRP P 56 14.08 -1.20 36.69
CA TRP P 56 14.75 -0.37 35.68
C TRP P 56 15.96 0.34 36.28
N ALA P 57 16.54 -0.25 37.33
CA ALA P 57 17.78 0.20 37.94
C ALA P 57 17.58 1.36 38.91
N SER P 58 16.65 2.28 38.62
CA SER P 58 16.51 3.49 39.40
C SER P 58 15.08 3.85 39.79
N THR P 59 14.06 3.20 39.22
CA THR P 59 12.68 3.56 39.49
C THR P 59 12.18 2.86 40.74
N ARG P 60 11.70 3.63 41.70
CA ARG P 60 11.17 3.08 42.95
C ARG P 60 9.75 2.58 42.73
N GLU P 61 9.46 1.41 43.31
CA GLU P 61 8.10 0.89 43.32
C GLU P 61 7.24 1.72 44.27
N SER P 62 5.92 1.66 44.05
CA SER P 62 4.98 2.40 44.88
C SER P 62 5.23 2.14 46.35
N GLY P 63 5.25 3.20 47.14
CA GLY P 63 5.42 3.10 48.57
C GLY P 63 6.86 3.07 49.05
N VAL P 64 7.82 2.92 48.14
CA VAL P 64 9.23 2.86 48.52
C VAL P 64 9.72 4.26 48.86
N PRO P 65 10.25 4.51 50.06
CA PRO P 65 10.66 5.87 50.39
C PRO P 65 11.84 6.34 49.56
N ASP P 66 11.92 7.65 49.35
CA ASP P 66 13.06 8.25 48.67
C ASP P 66 14.36 7.99 49.40
N ARG P 67 14.30 7.55 50.67
CA ARG P 67 15.47 7.06 51.38
C ARG P 67 16.28 6.09 50.53
N PHE P 68 15.59 5.15 49.87
CA PHE P 68 16.25 4.22 48.96
C PHE P 68 16.48 4.88 47.62
N THR P 69 17.65 4.62 47.03
CA THR P 69 17.99 5.17 45.72
C THR P 69 18.78 4.13 44.94
N GLY P 70 18.35 3.86 43.72
CA GLY P 70 19.05 2.95 42.81
C GLY P 70 19.70 3.74 41.68
N SER P 71 20.93 3.38 41.35
CA SER P 71 21.69 4.09 40.34
C SER P 71 22.60 3.10 39.62
N GLY P 72 23.31 3.59 38.62
CA GLY P 72 24.21 2.77 37.83
C GLY P 72 23.65 2.49 36.44
N SER P 73 24.52 1.99 35.58
CA SER P 73 24.17 1.71 34.21
C SER P 73 25.14 0.68 33.65
N GLY P 74 24.63 -0.18 32.77
CA GLY P 74 25.46 -1.20 32.16
C GLY P 74 25.66 -2.41 33.06
N THR P 75 26.82 -2.47 33.72
CA THR P 75 27.17 -3.61 34.56
C THR P 75 27.25 -3.28 36.05
N ASP P 76 27.60 -2.04 36.39
CA ASP P 76 27.84 -1.66 37.78
C ASP P 76 26.64 -0.87 38.29
N PHE P 77 25.93 -1.45 39.26
CA PHE P 77 24.76 -0.82 39.84
C PHE P 77 24.94 -0.67 41.35
N THR P 78 24.18 0.24 41.93
CA THR P 78 24.34 0.62 43.33
C THR P 78 22.98 0.91 43.95
N LEU P 79 22.81 0.49 45.20
CA LEU P 79 21.64 0.82 46.01
C LEU P 79 22.14 1.49 47.28
N ILE P 80 21.54 2.65 47.60
CA ILE P 80 21.95 3.43 48.74
C ILE P 80 20.74 3.70 49.62
N ILE P 81 20.91 3.54 50.93
CA ILE P 81 19.92 3.92 51.91
C ILE P 81 20.51 5.09 52.68
N SER P 82 20.05 6.30 52.35
CA SER P 82 20.66 7.52 52.88
C SER P 82 20.74 7.49 54.39
N SER P 83 19.69 7.04 55.06
CA SER P 83 19.66 6.99 56.52
C SER P 83 18.74 5.84 56.92
N VAL P 84 19.34 4.70 57.26
CA VAL P 84 18.55 3.49 57.51
C VAL P 84 17.64 3.69 58.71
N LYS P 85 16.43 3.16 58.61
CA LYS P 85 15.52 3.01 59.73
C LYS P 85 15.44 1.55 60.13
N ALA P 86 14.83 1.29 61.28
CA ALA P 86 14.76 -0.08 61.78
C ALA P 86 14.08 -1.01 60.79
N GLU P 87 13.03 -0.53 60.12
CA GLU P 87 12.30 -1.36 59.17
C GLU P 87 13.12 -1.79 57.97
N ASP P 88 14.29 -1.18 57.75
CA ASP P 88 15.12 -1.53 56.60
C ASP P 88 15.92 -2.81 56.81
N LEU P 89 15.93 -3.37 58.02
CA LEU P 89 16.62 -4.62 58.28
C LEU P 89 16.06 -5.70 57.36
N ALA P 90 16.88 -6.18 56.43
CA ALA P 90 16.41 -7.13 55.43
C ALA P 90 17.60 -7.60 54.60
N VAL P 91 17.33 -8.51 53.67
CA VAL P 91 18.29 -8.91 52.66
C VAL P 91 17.89 -8.27 51.34
N TYR P 92 18.86 -7.71 50.62
CA TYR P 92 18.62 -6.95 49.41
C TYR P 92 19.21 -7.71 48.23
N TYR P 93 18.34 -8.19 47.35
CA TYR P 93 18.74 -8.96 46.19
C TYR P 93 18.63 -8.11 44.93
N CYS P 94 19.61 -8.24 44.04
CA CYS P 94 19.52 -7.66 42.70
C CYS P 94 19.25 -8.77 41.70
N GLN P 95 18.61 -8.39 40.59
CA GLN P 95 18.21 -9.35 39.58
C GLN P 95 18.32 -8.70 38.20
N GLN P 96 18.91 -9.44 37.26
CA GLN P 96 18.88 -9.05 35.85
C GLN P 96 17.77 -9.83 35.18
N PHE P 97 16.88 -9.12 34.47
CA PHE P 97 15.75 -9.75 33.81
C PHE P 97 15.73 -9.42 32.32
N TYR P 98 16.92 -9.37 31.70
CA TYR P 98 17.04 -9.20 30.26
C TYR P 98 17.41 -10.50 29.56
N PHE P 99 18.38 -11.23 30.10
CA PHE P 99 18.86 -12.46 29.50
C PHE P 99 18.28 -13.66 30.24
N TYR P 100 17.62 -14.55 29.49
CA TYR P 100 17.21 -15.81 30.06
C TYR P 100 18.42 -16.73 30.21
N PRO P 101 18.54 -17.46 31.33
CA PRO P 101 17.63 -17.45 32.48
C PRO P 101 17.85 -16.23 33.37
N TRP P 102 16.77 -15.69 33.92
CA TRP P 102 16.89 -14.56 34.84
C TRP P 102 17.66 -14.99 36.08
N THR P 103 18.62 -14.17 36.50
CA THR P 103 19.53 -14.52 37.57
C THR P 103 19.50 -13.46 38.67
N PHE P 104 19.57 -13.93 39.91
CA PHE P 104 19.64 -13.07 41.08
C PHE P 104 21.07 -13.04 41.62
N GLY P 105 21.35 -11.99 42.40
CA GLY P 105 22.60 -11.94 43.13
C GLY P 105 22.52 -12.67 44.45
N GLY P 106 23.68 -12.80 45.09
CA GLY P 106 23.76 -13.52 46.35
C GLY P 106 23.06 -12.82 47.50
N GLY P 107 22.75 -11.54 47.34
CA GLY P 107 22.10 -10.78 48.38
C GLY P 107 23.07 -10.06 49.30
N THR P 108 22.57 -9.02 49.96
CA THR P 108 23.32 -8.26 50.95
C THR P 108 22.55 -8.29 52.26
N LYS P 109 23.12 -8.93 53.27
CA LYS P 109 22.48 -9.04 54.57
C LYS P 109 22.71 -7.75 55.35
N LEU P 110 21.63 -6.99 55.57
CA LEU P 110 21.70 -5.72 56.29
C LEU P 110 21.11 -5.89 57.68
N GLU P 111 21.97 -5.87 58.70
CA GLU P 111 21.56 -5.88 60.09
C GLU P 111 21.66 -4.48 60.67
N ILE P 112 20.77 -4.17 61.59
CA ILE P 112 20.70 -2.84 62.22
C ILE P 112 20.63 -3.03 63.72
N LYS P 113 21.48 -2.31 64.46
CA LYS P 113 21.45 -2.35 65.90
C LYS P 113 20.06 -2.00 66.41
N GLY P 114 19.57 -2.79 67.37
CA GLY P 114 18.26 -2.58 67.94
C GLY P 114 17.12 -3.30 67.24
N GLY P 115 17.42 -4.16 66.27
CA GLY P 115 16.39 -4.90 65.58
C GLY P 115 15.73 -4.11 64.48
N GLY P 116 14.64 -4.67 63.97
CA GLY P 116 13.89 -4.06 62.89
C GLY P 116 12.44 -3.79 63.24
N GLY P 117 12.19 -3.38 64.48
CA GLY P 117 10.84 -3.07 64.93
C GLY P 117 9.87 -4.23 64.74
#